data_6GY7
#
_entry.id   6GY7
#
_cell.length_a   88.700
_cell.length_b   99.410
_cell.length_c   194.150
_cell.angle_alpha   90.00
_cell.angle_beta   90.00
_cell.angle_gamma   90.00
#
_symmetry.space_group_name_H-M   'P 21 21 21'
#
_entity_poly.entity_id   1
_entity_poly.type   'polypeptide(L)'
_entity_poly.pdbx_seq_one_letter_code
;HHHHHHSSGLEVLFQGPMSDNTLSQKENMYPEINIKAMNQAVNTIWLLAQRQTSGIEIINDKVKRISLYSREFDEMMRDS
LAQLAPVLKQLTSDAAFQTIAQIDEALADPSLSKDDREALTLERNNLIQNLSKHIDNVIVSFTGRTSKLTNKISDISDMV
IAERLQDLVTQTESQKTELQSDIDPKTEKRNKLDADREKIIESQDVIRQNNIADMFKDFIPSAKDIDGLDFTQPKKEAIK
QAIKQGAEIARKILGKVSEGLKYIDLADARMKLSDQIDQLITETDELKAKIREVELRLSGLKDVMQIDTERTTLLTEAVK
IEQVWISFAEQLHKLSNDEINQQDLSNLINGQLDFLNNLTLQYNKLK
;
_entity_poly.pdbx_strand_id   A,B,C,D
#
# COMPACT_ATOMS: atom_id res chain seq x y z
N PRO A 31 49.09 -9.89 -10.83
CA PRO A 31 47.69 -9.65 -10.47
C PRO A 31 47.05 -10.86 -9.79
N GLU A 32 47.12 -10.88 -8.46
CA GLU A 32 46.51 -11.97 -7.70
C GLU A 32 45.00 -12.00 -7.90
N ILE A 33 44.45 -13.21 -8.00
CA ILE A 33 43.01 -13.42 -8.16
C ILE A 33 42.61 -14.56 -7.23
N ASN A 34 41.45 -14.40 -6.58
CA ASN A 34 40.94 -15.41 -5.64
C ASN A 34 39.89 -16.26 -6.33
N ILE A 35 40.28 -17.44 -6.82
CA ILE A 35 39.33 -18.32 -7.48
C ILE A 35 38.41 -18.94 -6.44
N LYS A 36 38.88 -19.08 -5.20
CA LYS A 36 38.05 -19.66 -4.15
C LYS A 36 36.75 -18.89 -4.00
N ALA A 37 36.84 -17.55 -3.91
CA ALA A 37 35.64 -16.74 -3.81
C ALA A 37 34.76 -16.90 -5.02
N MET A 38 35.36 -17.04 -6.21
CA MET A 38 34.58 -17.16 -7.43
C MET A 38 33.75 -18.44 -7.41
N ASN A 39 34.40 -19.58 -7.19
CA ASN A 39 33.70 -20.86 -7.14
C ASN A 39 32.69 -20.90 -5.99
N GLN A 40 33.04 -20.32 -4.84
CA GLN A 40 32.15 -20.34 -3.70
C GLN A 40 30.91 -19.50 -3.97
N ALA A 41 31.08 -18.37 -4.65
CA ALA A 41 29.94 -17.55 -5.08
C ALA A 41 29.07 -18.32 -6.06
N VAL A 42 29.69 -18.99 -7.05
CA VAL A 42 28.90 -19.78 -7.99
C VAL A 42 28.07 -20.82 -7.25
N ASN A 43 28.71 -21.54 -6.32
CA ASN A 43 28.00 -22.59 -5.59
C ASN A 43 26.87 -22.00 -4.75
N THR A 44 27.13 -20.89 -4.06
CA THR A 44 26.09 -20.27 -3.26
C THR A 44 24.93 -19.76 -4.14
N ILE A 45 25.24 -19.25 -5.33
CA ILE A 45 24.18 -18.85 -6.25
C ILE A 45 23.31 -20.05 -6.58
N TRP A 46 23.94 -21.16 -6.93
CA TRP A 46 23.19 -22.38 -7.22
C TRP A 46 22.34 -22.78 -6.02
N LEU A 47 22.94 -22.78 -4.83
CA LEU A 47 22.21 -23.17 -3.63
C LEU A 47 20.98 -22.31 -3.43
N LEU A 48 21.17 -20.99 -3.41
CA LEU A 48 20.05 -20.08 -3.16
C LEU A 48 18.97 -20.23 -4.22
N ALA A 49 19.37 -20.42 -5.48
CA ALA A 49 18.37 -20.69 -6.51
C ALA A 49 17.57 -21.94 -6.15
N GLN A 50 18.25 -22.95 -5.62
CA GLN A 50 17.58 -24.19 -5.26
C GLN A 50 16.62 -23.97 -4.08
N ARG A 51 17.03 -23.14 -3.11
CA ARG A 51 16.28 -22.91 -1.88
C ARG A 51 15.66 -21.53 -1.82
N GLN A 52 15.18 -21.02 -2.96
CA GLN A 52 14.47 -19.74 -2.99
C GLN A 52 12.98 -20.05 -2.93
N THR A 53 12.28 -19.32 -2.06
CA THR A 53 10.89 -19.65 -1.72
C THR A 53 9.88 -18.61 -2.19
N SER A 54 10.27 -17.65 -3.01
CA SER A 54 9.35 -16.59 -3.42
C SER A 54 8.54 -17.07 -4.62
N GLY A 55 7.23 -16.86 -4.55
CA GLY A 55 6.28 -17.46 -5.49
C GLY A 55 6.24 -16.81 -6.86
N ILE A 56 6.96 -15.72 -7.07
CA ILE A 56 6.89 -15.03 -8.36
C ILE A 56 7.49 -15.93 -9.43
N GLU A 57 6.67 -16.25 -10.43
CA GLU A 57 7.11 -17.11 -11.53
C GLU A 57 8.26 -16.47 -12.32
N ILE A 58 8.15 -15.17 -12.62
CA ILE A 58 9.19 -14.50 -13.39
C ILE A 58 10.54 -14.61 -12.69
N ILE A 59 10.57 -14.31 -11.38
CA ILE A 59 11.82 -14.36 -10.63
C ILE A 59 12.35 -15.77 -10.58
N ASN A 60 11.47 -16.76 -10.40
CA ASN A 60 11.89 -18.16 -10.40
C ASN A 60 12.55 -18.53 -11.73
N ASP A 61 11.92 -18.16 -12.84
CA ASP A 61 12.49 -18.47 -14.15
C ASP A 61 13.84 -17.79 -14.33
N LYS A 62 13.92 -16.49 -14.02
CA LYS A 62 15.16 -15.75 -14.17
C LYS A 62 16.26 -16.36 -13.31
N VAL A 63 15.92 -16.74 -12.07
CA VAL A 63 16.91 -17.32 -11.16
C VAL A 63 17.40 -18.65 -11.68
N LYS A 64 16.49 -19.49 -12.19
CA LYS A 64 16.90 -20.76 -12.77
C LYS A 64 17.86 -20.52 -13.92
N ARG A 65 17.54 -19.54 -14.78
CA ARG A 65 18.38 -19.25 -15.94
C ARG A 65 19.77 -18.81 -15.51
N ILE A 66 19.85 -17.92 -14.52
CA ILE A 66 21.15 -17.42 -14.09
C ILE A 66 21.95 -18.52 -13.42
N SER A 67 21.30 -19.38 -12.64
CA SER A 67 22.04 -20.48 -12.00
C SER A 67 22.61 -21.42 -13.06
N LEU A 68 21.82 -21.72 -14.10
CA LEU A 68 22.32 -22.57 -15.18
C LEU A 68 23.49 -21.90 -15.89
N TYR A 69 23.39 -20.61 -16.19
CA TYR A 69 24.51 -19.91 -16.83
C TYR A 69 25.75 -19.96 -15.96
N SER A 70 25.61 -19.76 -14.65
CA SER A 70 26.76 -19.76 -13.77
C SER A 70 27.41 -21.14 -13.69
N ARG A 71 26.61 -22.20 -13.62
CA ARG A 71 27.19 -23.54 -13.58
C ARG A 71 27.88 -23.88 -14.90
N GLU A 72 27.24 -23.55 -16.02
CA GLU A 72 27.90 -23.70 -17.32
C GLU A 72 29.22 -22.95 -17.36
N PHE A 73 29.24 -21.74 -16.81
CA PHE A 73 30.48 -20.95 -16.82
C PHE A 73 31.55 -21.58 -15.95
N ASP A 74 31.19 -22.09 -14.78
CA ASP A 74 32.17 -22.76 -13.94
C ASP A 74 32.81 -23.93 -14.68
N GLU A 75 31.98 -24.81 -15.24
CA GLU A 75 32.51 -25.95 -15.98
C GLU A 75 33.37 -25.51 -17.16
N MET A 76 32.89 -24.51 -17.91
CA MET A 76 33.62 -24.06 -19.09
C MET A 76 34.95 -23.42 -18.71
N MET A 77 34.99 -22.70 -17.58
CA MET A 77 36.25 -22.12 -17.11
C MET A 77 37.24 -23.20 -16.72
N ARG A 78 36.79 -24.20 -15.96
CA ARG A 78 37.65 -25.32 -15.62
C ARG A 78 38.25 -25.93 -16.88
N ASP A 79 37.39 -26.20 -17.87
CA ASP A 79 37.84 -26.81 -19.12
C ASP A 79 38.78 -25.89 -19.88
N SER A 80 38.48 -24.60 -19.93
CA SER A 80 39.32 -23.66 -20.66
C SER A 80 40.72 -23.60 -20.06
N LEU A 81 40.82 -23.55 -18.73
CA LEU A 81 42.14 -23.57 -18.11
C LEU A 81 42.87 -24.86 -18.46
N ALA A 82 42.20 -26.01 -18.32
CA ALA A 82 42.88 -27.27 -18.61
C ALA A 82 43.30 -27.37 -20.07
N GLN A 83 42.55 -26.73 -20.98
CA GLN A 83 42.79 -26.83 -22.41
C GLN A 83 43.79 -25.82 -22.98
N LEU A 84 43.89 -24.64 -22.39
CA LEU A 84 44.68 -23.57 -23.00
C LEU A 84 46.18 -23.80 -22.88
N ALA A 85 46.66 -24.29 -21.75
CA ALA A 85 48.09 -24.44 -21.54
C ALA A 85 48.80 -25.20 -22.66
N PRO A 86 48.28 -26.32 -23.18
CA PRO A 86 48.98 -26.99 -24.29
C PRO A 86 49.17 -26.13 -25.53
N VAL A 87 48.19 -25.30 -25.87
CA VAL A 87 48.28 -24.49 -27.09
C VAL A 87 49.48 -23.55 -27.01
N LEU A 88 49.62 -22.87 -25.87
CA LEU A 88 50.77 -21.98 -25.66
C LEU A 88 52.06 -22.78 -25.53
N LYS A 89 51.99 -23.95 -24.87
CA LYS A 89 53.15 -24.81 -24.71
C LYS A 89 53.76 -25.20 -26.05
N GLN A 90 52.92 -25.39 -27.07
CA GLN A 90 53.44 -25.77 -28.38
C GLN A 90 54.37 -24.70 -28.95
N LEU A 91 54.05 -23.42 -28.72
CA LEU A 91 54.85 -22.35 -29.30
C LEU A 91 56.30 -22.36 -28.83
N THR A 92 56.54 -22.61 -27.54
CA THR A 92 57.92 -22.52 -27.04
C THR A 92 58.81 -23.55 -27.73
N SER A 93 58.34 -24.79 -27.82
CA SER A 93 59.08 -25.86 -28.51
C SER A 93 58.80 -25.84 -30.01
N ASP A 94 58.96 -24.70 -30.66
CA ASP A 94 58.82 -24.64 -32.11
C ASP A 94 60.08 -25.18 -32.78
N ALA A 95 59.89 -26.05 -33.77
CA ALA A 95 61.00 -26.57 -34.56
C ALA A 95 61.80 -25.45 -35.23
N ALA A 96 61.10 -24.56 -35.93
CA ALA A 96 61.74 -23.49 -36.70
C ALA A 96 62.81 -22.66 -35.96
N PHE A 97 62.91 -22.74 -34.63
CA PHE A 97 63.91 -21.91 -33.96
C PHE A 97 65.31 -22.48 -34.07
N GLN A 98 65.49 -23.76 -33.74
CA GLN A 98 66.80 -24.38 -33.91
C GLN A 98 67.18 -24.39 -35.39
N THR A 99 66.20 -24.58 -36.27
CA THR A 99 66.46 -24.53 -37.70
C THR A 99 66.98 -23.15 -38.10
N ILE A 100 66.34 -22.08 -37.62
CA ILE A 100 66.83 -20.73 -37.91
C ILE A 100 68.28 -20.59 -37.46
N ALA A 101 68.57 -21.11 -36.27
CA ALA A 101 69.95 -21.03 -35.76
C ALA A 101 70.91 -21.76 -36.70
N GLN A 102 70.52 -22.94 -37.18
CA GLN A 102 71.37 -23.69 -38.11
C GLN A 102 71.55 -22.95 -39.42
N ILE A 103 70.50 -22.27 -39.88
CA ILE A 103 70.59 -21.47 -41.10
C ILE A 103 71.61 -20.35 -40.92
N ASP A 104 71.55 -19.66 -39.77
CA ASP A 104 72.53 -18.61 -39.51
C ASP A 104 73.94 -19.19 -39.44
N GLU A 105 74.08 -20.35 -38.80
CA GLU A 105 75.38 -21.03 -38.77
C GLU A 105 75.92 -21.24 -40.18
N ALA A 106 75.08 -21.79 -41.07
CA ALA A 106 75.50 -21.99 -42.45
C ALA A 106 75.87 -20.67 -43.10
N LEU A 107 75.09 -19.62 -42.87
CA LEU A 107 75.39 -18.30 -43.41
C LEU A 107 76.67 -17.71 -42.84
N ALA A 108 77.21 -18.28 -41.76
CA ALA A 108 78.48 -17.83 -41.24
C ALA A 108 79.67 -18.29 -42.07
N ASP A 109 79.48 -19.24 -42.98
CA ASP A 109 80.59 -19.74 -43.79
C ASP A 109 80.91 -18.75 -44.92
N PRO A 110 82.17 -18.34 -45.08
CA PRO A 110 82.50 -17.37 -46.13
C PRO A 110 82.55 -17.97 -47.53
N SER A 111 82.97 -19.23 -47.63
CA SER A 111 83.12 -19.90 -48.92
C SER A 111 81.75 -20.40 -49.36
N LEU A 112 80.96 -19.48 -49.92
CA LEU A 112 79.61 -19.79 -50.35
C LEU A 112 79.24 -18.91 -51.53
N SER A 113 78.42 -19.46 -52.42
CA SER A 113 77.95 -18.72 -53.58
C SER A 113 76.82 -17.78 -53.17
N LYS A 114 76.76 -16.63 -53.84
CA LYS A 114 75.67 -15.69 -53.56
C LYS A 114 74.32 -16.31 -53.86
N ASP A 115 74.26 -17.27 -54.78
CA ASP A 115 73.02 -17.99 -55.02
C ASP A 115 72.62 -18.80 -53.78
N ASP A 116 73.54 -19.62 -53.27
CA ASP A 116 73.26 -20.38 -52.05
C ASP A 116 73.03 -19.45 -50.87
N ARG A 117 73.78 -18.36 -50.80
CA ARG A 117 73.60 -17.40 -49.71
C ARG A 117 72.18 -16.84 -49.71
N GLU A 118 71.71 -16.40 -50.88
CA GLU A 118 70.36 -15.86 -50.97
C GLU A 118 69.31 -16.95 -50.74
N ALA A 119 69.61 -18.19 -51.13
CA ALA A 119 68.67 -19.28 -50.86
C ALA A 119 68.50 -19.48 -49.35
N LEU A 120 69.61 -19.54 -48.62
CA LEU A 120 69.52 -19.69 -47.16
C LEU A 120 68.89 -18.46 -46.51
N THR A 121 69.19 -17.27 -47.04
CA THR A 121 68.56 -16.05 -46.54
C THR A 121 67.04 -16.12 -46.70
N LEU A 122 66.58 -16.59 -47.86
CA LEU A 122 65.15 -16.75 -48.09
C LEU A 122 64.56 -17.81 -47.17
N GLU A 123 65.29 -18.90 -46.94
CA GLU A 123 64.80 -19.91 -46.00
C GLU A 123 64.57 -19.30 -44.62
N ARG A 124 65.57 -18.58 -44.11
CA ARG A 124 65.41 -17.90 -42.83
C ARG A 124 64.22 -16.95 -42.82
N ASN A 125 64.13 -16.07 -43.83
CA ASN A 125 63.06 -15.08 -43.83
C ASN A 125 61.69 -15.76 -43.90
N ASN A 126 61.56 -16.76 -44.77
CA ASN A 126 60.33 -17.53 -44.85
C ASN A 126 59.96 -18.14 -43.51
N LEU A 127 60.95 -18.71 -42.81
CA LEU A 127 60.67 -19.33 -41.52
C LEU A 127 60.21 -18.29 -40.51
N ILE A 128 60.77 -17.09 -40.56
CA ILE A 128 60.28 -16.02 -39.69
C ILE A 128 58.82 -15.71 -40.02
N GLN A 129 58.48 -15.69 -41.31
CA GLN A 129 57.11 -15.40 -41.70
C GLN A 129 56.17 -16.50 -41.22
N ASN A 130 56.58 -17.76 -41.36
CA ASN A 130 55.77 -18.86 -40.87
C ASN A 130 55.60 -18.80 -39.36
N LEU A 131 56.67 -18.47 -38.62
CA LEU A 131 56.56 -18.31 -37.18
C LEU A 131 55.54 -17.24 -36.80
N SER A 132 55.59 -16.10 -37.50
CA SER A 132 54.62 -15.05 -37.19
C SER A 132 53.19 -15.49 -37.52
N LYS A 133 53.02 -16.13 -38.68
CA LYS A 133 51.71 -16.66 -39.08
C LYS A 133 51.20 -17.65 -38.04
N HIS A 134 52.06 -18.56 -37.59
CA HIS A 134 51.67 -19.54 -36.58
C HIS A 134 51.29 -18.86 -35.28
N ILE A 135 52.05 -17.84 -34.87
CA ILE A 135 51.72 -17.12 -33.64
C ILE A 135 50.35 -16.48 -33.77
N ASP A 136 50.05 -15.93 -34.95
CA ASP A 136 48.73 -15.33 -35.15
C ASP A 136 47.62 -16.38 -35.12
N ASN A 137 47.87 -17.55 -35.71
CA ASN A 137 46.90 -18.64 -35.63
C ASN A 137 46.66 -19.06 -34.19
N VAL A 138 47.73 -19.14 -33.39
CA VAL A 138 47.59 -19.45 -31.97
C VAL A 138 46.76 -18.38 -31.28
N ILE A 139 47.02 -17.11 -31.60
CA ILE A 139 46.27 -16.03 -30.96
C ILE A 139 44.80 -16.14 -31.32
N VAL A 140 44.49 -16.49 -32.56
CA VAL A 140 43.10 -16.66 -32.97
C VAL A 140 42.44 -17.79 -32.18
N SER A 141 43.10 -18.94 -32.10
CA SER A 141 42.53 -20.07 -31.35
C SER A 141 42.30 -19.71 -29.89
N PHE A 142 43.34 -19.17 -29.24
CA PHE A 142 43.24 -18.74 -27.86
C PHE A 142 42.11 -17.74 -27.66
N THR A 143 42.01 -16.77 -28.56
CA THR A 143 40.98 -15.75 -28.43
C THR A 143 39.60 -16.36 -28.56
N GLY A 144 39.43 -17.32 -29.48
CA GLY A 144 38.14 -18.00 -29.59
C GLY A 144 37.76 -18.73 -28.32
N ARG A 145 38.71 -19.49 -27.76
CA ARG A 145 38.42 -20.22 -26.52
C ARG A 145 38.02 -19.26 -25.41
N THR A 146 38.78 -18.17 -25.27
CA THR A 146 38.46 -17.17 -24.25
C THR A 146 37.14 -16.47 -24.56
N SER A 147 36.85 -16.26 -25.85
CA SER A 147 35.66 -15.54 -26.27
C SER A 147 34.40 -16.29 -25.90
N LYS A 148 34.43 -17.63 -25.97
CA LYS A 148 33.25 -18.37 -25.56
C LYS A 148 32.95 -18.14 -24.08
N LEU A 149 33.98 -18.15 -23.24
CA LEU A 149 33.81 -17.79 -21.84
C LEU A 149 33.30 -16.36 -21.69
N THR A 150 33.84 -15.43 -22.48
CA THR A 150 33.40 -14.04 -22.41
C THR A 150 31.91 -13.93 -22.75
N ASN A 151 31.46 -14.65 -23.77
CA ASN A 151 30.05 -14.62 -24.13
C ASN A 151 29.19 -15.19 -23.02
N LYS A 152 29.66 -16.25 -22.35
CA LYS A 152 28.90 -16.78 -21.21
C LYS A 152 28.85 -15.78 -20.06
N ILE A 153 29.97 -15.11 -19.78
CA ILE A 153 29.98 -14.07 -18.76
C ILE A 153 28.98 -12.97 -19.13
N SER A 154 28.92 -12.63 -20.41
CA SER A 154 27.96 -11.62 -20.87
C SER A 154 26.53 -12.11 -20.67
N ASP A 155 26.27 -13.37 -21.01
CA ASP A 155 24.95 -13.95 -20.78
C ASP A 155 24.56 -13.81 -19.30
N ILE A 156 25.53 -13.98 -18.41
CA ILE A 156 25.26 -13.85 -16.98
C ILE A 156 24.99 -12.39 -16.63
N SER A 157 25.88 -11.49 -17.04
CA SER A 157 25.80 -10.10 -16.62
C SER A 157 24.53 -9.44 -17.16
N ASP A 158 24.20 -9.69 -18.43
CA ASP A 158 23.03 -9.08 -19.03
C ASP A 158 21.76 -9.44 -18.28
N MET A 159 21.71 -10.64 -17.69
CA MET A 159 20.52 -11.09 -17.01
C MET A 159 20.15 -10.17 -15.84
N VAL A 160 18.89 -9.77 -15.81
CA VAL A 160 18.35 -8.93 -14.74
C VAL A 160 17.27 -9.75 -14.05
N ILE A 161 17.40 -9.91 -12.73
CA ILE A 161 16.47 -10.76 -12.01
C ILE A 161 15.11 -10.08 -11.92
N ALA A 162 15.07 -8.84 -11.43
CA ALA A 162 13.82 -8.12 -11.27
C ALA A 162 14.12 -6.64 -11.10
N GLU A 163 13.11 -5.82 -11.39
CA GLU A 163 13.23 -4.37 -11.28
C GLU A 163 12.86 -3.93 -9.87
N ARG A 164 13.72 -3.10 -9.28
CA ARG A 164 13.48 -2.56 -7.94
C ARG A 164 13.00 -3.64 -6.96
N LEU A 165 13.87 -4.60 -6.64
CA LEU A 165 13.52 -5.66 -5.70
C LEU A 165 13.25 -5.10 -4.30
N GLN A 166 14.06 -4.14 -3.86
CA GLN A 166 13.89 -3.57 -2.53
C GLN A 166 12.47 -3.11 -2.30
N ASP A 167 11.80 -2.60 -3.34
CA ASP A 167 10.39 -2.23 -3.21
C ASP A 167 9.52 -3.46 -2.96
N LEU A 168 9.84 -4.58 -3.63
CA LEU A 168 9.10 -5.82 -3.36
C LEU A 168 9.27 -6.26 -1.92
N VAL A 169 10.51 -6.20 -1.41
CA VAL A 169 10.75 -6.56 -0.02
C VAL A 169 9.98 -5.63 0.91
N THR A 170 9.93 -4.34 0.58
CA THR A 170 9.19 -3.38 1.39
C THR A 170 7.71 -3.73 1.42
N GLN A 171 7.14 -4.03 0.25
CA GLN A 171 5.74 -4.44 0.18
C GLN A 171 5.48 -5.68 1.03
N THR A 172 6.36 -6.68 0.92
CA THR A 172 6.16 -7.92 1.66
C THR A 172 6.20 -7.69 3.16
N GLU A 173 7.19 -6.92 3.63
CA GLU A 173 7.29 -6.67 5.07
C GLU A 173 6.11 -5.83 5.56
N SER A 174 5.64 -4.88 4.74
CA SER A 174 4.45 -4.11 5.10
C SER A 174 3.25 -5.04 5.25
N GLN A 175 3.09 -5.98 4.33
CA GLN A 175 1.97 -6.94 4.43
C GLN A 175 2.09 -7.78 5.69
N LYS A 176 3.32 -8.22 6.03
CA LYS A 176 3.53 -8.98 7.26
C LYS A 176 3.11 -8.17 8.48
N THR A 177 3.52 -6.90 8.52
CA THR A 177 3.14 -6.04 9.64
C THR A 177 1.63 -5.88 9.72
N GLU A 178 0.97 -5.70 8.56
CA GLU A 178 -0.48 -5.56 8.56
C GLU A 178 -1.15 -6.82 9.08
N LEU A 179 -0.60 -8.00 8.73
CA LEU A 179 -1.19 -9.25 9.21
C LEU A 179 -1.04 -9.38 10.73
N GLN A 180 0.12 -9.04 11.27
CA GLN A 180 0.28 -9.08 12.73
C GLN A 180 -0.66 -8.11 13.42
N SER A 181 -0.80 -6.90 12.87
CA SER A 181 -1.68 -5.90 13.46
C SER A 181 -3.14 -6.34 13.42
N ASP A 182 -3.52 -7.08 12.37
CA ASP A 182 -4.87 -7.64 12.31
C ASP A 182 -5.04 -8.85 13.22
N ILE A 183 -3.94 -9.53 13.57
CA ILE A 183 -4.02 -10.69 14.45
C ILE A 183 -4.25 -10.27 15.89
N ASP A 184 -3.50 -9.27 16.37
CA ASP A 184 -3.54 -8.95 17.79
C ASP A 184 -4.97 -8.78 18.33
N PRO A 185 -5.87 -8.05 17.67
CA PRO A 185 -7.24 -7.95 18.18
C PRO A 185 -7.92 -9.30 18.28
N LYS A 186 -7.57 -10.25 17.41
CA LYS A 186 -8.15 -11.59 17.52
C LYS A 186 -7.76 -12.24 18.85
N THR A 187 -6.51 -12.07 19.27
CA THR A 187 -6.10 -12.60 20.56
C THR A 187 -6.85 -11.93 21.70
N GLU A 188 -7.00 -10.61 21.62
CA GLU A 188 -7.75 -9.91 22.67
C GLU A 188 -9.19 -10.40 22.75
N LYS A 189 -9.85 -10.52 21.59
CA LYS A 189 -11.23 -11.02 21.56
C LYS A 189 -11.32 -12.46 22.07
N ARG A 190 -10.32 -13.28 21.74
CA ARG A 190 -10.30 -14.64 22.28
C ARG A 190 -10.26 -14.59 23.80
N ASN A 191 -9.46 -13.69 24.36
CA ASN A 191 -9.43 -13.56 25.82
C ASN A 191 -10.79 -13.15 26.37
N LYS A 192 -11.46 -12.19 25.74
CA LYS A 192 -12.76 -11.77 26.25
C LYS A 192 -13.77 -12.92 26.22
N LEU A 193 -13.85 -13.63 25.09
CA LEU A 193 -14.79 -14.74 25.00
C LEU A 193 -14.42 -15.87 25.96
N ASP A 194 -13.12 -16.13 26.16
CA ASP A 194 -12.72 -17.16 27.11
C ASP A 194 -13.11 -16.78 28.53
N ALA A 195 -12.97 -15.49 28.88
CA ALA A 195 -13.44 -15.02 30.19
C ALA A 195 -14.94 -15.24 30.33
N ASP A 196 -15.70 -14.92 29.29
CA ASP A 196 -17.15 -15.15 29.33
C ASP A 196 -17.46 -16.63 29.51
N ARG A 197 -16.73 -17.50 28.80
CA ARG A 197 -16.89 -18.93 28.98
C ARG A 197 -16.58 -19.35 30.41
N GLU A 198 -15.55 -18.75 30.99
CA GLU A 198 -15.19 -19.05 32.38
C GLU A 198 -16.32 -18.71 33.32
N LYS A 199 -16.91 -17.53 33.15
CA LYS A 199 -18.05 -17.14 34.01
C LYS A 199 -19.21 -18.12 33.84
N ILE A 200 -19.54 -18.44 32.59
CA ILE A 200 -20.69 -19.30 32.31
C ILE A 200 -20.48 -20.68 32.94
N ILE A 201 -19.28 -21.24 32.76
CA ILE A 201 -19.02 -22.58 33.28
C ILE A 201 -18.92 -22.56 34.80
N GLU A 202 -18.47 -21.45 35.38
CA GLU A 202 -18.52 -21.29 36.82
C GLU A 202 -19.96 -21.42 37.31
N SER A 203 -20.88 -20.69 36.65
CA SER A 203 -22.29 -20.77 37.03
C SER A 203 -22.81 -22.21 36.90
N GLN A 204 -22.48 -22.88 35.80
CA GLN A 204 -22.97 -24.25 35.60
C GLN A 204 -22.47 -25.19 36.70
N ASP A 205 -21.16 -25.18 36.95
CA ASP A 205 -20.58 -26.09 37.91
C ASP A 205 -21.07 -25.79 39.33
N VAL A 206 -21.23 -24.52 39.68
CA VAL A 206 -21.75 -24.19 41.00
C VAL A 206 -23.21 -24.61 41.12
N ILE A 207 -24.01 -24.42 40.06
CA ILE A 207 -25.39 -24.89 40.11
C ILE A 207 -25.43 -26.36 40.48
N ARG A 208 -24.66 -27.18 39.77
CA ARG A 208 -24.64 -28.60 40.15
C ARG A 208 -24.06 -28.80 41.55
N GLN A 209 -23.09 -27.98 41.95
CA GLN A 209 -22.49 -28.13 43.28
C GLN A 209 -23.56 -28.11 44.36
N ASN A 210 -24.48 -27.14 44.27
CA ASN A 210 -25.56 -27.00 45.23
C ASN A 210 -26.86 -27.60 44.70
N ASN A 211 -26.80 -28.29 43.56
CA ASN A 211 -27.95 -28.99 42.98
C ASN A 211 -29.19 -28.09 42.93
N ILE A 212 -28.96 -26.82 42.60
CA ILE A 212 -30.05 -25.85 42.50
C ILE A 212 -31.06 -26.25 41.44
N ALA A 213 -30.61 -27.00 40.43
CA ALA A 213 -31.50 -27.39 39.34
C ALA A 213 -32.74 -28.10 39.86
N ASP A 214 -32.61 -28.88 40.93
CA ASP A 214 -33.76 -29.61 41.46
C ASP A 214 -34.78 -28.69 42.12
N MET A 215 -34.32 -27.67 42.83
CA MET A 215 -35.26 -26.78 43.51
C MET A 215 -36.10 -25.99 42.50
N PHE A 216 -35.45 -25.30 41.57
CA PHE A 216 -36.12 -24.54 40.51
C PHE A 216 -35.86 -25.21 39.17
N LYS A 217 -36.64 -26.26 38.87
CA LYS A 217 -36.36 -27.06 37.69
C LYS A 217 -36.92 -26.44 36.42
N ASP A 218 -37.92 -25.56 36.54
CA ASP A 218 -38.60 -25.03 35.36
C ASP A 218 -37.84 -23.85 34.79
N PHE A 219 -37.44 -22.92 35.65
CA PHE A 219 -36.81 -21.69 35.22
C PHE A 219 -35.80 -21.25 36.27
N ILE A 220 -34.82 -20.46 35.82
CA ILE A 220 -33.77 -19.99 36.71
C ILE A 220 -34.40 -19.23 37.86
N PRO A 221 -33.97 -19.41 39.11
CA PRO A 221 -34.58 -18.68 40.22
C PRO A 221 -34.26 -17.19 40.15
N SER A 222 -35.28 -16.38 40.38
CA SER A 222 -35.08 -14.94 40.43
C SER A 222 -34.35 -14.57 41.70
N ALA A 223 -33.99 -13.29 41.82
CA ALA A 223 -33.23 -12.84 42.98
C ALA A 223 -33.98 -13.09 44.28
N LYS A 224 -35.26 -12.68 44.34
CA LYS A 224 -36.06 -12.89 45.55
C LYS A 224 -36.18 -14.36 45.90
N ASP A 225 -36.41 -15.21 44.90
CA ASP A 225 -36.65 -16.63 45.17
C ASP A 225 -35.47 -17.27 45.90
N ILE A 226 -34.25 -17.08 45.39
CA ILE A 226 -33.07 -17.64 46.05
C ILE A 226 -32.79 -16.90 47.37
N ASP A 227 -32.94 -15.58 47.36
CA ASP A 227 -32.64 -14.78 48.54
C ASP A 227 -33.45 -15.17 49.77
N GLY A 228 -34.61 -15.79 49.58
CA GLY A 228 -35.47 -16.09 50.72
C GLY A 228 -35.00 -17.20 51.64
N LEU A 229 -34.19 -18.13 51.13
CA LEU A 229 -33.92 -19.35 51.89
C LEU A 229 -32.46 -19.78 51.87
N ASP A 230 -32.02 -20.30 53.01
CA ASP A 230 -30.79 -21.08 53.20
C ASP A 230 -29.48 -20.34 53.35
N PHE A 231 -28.54 -21.08 53.94
CA PHE A 231 -27.15 -20.76 54.28
C PHE A 231 -26.92 -19.33 54.78
N THR A 232 -25.76 -18.74 54.47
CA THR A 232 -25.38 -17.45 55.03
C THR A 232 -25.50 -16.35 53.98
N GLN A 233 -25.70 -15.13 54.47
CA GLN A 233 -25.87 -14.01 53.55
C GLN A 233 -24.65 -13.88 52.64
N PRO A 234 -23.43 -14.11 53.12
CA PRO A 234 -22.29 -14.23 52.17
C PRO A 234 -22.46 -15.38 51.18
N LYS A 235 -22.84 -16.56 51.67
CA LYS A 235 -23.08 -17.69 50.76
C LYS A 235 -24.17 -17.35 49.76
N LYS A 236 -25.29 -16.79 50.26
CA LYS A 236 -26.40 -16.41 49.41
C LYS A 236 -25.96 -15.39 48.35
N GLU A 237 -25.23 -14.36 48.79
CA GLU A 237 -24.83 -13.27 47.91
C GLU A 237 -23.82 -13.74 46.87
N ALA A 238 -22.84 -14.54 47.28
CA ALA A 238 -21.88 -15.10 46.34
C ALA A 238 -22.60 -15.94 45.30
N ILE A 239 -23.51 -16.81 45.74
CA ILE A 239 -24.23 -17.67 44.80
C ILE A 239 -25.04 -16.80 43.85
N LYS A 240 -25.74 -15.80 44.37
CA LYS A 240 -26.57 -14.92 43.54
C LYS A 240 -25.72 -14.20 42.51
N GLN A 241 -24.59 -13.64 42.93
CA GLN A 241 -23.75 -12.92 41.97
C GLN A 241 -23.23 -13.85 40.89
N ALA A 242 -22.79 -15.06 41.26
CA ALA A 242 -22.30 -16.00 40.26
C ALA A 242 -23.40 -16.39 39.27
N ILE A 243 -24.58 -16.75 39.78
CA ILE A 243 -25.66 -17.19 38.90
C ILE A 243 -26.13 -16.04 38.01
N LYS A 244 -26.29 -14.85 38.58
CA LYS A 244 -26.72 -13.71 37.78
C LYS A 244 -25.67 -13.35 36.74
N GLN A 245 -24.39 -13.42 37.10
CA GLN A 245 -23.34 -13.13 36.12
C GLN A 245 -23.45 -14.09 34.95
N GLY A 246 -23.53 -15.39 35.24
CA GLY A 246 -23.68 -16.36 34.17
C GLY A 246 -24.89 -16.09 33.31
N ALA A 247 -26.04 -15.83 33.95
CA ALA A 247 -27.28 -15.60 33.21
C ALA A 247 -27.20 -14.35 32.35
N GLU A 248 -26.65 -13.27 32.90
CA GLU A 248 -26.50 -12.04 32.14
C GLU A 248 -25.64 -12.26 30.91
N ILE A 249 -24.49 -12.91 31.08
CA ILE A 249 -23.63 -13.18 29.93
C ILE A 249 -24.36 -14.03 28.91
N ALA A 250 -25.08 -15.07 29.37
CA ALA A 250 -25.77 -15.96 28.45
C ALA A 250 -26.82 -15.21 27.64
N ARG A 251 -27.62 -14.38 28.31
CA ARG A 251 -28.66 -13.64 27.61
C ARG A 251 -28.07 -12.62 26.65
N LYS A 252 -26.96 -11.99 27.05
CA LYS A 252 -26.30 -11.03 26.16
C LYS A 252 -25.80 -11.73 24.91
N ILE A 253 -25.21 -12.92 25.06
CA ILE A 253 -24.72 -13.66 23.90
C ILE A 253 -25.89 -14.05 23.00
N LEU A 254 -26.97 -14.58 23.59
CA LEU A 254 -28.11 -15.02 22.80
C LEU A 254 -29.02 -13.87 22.37
N GLY A 255 -28.90 -12.71 23.00
CA GLY A 255 -29.71 -11.56 22.67
C GLY A 255 -31.10 -11.54 23.27
N LYS A 256 -31.53 -12.62 23.92
CA LYS A 256 -32.83 -12.61 24.56
C LYS A 256 -32.78 -11.76 25.83
N VAL A 257 -33.95 -11.43 26.36
CA VAL A 257 -34.03 -10.60 27.56
C VAL A 257 -33.93 -11.48 28.80
N SER A 258 -33.72 -10.84 29.95
CA SER A 258 -33.51 -11.57 31.20
C SER A 258 -34.72 -12.42 31.57
N GLU A 259 -35.93 -12.00 31.19
CA GLU A 259 -37.14 -12.66 31.63
C GLU A 259 -37.28 -14.09 31.08
N GLY A 260 -36.46 -14.49 30.12
CA GLY A 260 -36.52 -15.87 29.65
C GLY A 260 -36.24 -16.86 30.77
N LEU A 261 -35.20 -16.58 31.56
CA LEU A 261 -34.87 -17.32 32.78
C LEU A 261 -34.86 -18.84 32.61
N LYS A 262 -34.41 -19.34 31.46
CA LYS A 262 -34.33 -20.78 31.26
C LYS A 262 -32.88 -21.27 31.38
N TYR A 263 -32.70 -22.39 32.07
CA TYR A 263 -31.37 -23.00 32.16
C TYR A 263 -30.85 -23.44 30.80
N ILE A 264 -31.74 -23.99 29.97
CA ILE A 264 -31.34 -24.43 28.64
C ILE A 264 -30.77 -23.29 27.83
N ASP A 265 -31.28 -22.07 28.02
CA ASP A 265 -30.68 -20.93 27.35
C ASP A 265 -29.23 -20.73 27.81
N LEU A 266 -28.98 -20.92 29.11
CA LEU A 266 -27.63 -20.77 29.65
C LEU A 266 -26.67 -21.79 29.03
N ALA A 267 -27.06 -23.06 29.03
CA ALA A 267 -26.18 -24.09 28.45
C ALA A 267 -25.98 -23.87 26.95
N ASP A 268 -27.04 -23.51 26.25
CA ASP A 268 -26.96 -23.28 24.81
C ASP A 268 -25.99 -22.15 24.51
N ALA A 269 -26.14 -21.02 25.21
CA ALA A 269 -25.22 -19.91 25.02
C ALA A 269 -23.78 -20.32 25.31
N ARG A 270 -23.57 -21.10 26.37
CA ARG A 270 -22.20 -21.57 26.68
C ARG A 270 -21.58 -22.26 25.47
N MET A 271 -22.28 -23.28 24.96
CA MET A 271 -21.70 -24.06 23.88
C MET A 271 -21.58 -23.24 22.59
N LYS A 272 -22.56 -22.37 22.31
CA LYS A 272 -22.51 -21.57 21.10
C LYS A 272 -21.34 -20.60 21.12
N LEU A 273 -21.08 -19.96 22.26
CA LEU A 273 -19.93 -19.09 22.37
C LEU A 273 -18.64 -19.89 22.22
N SER A 274 -18.58 -21.10 22.79
CA SER A 274 -17.38 -21.91 22.61
C SER A 274 -17.13 -22.21 21.13
N ASP A 275 -18.19 -22.55 20.39
CA ASP A 275 -18.03 -22.77 18.95
C ASP A 275 -17.60 -21.50 18.23
N GLN A 276 -18.11 -20.34 18.63
CA GLN A 276 -17.62 -19.10 18.05
C GLN A 276 -16.12 -18.93 18.33
N ILE A 277 -15.68 -19.34 19.52
CA ILE A 277 -14.24 -19.30 19.80
C ILE A 277 -13.49 -20.19 18.82
N ASP A 278 -14.07 -21.36 18.51
CA ASP A 278 -13.44 -22.23 17.51
C ASP A 278 -13.42 -21.56 16.13
N GLN A 279 -14.46 -20.81 15.80
CA GLN A 279 -14.44 -20.00 14.57
C GLN A 279 -13.27 -19.03 14.59
N LEU A 280 -13.06 -18.37 15.74
CA LEU A 280 -11.90 -17.48 15.87
C LEU A 280 -10.60 -18.25 15.71
N ILE A 281 -10.54 -19.47 16.22
CA ILE A 281 -9.35 -20.30 16.05
C ILE A 281 -9.11 -20.58 14.57
N THR A 282 -10.17 -20.88 13.83
CA THR A 282 -10.05 -21.10 12.39
C THR A 282 -9.49 -19.86 11.71
N GLU A 283 -10.05 -18.69 12.03
CA GLU A 283 -9.56 -17.45 11.44
C GLU A 283 -8.09 -17.22 11.79
N THR A 284 -7.74 -17.43 13.07
CA THR A 284 -6.37 -17.22 13.51
C THR A 284 -5.41 -18.17 12.80
N ASP A 285 -5.83 -19.43 12.60
CA ASP A 285 -4.98 -20.38 11.90
C ASP A 285 -4.77 -19.95 10.45
N GLU A 286 -5.84 -19.47 9.81
CA GLU A 286 -5.69 -18.97 8.45
C GLU A 286 -4.72 -17.79 8.39
N LEU A 287 -4.84 -16.85 9.34
CA LEU A 287 -3.94 -15.71 9.37
C LEU A 287 -2.51 -16.13 9.65
N LYS A 288 -2.32 -17.12 10.53
CA LYS A 288 -0.99 -17.64 10.79
C LYS A 288 -0.38 -18.28 9.55
N ALA A 289 -1.18 -19.03 8.80
CA ALA A 289 -0.68 -19.63 7.56
C ALA A 289 -0.31 -18.56 6.55
N LYS A 290 -1.13 -17.51 6.43
CA LYS A 290 -0.79 -16.41 5.52
C LYS A 290 0.50 -15.74 5.96
N ILE A 291 0.69 -15.54 7.27
CA ILE A 291 1.94 -14.97 7.75
C ILE A 291 3.11 -15.89 7.42
N ARG A 292 2.90 -17.20 7.52
CA ARG A 292 3.95 -18.15 7.16
C ARG A 292 4.34 -17.98 5.70
N GLU A 293 3.35 -17.93 4.81
CA GLU A 293 3.63 -17.70 3.39
C GLU A 293 4.38 -16.39 3.17
N VAL A 294 3.93 -15.32 3.82
CA VAL A 294 4.56 -14.01 3.60
C VAL A 294 6.01 -14.01 4.09
N GLU A 295 6.26 -14.57 5.27
CA GLU A 295 7.61 -14.63 5.80
C GLU A 295 8.51 -15.50 4.92
N LEU A 296 8.01 -16.66 4.50
CA LEU A 296 8.71 -17.51 3.56
C LEU A 296 9.09 -16.73 2.30
N ARG A 297 8.13 -16.01 1.71
CA ARG A 297 8.41 -15.19 0.55
C ARG A 297 9.53 -14.18 0.82
N LEU A 298 9.42 -13.45 1.92
CA LEU A 298 10.44 -12.45 2.25
C LEU A 298 11.82 -13.11 2.32
N SER A 299 11.91 -14.26 2.99
CA SER A 299 13.14 -15.05 3.00
C SER A 299 13.63 -15.32 1.58
N GLY A 300 12.72 -15.78 0.71
CA GLY A 300 13.09 -16.01 -0.68
C GLY A 300 13.69 -14.78 -1.35
N LEU A 301 13.04 -13.64 -1.18
CA LEU A 301 13.55 -12.39 -1.76
C LEU A 301 14.93 -12.05 -1.23
N LYS A 302 15.13 -12.20 0.08
CA LYS A 302 16.46 -12.01 0.65
C LYS A 302 17.47 -12.93 -0.02
N ASP A 303 17.08 -14.18 -0.24
CA ASP A 303 17.94 -15.12 -0.94
C ASP A 303 18.29 -14.61 -2.33
N VAL A 304 17.31 -14.06 -3.04
CA VAL A 304 17.57 -13.51 -4.38
C VAL A 304 18.55 -12.35 -4.31
N MET A 305 18.40 -11.48 -3.32
CA MET A 305 19.35 -10.38 -3.16
C MET A 305 20.76 -10.92 -2.94
N GLN A 306 20.89 -11.93 -2.08
CA GLN A 306 22.19 -12.55 -1.86
C GLN A 306 22.71 -13.18 -3.15
N ILE A 307 21.82 -13.72 -3.98
CA ILE A 307 22.22 -14.25 -5.28
C ILE A 307 22.84 -13.14 -6.11
N ASP A 308 22.19 -11.98 -6.16
CA ASP A 308 22.73 -10.86 -6.91
C ASP A 308 24.11 -10.45 -6.39
N THR A 309 24.27 -10.42 -5.06
CA THR A 309 25.56 -10.08 -4.48
C THR A 309 26.63 -11.08 -4.89
N GLU A 310 26.35 -12.37 -4.76
CA GLU A 310 27.31 -13.39 -5.16
C GLU A 310 27.61 -13.30 -6.65
N ARG A 311 26.62 -12.92 -7.46
CA ARG A 311 26.87 -12.69 -8.87
C ARG A 311 27.90 -11.60 -9.07
N THR A 312 27.73 -10.50 -8.34
CA THR A 312 28.71 -9.41 -8.42
C THR A 312 30.11 -9.92 -8.06
N THR A 313 30.19 -10.67 -6.95
CA THR A 313 31.48 -11.24 -6.54
C THR A 313 32.10 -12.05 -7.66
N LEU A 314 31.33 -12.98 -8.23
CA LEU A 314 31.81 -13.82 -9.32
C LEU A 314 32.30 -12.98 -10.50
N LEU A 315 31.47 -12.01 -10.92
CA LEU A 315 31.74 -11.24 -12.13
C LEU A 315 33.00 -10.41 -11.97
N THR A 316 33.31 -9.94 -10.76
CA THR A 316 34.55 -9.19 -10.56
C THR A 316 35.76 -10.04 -10.93
N GLU A 317 35.86 -11.23 -10.34
CA GLU A 317 36.98 -12.12 -10.63
C GLU A 317 37.02 -12.48 -12.11
N ALA A 318 35.85 -12.76 -12.70
CA ALA A 318 35.80 -13.10 -14.12
C ALA A 318 36.35 -11.95 -14.97
N VAL A 319 35.99 -10.71 -14.64
CA VAL A 319 36.48 -9.56 -15.39
C VAL A 319 37.98 -9.43 -15.23
N LYS A 320 38.49 -9.68 -14.01
CA LYS A 320 39.93 -9.62 -13.81
C LYS A 320 40.64 -10.60 -14.73
N ILE A 321 40.17 -11.85 -14.77
CA ILE A 321 40.81 -12.86 -15.61
C ILE A 321 40.72 -12.46 -17.08
N GLU A 322 39.57 -11.94 -17.50
CA GLU A 322 39.42 -11.48 -18.88
C GLU A 322 40.44 -10.40 -19.21
N GLN A 323 40.59 -9.41 -18.33
CA GLN A 323 41.55 -8.34 -18.58
C GLN A 323 42.98 -8.89 -18.67
N VAL A 324 43.33 -9.81 -17.78
CA VAL A 324 44.65 -10.45 -17.84
C VAL A 324 44.86 -11.07 -19.22
N TRP A 325 43.88 -11.86 -19.67
CA TRP A 325 44.02 -12.56 -20.95
C TRP A 325 44.09 -11.59 -22.11
N ILE A 326 43.35 -10.48 -22.05
CA ILE A 326 43.38 -9.51 -23.14
C ILE A 326 44.74 -8.82 -23.20
N SER A 327 45.29 -8.44 -22.04
CA SER A 327 46.63 -7.87 -22.03
C SER A 327 47.65 -8.86 -22.58
N PHE A 328 47.52 -10.13 -22.21
CA PHE A 328 48.42 -11.16 -22.74
C PHE A 328 48.32 -11.25 -24.25
N ALA A 329 47.09 -11.30 -24.78
CA ALA A 329 46.91 -11.38 -26.22
C ALA A 329 47.51 -10.17 -26.92
N GLU A 330 47.34 -8.97 -26.35
CA GLU A 330 47.89 -7.78 -26.97
C GLU A 330 49.42 -7.84 -26.99
N GLN A 331 50.04 -8.20 -25.87
CA GLN A 331 51.50 -8.31 -25.84
C GLN A 331 51.99 -9.37 -26.82
N LEU A 332 51.27 -10.49 -26.94
CA LEU A 332 51.68 -11.52 -27.87
C LEU A 332 51.55 -11.04 -29.31
N HIS A 333 50.50 -10.26 -29.59
CA HIS A 333 50.39 -9.63 -30.90
C HIS A 333 51.57 -8.71 -31.16
N LYS A 334 51.97 -7.94 -30.15
CA LYS A 334 53.12 -7.06 -30.30
C LYS A 334 54.36 -7.87 -30.65
N LEU A 335 54.58 -8.99 -29.96
CA LEU A 335 55.76 -9.80 -30.25
C LEU A 335 55.67 -10.43 -31.64
N SER A 336 54.45 -10.75 -32.10
CA SER A 336 54.30 -11.28 -33.45
C SER A 336 54.70 -10.22 -34.46
N ASN A 337 54.31 -8.97 -34.20
CA ASN A 337 54.69 -7.87 -35.08
C ASN A 337 56.20 -7.74 -35.13
N ASP A 338 56.85 -7.82 -33.96
CA ASP A 338 58.30 -7.85 -33.90
C ASP A 338 58.78 -9.23 -34.30
N GLU A 339 60.05 -9.32 -34.69
CA GLU A 339 60.59 -10.60 -35.14
C GLU A 339 61.64 -11.14 -34.18
N ILE A 340 61.82 -12.45 -34.25
CA ILE A 340 62.83 -13.15 -33.46
C ILE A 340 62.60 -12.85 -31.98
N ASN A 341 63.67 -12.50 -31.26
CA ASN A 341 63.59 -12.22 -29.83
C ASN A 341 62.97 -13.42 -29.11
N GLN A 342 63.68 -14.55 -29.21
CA GLN A 342 63.15 -15.81 -28.67
C GLN A 342 63.09 -15.81 -27.15
N GLN A 343 64.06 -15.16 -26.48
CA GLN A 343 64.20 -15.36 -25.04
C GLN A 343 63.13 -14.57 -24.28
N ASP A 344 62.92 -13.30 -24.64
CA ASP A 344 61.86 -12.54 -23.97
C ASP A 344 60.50 -13.13 -24.29
N LEU A 345 60.31 -13.61 -25.52
CA LEU A 345 59.05 -14.27 -25.87
C LEU A 345 58.83 -15.49 -25.01
N SER A 346 59.87 -16.31 -24.83
CA SER A 346 59.77 -17.47 -23.96
C SER A 346 59.41 -17.06 -22.54
N ASN A 347 60.06 -16.01 -22.03
CA ASN A 347 59.72 -15.52 -20.69
C ASN A 347 58.25 -15.15 -20.60
N LEU A 348 57.72 -14.45 -21.62
CA LEU A 348 56.31 -14.08 -21.63
C LEU A 348 55.41 -15.31 -21.59
N ILE A 349 55.62 -16.24 -22.53
CA ILE A 349 54.74 -17.40 -22.63
C ILE A 349 54.83 -18.26 -21.37
N ASN A 350 56.05 -18.46 -20.85
CA ASN A 350 56.20 -19.26 -19.65
C ASN A 350 55.55 -18.58 -18.45
N GLY A 351 55.64 -17.25 -18.35
CA GLY A 351 54.92 -16.55 -17.29
C GLY A 351 53.43 -16.79 -17.37
N GLN A 352 52.87 -16.69 -18.58
CA GLN A 352 51.45 -16.95 -18.75
C GLN A 352 51.09 -18.39 -18.39
N LEU A 353 51.93 -19.35 -18.80
CA LEU A 353 51.69 -20.75 -18.47
C LEU A 353 51.74 -20.98 -16.96
N ASP A 354 52.73 -20.39 -16.29
CA ASP A 354 52.80 -20.48 -14.83
C ASP A 354 51.55 -19.89 -14.20
N PHE A 355 51.05 -18.79 -14.75
CA PHE A 355 49.82 -18.18 -14.23
C PHE A 355 48.64 -19.14 -14.37
N LEU A 356 48.50 -19.73 -15.56
CA LEU A 356 47.42 -20.69 -15.78
C LEU A 356 47.54 -21.87 -14.83
N ASN A 357 48.77 -22.36 -14.63
CA ASN A 357 48.99 -23.47 -13.70
C ASN A 357 48.64 -23.05 -12.27
N ASN A 358 48.92 -21.80 -11.92
CA ASN A 358 48.52 -21.29 -10.60
C ASN A 358 47.02 -21.38 -10.44
N LEU A 359 46.27 -20.91 -11.43
CA LEU A 359 44.82 -20.97 -11.35
C LEU A 359 44.32 -22.41 -11.28
N THR A 360 44.90 -23.29 -12.09
CA THR A 360 44.48 -24.70 -12.05
C THR A 360 44.74 -25.30 -10.67
N LEU A 361 45.89 -24.96 -10.07
CA LEU A 361 46.21 -25.40 -8.71
C LEU A 361 45.19 -24.87 -7.71
N GLN A 362 44.83 -23.60 -7.84
CA GLN A 362 43.84 -23.01 -6.95
C GLN A 362 42.52 -23.75 -7.06
N TYR A 363 42.07 -24.02 -8.29
CA TYR A 363 40.86 -24.80 -8.52
C TYR A 363 40.94 -26.16 -7.84
N ASN A 364 42.05 -26.88 -8.06
CA ASN A 364 42.21 -28.22 -7.52
C ASN A 364 42.23 -28.24 -6.00
N LYS A 365 42.73 -27.16 -5.38
CA LYS A 365 42.84 -27.15 -3.93
C LYS A 365 41.47 -27.27 -3.28
N LEU A 366 40.48 -26.53 -3.78
CA LEU A 366 39.17 -26.48 -3.13
C LEU A 366 38.53 -27.86 -3.09
N LYS A 367 38.71 -28.65 -4.14
CA LYS A 367 38.05 -29.94 -4.29
C LYS A 367 38.27 -30.82 -3.07
N TYR B 30 -11.75 6.13 7.32
CA TYR B 30 -11.78 7.32 6.46
C TYR B 30 -11.14 7.04 5.10
N PRO B 31 -11.45 7.88 4.10
CA PRO B 31 -10.89 7.70 2.75
C PRO B 31 -9.39 7.96 2.66
N GLU B 32 -8.59 6.91 2.56
CA GLU B 32 -7.14 7.09 2.45
C GLU B 32 -6.80 7.93 1.22
N ILE B 33 -5.81 8.80 1.38
CA ILE B 33 -5.35 9.69 0.31
C ILE B 33 -3.83 9.70 0.31
N ASN B 34 -3.25 9.74 -0.88
CA ASN B 34 -1.80 9.79 -1.05
C ASN B 34 -1.42 11.25 -1.32
N ILE B 35 -0.98 11.96 -0.27
CA ILE B 35 -0.61 13.36 -0.42
C ILE B 35 0.69 13.49 -1.20
N LYS B 36 1.57 12.47 -1.13
CA LYS B 36 2.81 12.53 -1.89
C LYS B 36 2.52 12.78 -3.36
N ALA B 37 1.57 12.03 -3.92
CA ALA B 37 1.18 12.23 -5.32
C ALA B 37 0.64 13.64 -5.53
N MET B 38 -0.08 14.18 -4.55
CA MET B 38 -0.67 15.51 -4.68
C MET B 38 0.42 16.59 -4.79
N ASN B 39 1.34 16.61 -3.82
CA ASN B 39 2.43 17.58 -3.85
C ASN B 39 3.33 17.36 -5.07
N GLN B 40 3.58 16.10 -5.44
CA GLN B 40 4.41 15.83 -6.59
C GLN B 40 3.75 16.30 -7.88
N ALA B 41 2.42 16.16 -7.97
CA ALA B 41 1.70 16.67 -9.12
C ALA B 41 1.83 18.18 -9.21
N VAL B 42 1.66 18.87 -8.07
CA VAL B 42 1.79 20.33 -8.07
C VAL B 42 3.19 20.73 -8.56
N ASN B 43 4.22 20.11 -7.98
CA ASN B 43 5.58 20.47 -8.33
C ASN B 43 5.91 20.15 -9.77
N THR B 44 5.49 18.97 -10.25
CA THR B 44 5.73 18.62 -11.65
C THR B 44 5.00 19.57 -12.59
N ILE B 45 3.79 19.99 -12.23
CA ILE B 45 3.08 20.98 -13.02
C ILE B 45 3.89 22.26 -13.12
N TRP B 46 4.38 22.74 -11.97
CA TRP B 46 5.20 23.96 -11.98
C TRP B 46 6.43 23.78 -12.86
N LEU B 47 7.14 22.66 -12.68
CA LEU B 47 8.34 22.40 -13.47
C LEU B 47 8.04 22.44 -14.96
N LEU B 48 7.04 21.65 -15.40
CA LEU B 48 6.69 21.60 -16.81
C LEU B 48 6.29 22.97 -17.34
N ALA B 49 5.54 23.73 -16.55
CA ALA B 49 5.18 25.09 -16.96
C ALA B 49 6.42 25.95 -17.15
N GLN B 50 7.43 25.79 -16.30
CA GLN B 50 8.62 26.62 -16.42
C GLN B 50 9.37 26.34 -17.72
N ARG B 51 9.53 25.06 -18.07
CA ARG B 51 10.22 24.68 -19.30
C ARG B 51 9.24 24.05 -20.29
N GLN B 52 8.14 24.75 -20.58
CA GLN B 52 7.16 24.22 -21.51
C GLN B 52 7.78 23.91 -22.87
N THR B 53 8.43 24.91 -23.48
CA THR B 53 9.08 24.77 -24.79
C THR B 53 8.06 24.51 -25.90
N SER B 54 7.09 25.41 -26.01
CA SER B 54 6.10 25.38 -27.09
C SER B 54 5.81 26.83 -27.41
N GLY B 55 5.87 27.20 -28.69
CA GLY B 55 5.91 28.60 -29.04
C GLY B 55 4.61 29.37 -28.94
N ILE B 56 3.49 28.68 -28.70
CA ILE B 56 2.19 29.35 -28.68
C ILE B 56 2.09 30.25 -27.45
N GLU B 57 1.85 31.55 -27.68
CA GLU B 57 1.74 32.49 -26.57
C GLU B 57 0.55 32.17 -25.67
N ILE B 58 -0.60 31.88 -26.27
CA ILE B 58 -1.81 31.60 -25.49
C ILE B 58 -1.57 30.45 -24.53
N ILE B 59 -0.94 29.38 -25.02
CA ILE B 59 -0.64 28.25 -24.17
C ILE B 59 0.30 28.68 -23.05
N ASN B 60 1.26 29.55 -23.36
CA ASN B 60 2.15 30.06 -22.32
C ASN B 60 1.35 30.74 -21.20
N ASP B 61 0.42 31.62 -21.57
CA ASP B 61 -0.37 32.30 -20.54
C ASP B 61 -1.20 31.32 -19.72
N LYS B 62 -1.94 30.42 -20.39
CA LYS B 62 -2.75 29.46 -19.62
C LYS B 62 -1.88 28.60 -18.72
N VAL B 63 -0.73 28.15 -19.21
CA VAL B 63 0.14 27.26 -18.44
C VAL B 63 0.72 27.99 -17.24
N LYS B 64 1.18 29.22 -17.41
CA LYS B 64 1.65 29.97 -16.25
C LYS B 64 0.54 30.14 -15.24
N ARG B 65 -0.67 30.47 -15.70
CA ARG B 65 -1.77 30.65 -14.77
C ARG B 65 -2.05 29.38 -13.99
N ILE B 66 -2.06 28.23 -14.68
CA ILE B 66 -2.38 26.98 -13.98
C ILE B 66 -1.27 26.61 -12.99
N SER B 67 -0.01 26.80 -13.37
CA SER B 67 1.07 26.49 -12.44
C SER B 67 1.01 27.38 -11.21
N LEU B 68 0.73 28.66 -11.41
CA LEU B 68 0.61 29.58 -10.28
C LEU B 68 -0.56 29.20 -9.39
N TYR B 69 -1.71 28.88 -9.98
CA TYR B 69 -2.85 28.44 -9.19
C TYR B 69 -2.52 27.19 -8.40
N SER B 70 -1.80 26.24 -9.00
CA SER B 70 -1.46 25.01 -8.30
C SER B 70 -0.55 25.28 -7.12
N ARG B 71 0.46 26.14 -7.29
CA ARG B 71 1.35 26.45 -6.19
C ARG B 71 0.64 27.23 -5.09
N GLU B 72 -0.18 28.22 -5.49
CA GLU B 72 -1.01 28.93 -4.52
C GLU B 72 -1.89 27.97 -3.74
N PHE B 73 -2.43 26.96 -4.42
CA PHE B 73 -3.27 25.97 -3.75
C PHE B 73 -2.47 25.15 -2.76
N ASP B 74 -1.24 24.76 -3.14
CA ASP B 74 -0.38 24.04 -2.19
C ASP B 74 -0.18 24.87 -0.93
N GLU B 75 0.21 26.15 -1.11
CA GLU B 75 0.40 27.03 0.03
C GLU B 75 -0.88 27.15 0.84
N MET B 76 -2.04 27.28 0.16
CA MET B 76 -3.30 27.44 0.85
C MET B 76 -3.65 26.19 1.67
N MET B 77 -3.37 25.01 1.13
CA MET B 77 -3.64 23.78 1.87
C MET B 77 -2.75 23.69 3.10
N ARG B 78 -1.44 23.92 2.92
CA ARG B 78 -0.54 23.93 4.06
C ARG B 78 -1.02 24.89 5.15
N ASP B 79 -1.34 26.14 4.76
CA ASP B 79 -1.74 27.14 5.74
C ASP B 79 -3.06 26.78 6.42
N SER B 80 -4.05 26.31 5.64
CA SER B 80 -5.33 25.95 6.22
C SER B 80 -5.19 24.82 7.20
N LEU B 81 -4.44 23.78 6.84
CA LEU B 81 -4.20 22.69 7.78
C LEU B 81 -3.47 23.18 9.02
N ALA B 82 -2.41 23.97 8.83
CA ALA B 82 -1.62 24.45 9.95
C ALA B 82 -2.46 25.28 10.91
N GLN B 83 -3.48 25.97 10.42
CA GLN B 83 -4.32 26.75 11.32
C GLN B 83 -5.47 25.92 11.89
N LEU B 84 -6.01 24.95 11.16
CA LEU B 84 -7.15 24.18 11.67
C LEU B 84 -6.73 23.15 12.70
N ALA B 85 -5.64 22.41 12.46
CA ALA B 85 -5.23 21.42 13.45
C ALA B 85 -5.06 22.05 14.83
N PRO B 86 -4.39 23.19 14.97
CA PRO B 86 -4.39 23.87 16.27
C PRO B 86 -5.77 24.26 16.74
N VAL B 87 -6.68 24.68 15.86
CA VAL B 87 -8.03 25.07 16.29
C VAL B 87 -8.78 23.87 16.87
N LEU B 88 -8.74 22.73 16.19
CA LEU B 88 -9.43 21.55 16.72
C LEU B 88 -8.78 21.08 18.01
N LYS B 89 -7.45 21.04 18.05
CA LYS B 89 -6.77 20.70 19.29
C LYS B 89 -7.10 21.73 20.37
N GLN B 90 -7.29 22.99 19.98
CA GLN B 90 -7.65 24.04 20.93
C GLN B 90 -9.03 23.80 21.52
N LEU B 91 -9.97 23.33 20.70
CA LEU B 91 -11.27 22.97 21.26
C LEU B 91 -11.10 21.82 22.24
N THR B 92 -10.26 20.85 21.90
CA THR B 92 -10.04 19.73 22.81
C THR B 92 -9.41 20.20 24.12
N SER B 93 -8.45 21.14 24.03
CA SER B 93 -7.80 21.68 25.21
C SER B 93 -8.63 22.74 25.89
N ASP B 94 -9.80 23.08 25.33
CA ASP B 94 -10.81 23.83 26.07
C ASP B 94 -11.49 22.88 27.02
N ALA B 95 -11.49 21.60 26.66
CA ALA B 95 -11.87 20.47 27.51
C ALA B 95 -13.20 20.81 28.19
N ALA B 96 -13.29 20.76 29.52
CA ALA B 96 -14.54 21.00 30.22
C ALA B 96 -15.59 19.95 29.90
N PHE B 97 -15.23 18.95 29.07
CA PHE B 97 -16.14 17.88 28.73
C PHE B 97 -16.26 16.89 29.89
N GLN B 98 -15.14 16.58 30.53
CA GLN B 98 -15.13 15.69 31.69
C GLN B 98 -16.06 16.23 32.78
N THR B 99 -16.09 17.54 32.99
CA THR B 99 -17.00 18.12 33.98
C THR B 99 -18.46 17.81 33.61
N ILE B 100 -18.83 18.06 32.36
CA ILE B 100 -20.17 17.73 31.88
C ILE B 100 -20.45 16.24 32.06
N ALA B 101 -19.48 15.40 31.71
CA ALA B 101 -19.66 13.95 31.86
C ALA B 101 -19.91 13.58 33.32
N GLN B 102 -19.21 14.25 34.24
CA GLN B 102 -19.42 14.00 35.66
C GLN B 102 -20.80 14.46 36.11
N ILE B 103 -21.28 15.58 35.58
CA ILE B 103 -22.65 16.00 35.89
C ILE B 103 -23.64 14.93 35.46
N ASP B 104 -23.51 14.47 34.21
CA ASP B 104 -24.44 13.46 33.69
C ASP B 104 -24.35 12.17 34.48
N GLU B 105 -23.14 11.78 34.90
CA GLU B 105 -22.98 10.57 35.72
C GLU B 105 -23.64 10.75 37.08
N ALA B 106 -23.44 11.90 37.70
CA ALA B 106 -23.91 12.12 39.07
C ALA B 106 -25.42 12.25 39.14
N LEU B 107 -26.05 12.75 38.07
CA LEU B 107 -27.50 12.93 38.11
C LEU B 107 -28.21 11.60 38.35
N ALA B 108 -27.67 10.50 37.83
CA ALA B 108 -28.34 9.21 37.97
C ALA B 108 -28.48 8.80 39.44
N ASP B 109 -27.62 9.31 40.32
CA ASP B 109 -27.64 8.97 41.74
C ASP B 109 -28.98 9.34 42.35
N PRO B 110 -29.25 8.95 43.63
CA PRO B 110 -30.57 9.18 44.23
C PRO B 110 -31.17 10.56 43.95
N SER B 111 -32.51 10.62 44.01
CA SER B 111 -33.21 11.83 43.61
C SER B 111 -32.94 13.00 44.54
N LEU B 112 -32.68 12.72 45.82
CA LEU B 112 -32.30 13.80 46.75
C LEU B 112 -30.99 14.45 46.32
N SER B 113 -29.93 13.65 46.21
CA SER B 113 -28.62 14.17 45.83
C SER B 113 -28.67 14.85 44.45
N LYS B 114 -29.56 14.39 43.57
CA LYS B 114 -29.62 14.95 42.22
C LYS B 114 -30.45 16.24 42.18
N ASP B 115 -31.51 16.33 42.97
CA ASP B 115 -32.26 17.57 43.04
C ASP B 115 -31.45 18.65 43.74
N ASP B 116 -30.47 18.26 44.57
CA ASP B 116 -29.49 19.25 45.01
C ASP B 116 -28.77 19.87 43.82
N ARG B 117 -28.41 19.06 42.82
CA ARG B 117 -27.66 19.55 41.66
C ARG B 117 -28.54 20.30 40.67
N GLU B 118 -29.83 19.99 40.66
CA GLU B 118 -30.75 20.62 39.71
C GLU B 118 -30.65 22.15 39.72
N ALA B 119 -30.19 22.74 40.82
CA ALA B 119 -29.95 24.18 40.84
C ALA B 119 -28.72 24.54 40.03
N LEU B 120 -27.66 23.73 40.12
CA LEU B 120 -26.43 24.01 39.39
C LEU B 120 -26.60 23.84 37.89
N THR B 121 -27.37 22.83 37.48
CA THR B 121 -27.46 22.47 36.06
C THR B 121 -27.69 23.69 35.14
N LEU B 122 -28.33 24.74 35.68
CA LEU B 122 -28.56 25.93 34.87
C LEU B 122 -27.25 26.61 34.50
N GLU B 123 -26.26 26.59 35.39
CA GLU B 123 -24.93 27.11 35.04
C GLU B 123 -24.29 26.26 33.96
N ARG B 124 -24.51 24.94 34.00
CA ARG B 124 -24.02 24.08 32.94
C ARG B 124 -24.52 24.58 31.59
N ASN B 125 -25.83 24.80 31.49
CA ASN B 125 -26.40 25.24 30.22
C ASN B 125 -25.89 26.63 29.83
N ASN B 126 -25.79 27.54 30.81
CA ASN B 126 -25.25 28.87 30.54
C ASN B 126 -23.85 28.77 29.92
N LEU B 127 -22.99 27.93 30.50
CA LEU B 127 -21.66 27.72 29.95
C LEU B 127 -21.74 27.11 28.56
N ILE B 128 -22.70 26.21 28.35
CA ILE B 128 -22.89 25.60 27.04
C ILE B 128 -23.10 26.68 25.99
N GLN B 129 -23.79 27.76 26.35
CA GLN B 129 -24.02 28.82 25.34
C GLN B 129 -22.70 29.50 24.92
N ASN B 130 -21.82 29.81 25.88
CA ASN B 130 -20.52 30.39 25.50
C ASN B 130 -19.70 29.40 24.68
N LEU B 131 -19.69 28.13 25.09
CA LEU B 131 -19.04 27.10 24.28
C LEU B 131 -19.65 27.05 22.88
N SER B 132 -20.96 27.26 22.79
CA SER B 132 -21.61 27.30 21.49
C SER B 132 -21.03 28.43 20.65
N LYS B 133 -20.79 29.60 21.27
CA LYS B 133 -20.09 30.67 20.57
C LYS B 133 -18.72 30.18 20.06
N HIS B 134 -17.97 29.50 20.92
CA HIS B 134 -16.63 29.05 20.52
C HIS B 134 -16.69 28.09 19.33
N ILE B 135 -17.56 27.08 19.40
CA ILE B 135 -17.70 26.14 18.29
C ILE B 135 -18.27 26.84 17.06
N ASP B 136 -19.08 27.88 17.26
CA ASP B 136 -19.57 28.65 16.13
C ASP B 136 -18.42 29.33 15.40
N ASN B 137 -17.46 29.87 16.16
CA ASN B 137 -16.25 30.38 15.54
C ASN B 137 -15.49 29.24 14.84
N VAL B 138 -15.50 28.04 15.42
CA VAL B 138 -14.86 26.90 14.77
C VAL B 138 -15.47 26.67 13.39
N ILE B 139 -16.81 26.66 13.31
CA ILE B 139 -17.44 26.48 12.00
C ILE B 139 -17.17 27.68 11.10
N VAL B 140 -17.06 28.88 11.66
CA VAL B 140 -16.73 30.04 10.85
C VAL B 140 -15.38 29.84 10.16
N SER B 141 -14.38 29.41 10.93
CA SER B 141 -13.07 29.15 10.36
C SER B 141 -13.14 28.05 9.32
N PHE B 142 -13.74 26.91 9.68
CA PHE B 142 -13.84 25.80 8.75
C PHE B 142 -14.57 26.20 7.47
N THR B 143 -15.66 26.96 7.60
CA THR B 143 -16.44 27.36 6.44
C THR B 143 -15.64 28.28 5.55
N GLY B 144 -14.92 29.23 6.13
CA GLY B 144 -14.09 30.10 5.32
C GLY B 144 -13.02 29.34 4.56
N ARG B 145 -12.28 28.48 5.27
CA ARG B 145 -11.20 27.74 4.63
C ARG B 145 -11.73 26.78 3.56
N THR B 146 -12.79 26.03 3.88
CA THR B 146 -13.34 25.09 2.92
C THR B 146 -13.94 25.82 1.71
N SER B 147 -14.61 26.94 1.92
CA SER B 147 -15.21 27.67 0.81
C SER B 147 -14.13 28.25 -0.09
N LYS B 148 -13.07 28.81 0.49
CA LYS B 148 -11.98 29.31 -0.33
C LYS B 148 -11.26 28.16 -1.05
N LEU B 149 -11.11 27.02 -0.38
CA LEU B 149 -10.52 25.85 -1.01
C LEU B 149 -11.34 25.43 -2.23
N THR B 150 -12.66 25.40 -2.09
CA THR B 150 -13.52 25.07 -3.23
C THR B 150 -13.43 26.12 -4.33
N ASN B 151 -13.39 27.40 -3.95
CA ASN B 151 -13.29 28.46 -4.96
C ASN B 151 -12.00 28.36 -5.74
N LYS B 152 -10.89 28.05 -5.07
CA LYS B 152 -9.63 27.89 -5.79
C LYS B 152 -9.65 26.62 -6.63
N ILE B 153 -10.28 25.54 -6.13
CA ILE B 153 -10.46 24.36 -6.97
C ILE B 153 -11.21 24.71 -8.24
N SER B 154 -12.21 25.57 -8.13
CA SER B 154 -12.94 26.02 -9.31
C SER B 154 -12.02 26.81 -10.23
N ASP B 155 -11.22 27.70 -9.65
CA ASP B 155 -10.24 28.46 -10.44
C ASP B 155 -9.32 27.51 -11.22
N ILE B 156 -8.88 26.42 -10.58
CA ILE B 156 -7.97 25.49 -11.23
C ILE B 156 -8.68 24.69 -12.31
N SER B 157 -9.77 24.01 -11.93
CA SER B 157 -10.42 23.08 -12.86
C SER B 157 -11.01 23.83 -14.05
N ASP B 158 -11.68 24.96 -13.78
CA ASP B 158 -12.31 25.73 -14.85
C ASP B 158 -11.29 26.14 -15.91
N MET B 159 -10.06 26.44 -15.49
CA MET B 159 -9.05 26.88 -16.45
C MET B 159 -8.81 25.81 -17.50
N VAL B 160 -8.87 26.21 -18.76
CA VAL B 160 -8.69 25.30 -19.88
C VAL B 160 -7.45 25.74 -20.65
N ILE B 161 -6.50 24.82 -20.83
CA ILE B 161 -5.28 25.14 -21.57
C ILE B 161 -5.57 25.28 -23.06
N ALA B 162 -6.32 24.35 -23.63
CA ALA B 162 -6.58 24.34 -25.06
C ALA B 162 -7.86 23.55 -25.31
N GLU B 163 -8.43 23.77 -26.49
CA GLU B 163 -9.71 23.16 -26.83
C GLU B 163 -9.52 21.74 -27.37
N ARG B 164 -8.55 21.55 -28.26
CA ARG B 164 -8.26 20.26 -28.85
C ARG B 164 -6.74 20.12 -28.98
N LEU B 165 -6.08 19.95 -27.84
CA LEU B 165 -4.62 19.84 -27.84
C LEU B 165 -4.15 18.71 -28.73
N GLN B 166 -4.81 17.55 -28.67
CA GLN B 166 -4.43 16.44 -29.53
C GLN B 166 -4.47 16.83 -31.00
N ASP B 167 -5.41 17.68 -31.39
CA ASP B 167 -5.44 18.14 -32.78
C ASP B 167 -4.21 18.96 -33.11
N LEU B 168 -3.75 19.79 -32.17
CA LEU B 168 -2.52 20.55 -32.37
C LEU B 168 -1.33 19.60 -32.54
N VAL B 169 -1.25 18.57 -31.70
CA VAL B 169 -0.17 17.59 -31.81
C VAL B 169 -0.24 16.90 -33.18
N THR B 170 -1.44 16.58 -33.64
CA THR B 170 -1.59 15.94 -34.94
C THR B 170 -1.08 16.85 -36.05
N GLN B 171 -1.46 18.14 -36.01
CA GLN B 171 -0.97 19.08 -37.00
C GLN B 171 0.56 19.14 -37.00
N THR B 172 1.16 19.19 -35.81
CA THR B 172 2.62 19.27 -35.72
C THR B 172 3.27 18.02 -36.30
N GLU B 173 2.75 16.83 -35.97
CA GLU B 173 3.31 15.60 -36.49
C GLU B 173 3.14 15.52 -38.00
N SER B 174 2.01 16.00 -38.52
CA SER B 174 1.82 16.04 -39.96
C SER B 174 2.85 16.94 -40.63
N GLN B 175 3.13 18.11 -40.03
CA GLN B 175 4.15 18.99 -40.60
C GLN B 175 5.52 18.32 -40.58
N LYS B 176 5.85 17.63 -39.49
CA LYS B 176 7.12 16.91 -39.43
C LYS B 176 7.22 15.87 -40.54
N THR B 177 6.15 15.10 -40.73
CA THR B 177 6.14 14.09 -41.78
C THR B 177 6.31 14.71 -43.16
N GLU B 178 5.62 15.82 -43.41
CA GLU B 178 5.75 16.50 -44.70
C GLU B 178 7.18 16.99 -44.92
N LEU B 179 7.82 17.49 -43.86
CA LEU B 179 9.20 17.94 -44.00
C LEU B 179 10.14 16.79 -44.33
N GLN B 180 9.95 15.64 -43.66
CA GLN B 180 10.76 14.46 -44.00
C GLN B 180 10.52 14.03 -45.45
N SER B 181 9.25 14.03 -45.88
CA SER B 181 8.92 13.62 -47.24
C SER B 181 9.49 14.58 -48.28
N ASP B 182 9.58 15.87 -47.95
CA ASP B 182 10.22 16.82 -48.84
C ASP B 182 11.73 16.72 -48.80
N ILE B 183 12.30 16.22 -47.70
CA ILE B 183 13.76 16.08 -47.62
C ILE B 183 14.22 14.89 -48.46
N ASP B 184 13.55 13.75 -48.32
CA ASP B 184 14.04 12.52 -48.95
C ASP B 184 14.34 12.67 -50.45
N PRO B 185 13.45 13.24 -51.27
CA PRO B 185 13.77 13.38 -52.69
C PRO B 185 15.00 14.22 -52.96
N LYS B 186 15.25 15.25 -52.14
CA LYS B 186 16.45 16.05 -52.33
C LYS B 186 17.70 15.21 -52.09
N THR B 187 17.68 14.35 -51.09
CA THR B 187 18.82 13.48 -50.83
C THR B 187 19.02 12.51 -52.00
N GLU B 188 17.91 11.96 -52.51
CA GLU B 188 18.01 11.06 -53.66
C GLU B 188 18.62 11.76 -54.86
N LYS B 189 18.14 12.97 -55.16
CA LYS B 189 18.68 13.74 -56.28
C LYS B 189 20.15 14.06 -56.06
N ARG B 190 20.52 14.38 -54.81
CA ARG B 190 21.93 14.63 -54.51
C ARG B 190 22.78 13.40 -54.78
N ASN B 191 22.28 12.22 -54.40
CA ASN B 191 23.04 10.99 -54.66
C ASN B 191 23.22 10.76 -56.14
N LYS B 192 22.17 10.96 -56.93
CA LYS B 192 22.29 10.81 -58.37
C LYS B 192 23.31 11.80 -58.94
N LEU B 193 23.24 13.06 -58.49
CA LEU B 193 24.19 14.06 -58.98
C LEU B 193 25.62 13.70 -58.58
N ASP B 194 25.80 13.14 -57.39
CA ASP B 194 27.11 12.69 -56.97
C ASP B 194 27.61 11.56 -57.85
N ALA B 195 26.72 10.65 -58.26
CA ALA B 195 27.10 9.60 -59.20
C ALA B 195 27.57 10.19 -60.52
N ASP B 196 26.84 11.17 -61.04
CA ASP B 196 27.25 11.82 -62.29
C ASP B 196 28.60 12.52 -62.14
N ARG B 197 28.79 13.22 -61.02
CA ARG B 197 30.09 13.84 -60.74
C ARG B 197 31.19 12.80 -60.66
N GLU B 198 30.88 11.64 -60.08
CA GLU B 198 31.84 10.54 -60.04
C GLU B 198 32.23 10.12 -61.45
N LYS B 199 31.24 10.03 -62.34
CA LYS B 199 31.52 9.67 -63.73
C LYS B 199 32.47 10.68 -64.37
N ILE B 200 32.16 11.97 -64.20
CA ILE B 200 32.98 13.02 -64.78
C ILE B 200 34.40 12.96 -64.24
N ILE B 201 34.55 12.78 -62.91
CA ILE B 201 35.88 12.78 -62.33
C ILE B 201 36.65 11.53 -62.72
N GLU B 202 35.96 10.41 -62.95
CA GLU B 202 36.63 9.24 -63.51
C GLU B 202 37.22 9.56 -64.87
N SER B 203 36.42 10.20 -65.74
CA SER B 203 36.96 10.58 -67.05
C SER B 203 38.16 11.52 -66.90
N GLN B 204 38.04 12.52 -66.01
CA GLN B 204 39.14 13.46 -65.77
C GLN B 204 40.39 12.73 -65.28
N ASP B 205 40.21 11.82 -64.31
CA ASP B 205 41.34 11.09 -63.77
C ASP B 205 42.00 10.24 -64.84
N VAL B 206 41.20 9.69 -65.75
CA VAL B 206 41.79 8.91 -66.85
C VAL B 206 42.63 9.82 -67.74
N ILE B 207 42.10 10.99 -68.10
CA ILE B 207 42.86 11.94 -68.90
C ILE B 207 44.17 12.30 -68.22
N ARG B 208 44.10 12.68 -66.93
CA ARG B 208 45.30 13.07 -66.19
C ARG B 208 46.28 11.90 -66.09
N GLN B 209 45.76 10.70 -65.83
CA GLN B 209 46.58 9.51 -65.71
C GLN B 209 47.37 9.24 -66.98
N ASN B 210 46.71 9.38 -68.14
CA ASN B 210 47.35 9.12 -69.43
C ASN B 210 47.85 10.36 -70.14
N ASN B 211 47.83 11.53 -69.49
CA ASN B 211 48.38 12.76 -70.07
C ASN B 211 47.82 13.03 -71.46
N ILE B 212 46.56 12.69 -71.70
CA ILE B 212 45.95 13.00 -72.99
C ILE B 212 45.86 14.50 -73.21
N ALA B 213 45.71 15.28 -72.14
CA ALA B 213 45.57 16.73 -72.28
C ALA B 213 46.73 17.34 -73.06
N ASP B 214 47.96 16.85 -72.84
CA ASP B 214 49.11 17.37 -73.58
C ASP B 214 49.09 16.89 -75.02
N MET B 215 48.69 15.65 -75.26
CA MET B 215 48.69 15.10 -76.61
C MET B 215 47.71 15.85 -77.51
N PHE B 216 46.48 16.03 -77.04
CA PHE B 216 45.44 16.76 -77.76
C PHE B 216 45.22 18.08 -77.06
N LYS B 217 45.21 19.18 -77.84
CA LYS B 217 45.38 20.51 -77.25
C LYS B 217 44.13 20.97 -76.50
N ASP B 218 42.95 20.86 -77.11
CA ASP B 218 41.76 21.43 -76.49
C ASP B 218 40.51 20.57 -76.58
N PHE B 219 40.23 20.00 -77.75
CA PHE B 219 38.95 19.33 -77.97
C PHE B 219 39.07 17.85 -77.65
N ILE B 220 37.94 17.27 -77.23
CA ILE B 220 37.96 15.87 -76.81
C ILE B 220 38.35 15.00 -78.00
N PRO B 221 39.21 14.01 -77.84
CA PRO B 221 39.54 13.14 -78.97
C PRO B 221 38.35 12.25 -79.32
N SER B 222 38.06 12.17 -80.61
CA SER B 222 37.01 11.28 -81.07
C SER B 222 37.50 9.84 -80.99
N ALA B 223 36.62 8.90 -81.32
CA ALA B 223 36.98 7.48 -81.27
C ALA B 223 38.19 7.20 -82.15
N LYS B 224 38.16 7.69 -83.39
CA LYS B 224 39.28 7.49 -84.30
C LYS B 224 40.57 8.05 -83.73
N ASP B 225 40.51 9.25 -83.13
CA ASP B 225 41.70 9.85 -82.56
C ASP B 225 42.32 8.94 -81.51
N ILE B 226 41.49 8.36 -80.65
CA ILE B 226 41.99 7.45 -79.62
C ILE B 226 42.56 6.19 -80.28
N ASP B 227 41.90 5.70 -81.33
CA ASP B 227 42.38 4.50 -81.99
C ASP B 227 43.78 4.68 -82.55
N GLY B 228 44.14 5.89 -82.95
CA GLY B 228 45.46 6.15 -83.49
C GLY B 228 46.57 6.26 -82.45
N LEU B 229 46.38 5.65 -81.29
CA LEU B 229 47.30 5.80 -80.18
C LEU B 229 48.10 4.51 -80.04
N ASP B 230 49.39 4.63 -79.71
CA ASP B 230 50.26 3.47 -79.55
C ASP B 230 50.04 2.68 -78.26
N PHE B 231 48.98 2.93 -77.49
CA PHE B 231 48.80 2.15 -76.28
C PHE B 231 47.92 0.93 -76.57
N THR B 232 47.90 0.00 -75.62
CA THR B 232 47.23 -1.26 -75.85
C THR B 232 45.72 -1.07 -76.00
N GLN B 233 45.10 -1.99 -76.74
CA GLN B 233 43.67 -1.86 -77.05
C GLN B 233 42.80 -1.86 -75.79
N PRO B 234 43.08 -2.66 -74.77
CA PRO B 234 42.26 -2.57 -73.54
C PRO B 234 42.28 -1.18 -72.92
N LYS B 235 43.48 -0.61 -72.76
CA LYS B 235 43.61 0.71 -72.18
C LYS B 235 42.85 1.74 -73.03
N LYS B 236 43.06 1.71 -74.35
CA LYS B 236 42.36 2.64 -75.23
C LYS B 236 40.84 2.49 -75.13
N GLU B 237 40.34 1.26 -75.10
CA GLU B 237 38.90 1.05 -75.04
C GLU B 237 38.32 1.55 -73.72
N ALA B 238 38.99 1.25 -72.60
CA ALA B 238 38.53 1.75 -71.32
C ALA B 238 38.49 3.28 -71.32
N ILE B 239 39.54 3.90 -71.84
CA ILE B 239 39.59 5.37 -71.92
C ILE B 239 38.46 5.87 -72.80
N LYS B 240 38.22 5.21 -73.93
CA LYS B 240 37.16 5.60 -74.85
C LYS B 240 35.81 5.60 -74.16
N GLN B 241 35.51 4.52 -73.41
CA GLN B 241 34.24 4.44 -72.72
C GLN B 241 34.13 5.50 -71.63
N ALA B 242 35.21 5.69 -70.85
CA ALA B 242 35.19 6.69 -69.80
C ALA B 242 34.98 8.09 -70.38
N ILE B 243 35.69 8.41 -71.47
CA ILE B 243 35.57 9.71 -72.11
C ILE B 243 34.16 9.90 -72.65
N LYS B 244 33.59 8.85 -73.25
CA LYS B 244 32.23 8.96 -73.77
C LYS B 244 31.25 9.27 -72.66
N GLN B 245 31.34 8.54 -71.56
CA GLN B 245 30.44 8.77 -70.42
C GLN B 245 30.62 10.17 -69.85
N GLY B 246 31.87 10.55 -69.56
CA GLY B 246 32.13 11.88 -69.03
C GLY B 246 31.62 12.98 -69.94
N ALA B 247 31.90 12.86 -71.24
CA ALA B 247 31.49 13.88 -72.20
C ALA B 247 29.98 13.97 -72.28
N GLU B 248 29.29 12.83 -72.30
CA GLU B 248 27.83 12.86 -72.34
C GLU B 248 27.28 13.59 -71.12
N ILE B 249 27.77 13.23 -69.93
CA ILE B 249 27.29 13.87 -68.71
C ILE B 249 27.56 15.37 -68.77
N ALA B 250 28.77 15.75 -69.17
CA ALA B 250 29.14 17.15 -69.20
C ALA B 250 28.29 17.93 -70.19
N ARG B 251 28.07 17.40 -71.39
CA ARG B 251 27.30 18.13 -72.39
C ARG B 251 25.85 18.27 -71.96
N LYS B 252 25.29 17.23 -71.33
CA LYS B 252 23.91 17.32 -70.86
C LYS B 252 23.78 18.35 -69.75
N ILE B 253 24.73 18.36 -68.81
CA ILE B 253 24.68 19.33 -67.71
C ILE B 253 24.83 20.74 -68.25
N LEU B 254 25.81 20.97 -69.12
CA LEU B 254 26.10 22.28 -69.65
C LEU B 254 25.17 22.68 -70.80
N GLY B 255 24.43 21.73 -71.36
CA GLY B 255 23.57 22.02 -72.49
C GLY B 255 24.29 22.04 -73.82
N LYS B 256 25.61 21.90 -73.82
CA LYS B 256 26.38 21.88 -75.06
C LYS B 256 26.15 20.57 -75.80
N VAL B 257 26.52 20.57 -77.08
CA VAL B 257 26.45 19.38 -77.92
C VAL B 257 27.77 18.63 -77.82
N SER B 258 27.79 17.38 -78.31
CA SER B 258 29.01 16.59 -78.23
C SER B 258 30.15 17.25 -79.02
N GLU B 259 29.81 17.95 -80.09
CA GLU B 259 30.83 18.53 -80.95
C GLU B 259 31.56 19.67 -80.25
N GLY B 260 32.88 19.72 -80.44
CA GLY B 260 33.73 20.75 -79.88
C GLY B 260 33.82 20.79 -78.37
N LEU B 261 33.49 19.70 -77.70
CA LEU B 261 33.71 19.58 -76.25
C LEU B 261 35.19 19.66 -75.91
N LYS B 262 35.56 20.67 -75.13
CA LYS B 262 36.91 20.81 -74.58
C LYS B 262 36.95 20.36 -73.13
N TYR B 263 38.15 19.94 -72.70
CA TYR B 263 38.34 19.49 -71.32
C TYR B 263 37.85 20.54 -70.34
N ILE B 264 38.01 21.82 -70.68
CA ILE B 264 37.53 22.90 -69.83
C ILE B 264 36.04 22.76 -69.62
N ASP B 265 35.31 22.30 -70.64
CA ASP B 265 33.87 22.05 -70.47
C ASP B 265 33.62 20.97 -69.43
N LEU B 266 34.42 19.91 -69.43
CA LEU B 266 34.25 18.87 -68.42
C LEU B 266 34.48 19.43 -67.02
N ALA B 267 35.55 20.21 -66.85
CA ALA B 267 35.82 20.80 -65.54
C ALA B 267 34.67 21.72 -65.12
N ASP B 268 34.13 22.50 -66.05
CA ASP B 268 33.01 23.37 -65.73
C ASP B 268 31.80 22.56 -65.29
N ALA B 269 31.50 21.47 -66.00
CA ALA B 269 30.41 20.59 -65.60
C ALA B 269 30.64 20.04 -64.20
N ARG B 270 31.86 19.62 -63.89
CA ARG B 270 32.19 19.17 -62.54
C ARG B 270 31.85 20.24 -61.51
N MET B 271 32.30 21.47 -61.76
CA MET B 271 32.09 22.54 -60.79
C MET B 271 30.61 22.86 -60.63
N LYS B 272 29.86 22.87 -61.74
CA LYS B 272 28.42 23.14 -61.63
C LYS B 272 27.71 22.05 -60.85
N LEU B 273 28.08 20.79 -61.07
CA LEU B 273 27.49 19.72 -60.28
C LEU B 273 27.82 19.87 -58.81
N SER B 274 29.06 20.24 -58.49
CA SER B 274 29.42 20.47 -57.09
C SER B 274 28.59 21.59 -56.48
N ASP B 275 28.40 22.68 -57.22
CA ASP B 275 27.58 23.78 -56.73
C ASP B 275 26.13 23.35 -56.51
N GLN B 276 25.58 22.57 -57.43
CA GLN B 276 24.21 22.09 -57.30
C GLN B 276 24.07 21.18 -56.07
N ILE B 277 25.05 20.31 -55.85
CA ILE B 277 25.03 19.45 -54.68
C ILE B 277 25.09 20.29 -53.41
N ASP B 278 25.92 21.34 -53.41
CA ASP B 278 26.00 22.20 -52.23
C ASP B 278 24.68 22.92 -51.99
N GLN B 279 24.00 23.35 -53.05
CA GLN B 279 22.68 23.95 -52.89
C GLN B 279 21.70 22.96 -52.28
N LEU B 280 21.70 21.72 -52.76
CA LEU B 280 20.81 20.71 -52.18
C LEU B 280 21.13 20.48 -50.72
N ILE B 281 22.41 20.46 -50.36
CA ILE B 281 22.80 20.30 -48.96
C ILE B 281 22.28 21.45 -48.13
N THR B 282 22.41 22.68 -48.62
CA THR B 282 21.90 23.84 -47.89
C THR B 282 20.40 23.72 -47.67
N GLU B 283 19.65 23.38 -48.72
CA GLU B 283 18.21 23.23 -48.58
C GLU B 283 17.87 22.14 -47.56
N THR B 284 18.57 21.00 -47.64
CA THR B 284 18.32 19.92 -46.69
C THR B 284 18.57 20.36 -45.26
N ASP B 285 19.64 21.13 -45.05
CA ASP B 285 19.96 21.62 -43.71
C ASP B 285 18.89 22.59 -43.21
N GLU B 286 18.39 23.46 -44.10
CA GLU B 286 17.31 24.37 -43.71
C GLU B 286 16.08 23.58 -43.29
N LEU B 287 15.72 22.56 -44.07
CA LEU B 287 14.56 21.74 -43.71
C LEU B 287 14.80 21.00 -42.40
N LYS B 288 16.03 20.54 -42.16
CA LYS B 288 16.34 19.88 -40.90
C LYS B 288 16.19 20.84 -39.73
N ALA B 289 16.61 22.09 -39.90
CA ALA B 289 16.42 23.09 -38.85
C ALA B 289 14.95 23.31 -38.56
N LYS B 290 14.13 23.38 -39.61
CA LYS B 290 12.69 23.49 -39.40
C LYS B 290 12.16 22.27 -38.65
N ILE B 291 12.67 21.08 -38.97
CA ILE B 291 12.26 19.87 -38.27
C ILE B 291 12.63 19.97 -36.80
N ARG B 292 13.80 20.52 -36.51
CA ARG B 292 14.22 20.70 -35.11
C ARG B 292 13.25 21.61 -34.37
N GLU B 293 12.90 22.75 -34.97
CA GLU B 293 11.93 23.64 -34.36
C GLU B 293 10.61 22.91 -34.10
N VAL B 294 10.16 22.13 -35.08
CA VAL B 294 8.90 21.39 -34.95
C VAL B 294 8.98 20.39 -33.82
N GLU B 295 10.10 19.68 -33.71
CA GLU B 295 10.25 18.68 -32.65
C GLU B 295 10.23 19.34 -31.27
N LEU B 296 10.93 20.46 -31.13
CA LEU B 296 10.87 21.23 -29.89
C LEU B 296 9.43 21.57 -29.53
N ARG B 297 8.69 22.12 -30.50
CA ARG B 297 7.28 22.46 -30.26
C ARG B 297 6.50 21.23 -29.79
N LEU B 298 6.65 20.12 -30.50
CA LEU B 298 5.95 18.88 -30.17
C LEU B 298 6.26 18.43 -28.74
N SER B 299 7.55 18.47 -28.37
CA SER B 299 7.93 18.21 -26.99
C SER B 299 7.12 19.07 -26.04
N GLY B 300 7.05 20.37 -26.33
CA GLY B 300 6.22 21.25 -25.50
C GLY B 300 4.79 20.80 -25.36
N LEU B 301 4.17 20.42 -26.49
CA LEU B 301 2.79 19.95 -26.45
C LEU B 301 2.64 18.73 -25.56
N LYS B 302 3.54 17.75 -25.70
CA LYS B 302 3.49 16.60 -24.80
C LYS B 302 3.59 17.03 -23.33
N ASP B 303 4.48 17.99 -23.05
CA ASP B 303 4.61 18.50 -21.69
C ASP B 303 3.30 19.06 -21.18
N VAL B 304 2.60 19.82 -22.02
CA VAL B 304 1.30 20.36 -21.62
C VAL B 304 0.32 19.22 -21.34
N MET B 305 0.37 18.17 -22.17
CA MET B 305 -0.49 17.02 -21.95
C MET B 305 -0.26 16.43 -20.57
N GLN B 306 1.01 16.24 -20.22
CA GLN B 306 1.35 15.73 -18.89
C GLN B 306 0.91 16.70 -17.80
N ILE B 307 0.97 18.01 -18.07
CA ILE B 307 0.47 19.00 -17.12
C ILE B 307 -1.00 18.73 -16.83
N ASP B 308 -1.79 18.53 -17.88
CA ASP B 308 -3.21 18.24 -17.70
C ASP B 308 -3.41 16.96 -16.88
N THR B 309 -2.59 15.94 -17.15
CA THR B 309 -2.68 14.70 -16.39
C THR B 309 -2.44 14.94 -14.90
N GLU B 310 -1.36 15.66 -14.58
CA GLU B 310 -1.07 15.98 -13.18
C GLU B 310 -2.18 16.81 -12.57
N ARG B 311 -2.82 17.68 -13.36
CA ARG B 311 -3.95 18.44 -12.87
C ARG B 311 -5.08 17.51 -12.43
N THR B 312 -5.41 16.53 -13.27
CA THR B 312 -6.43 15.56 -12.90
C THR B 312 -6.05 14.84 -11.60
N THR B 313 -4.81 14.36 -11.54
CA THR B 313 -4.34 13.65 -10.34
C THR B 313 -4.56 14.49 -9.10
N LEU B 314 -4.07 15.74 -9.11
CA LEU B 314 -4.22 16.61 -7.96
C LEU B 314 -5.69 16.82 -7.60
N LEU B 315 -6.51 17.10 -8.61
CA LEU B 315 -7.90 17.45 -8.36
C LEU B 315 -8.66 16.30 -7.71
N THR B 316 -8.32 15.05 -8.05
CA THR B 316 -9.00 13.93 -7.40
C THR B 316 -8.82 13.97 -5.88
N GLU B 317 -7.57 14.04 -5.43
CA GLU B 317 -7.30 14.07 -3.99
C GLU B 317 -7.94 15.30 -3.34
N ALA B 318 -7.82 16.46 -3.99
CA ALA B 318 -8.41 17.68 -3.42
C ALA B 318 -9.92 17.52 -3.24
N VAL B 319 -10.60 16.94 -4.22
CA VAL B 319 -12.05 16.75 -4.10
C VAL B 319 -12.37 15.77 -2.97
N LYS B 320 -11.57 14.71 -2.81
CA LYS B 320 -11.83 13.77 -1.73
C LYS B 320 -11.77 14.45 -0.37
N ILE B 321 -10.68 15.18 -0.09
CA ILE B 321 -10.56 15.84 1.20
C ILE B 321 -11.66 16.89 1.35
N GLU B 322 -12.00 17.59 0.26
CA GLU B 322 -13.09 18.56 0.29
C GLU B 322 -14.39 17.90 0.75
N GLN B 323 -14.70 16.73 0.20
CA GLN B 323 -15.91 16.02 0.58
C GLN B 323 -15.90 15.66 2.07
N VAL B 324 -14.76 15.19 2.56
CA VAL B 324 -14.65 14.91 3.99
C VAL B 324 -15.01 16.15 4.81
N TRP B 325 -14.35 17.27 4.49
CA TRP B 325 -14.54 18.47 5.31
C TRP B 325 -15.96 19.00 5.21
N ILE B 326 -16.59 18.93 4.03
CA ILE B 326 -17.96 19.40 3.91
C ILE B 326 -18.90 18.51 4.71
N SER B 327 -18.66 17.19 4.75
CA SER B 327 -19.47 16.35 5.61
C SER B 327 -19.37 16.81 7.05
N PHE B 328 -18.15 17.14 7.49
CA PHE B 328 -17.99 17.67 8.84
C PHE B 328 -18.77 18.97 9.05
N ALA B 329 -18.69 19.89 8.09
CA ALA B 329 -19.45 21.14 8.18
C ALA B 329 -20.94 20.86 8.30
N GLU B 330 -21.42 19.86 7.56
CA GLU B 330 -22.83 19.47 7.67
C GLU B 330 -23.13 19.01 9.08
N GLN B 331 -22.24 18.22 9.67
CA GLN B 331 -22.45 17.78 11.06
C GLN B 331 -22.52 18.99 11.99
N LEU B 332 -21.67 19.99 11.77
CA LEU B 332 -21.65 21.16 12.65
C LEU B 332 -22.94 21.96 12.53
N HIS B 333 -23.47 22.11 11.31
CA HIS B 333 -24.79 22.75 11.19
C HIS B 333 -25.87 21.91 11.89
N LYS B 334 -25.78 20.59 11.74
CA LYS B 334 -26.78 19.66 12.29
C LYS B 334 -26.88 19.74 13.80
N LEU B 335 -25.74 19.88 14.49
CA LEU B 335 -25.69 19.70 15.95
C LEU B 335 -26.79 20.41 16.75
N SER B 336 -27.33 21.51 16.25
CA SER B 336 -28.15 22.39 17.09
C SER B 336 -29.41 21.72 17.67
N ASN B 337 -30.14 20.95 16.86
CA ASN B 337 -31.42 20.41 17.34
C ASN B 337 -31.25 19.51 18.56
N ASP B 338 -30.51 18.42 18.43
CA ASP B 338 -30.31 17.53 19.57
C ASP B 338 -29.15 18.01 20.43
N GLU B 339 -29.19 17.66 21.71
CA GLU B 339 -28.11 18.05 22.61
C GLU B 339 -26.83 17.32 22.24
N ILE B 340 -25.76 17.62 22.98
CA ILE B 340 -24.46 17.03 22.71
C ILE B 340 -24.52 15.53 22.97
N ASN B 341 -24.08 14.76 21.97
CA ASN B 341 -24.05 13.31 22.07
C ASN B 341 -22.87 12.91 22.94
N GLN B 342 -23.13 12.22 24.04
CA GLN B 342 -22.11 11.98 25.05
C GLN B 342 -20.92 11.20 24.49
N GLN B 343 -21.17 10.20 23.64
CA GLN B 343 -20.11 9.30 23.20
C GLN B 343 -19.76 9.46 21.73
N ASP B 344 -20.75 9.50 20.85
CA ASP B 344 -20.47 9.50 19.41
C ASP B 344 -19.74 10.77 18.94
N LEU B 345 -20.09 11.93 19.48
CA LEU B 345 -19.40 13.16 19.11
C LEU B 345 -17.92 13.07 19.47
N SER B 346 -17.62 12.48 20.63
CA SER B 346 -16.22 12.27 20.99
C SER B 346 -15.52 11.44 19.92
N ASN B 347 -16.16 10.38 19.44
CA ASN B 347 -15.59 9.61 18.34
C ASN B 347 -15.36 10.50 17.13
N LEU B 348 -16.31 11.39 16.82
CA LEU B 348 -16.13 12.28 15.68
C LEU B 348 -14.87 13.12 15.81
N ILE B 349 -14.73 13.83 16.92
CA ILE B 349 -13.57 14.70 17.08
C ILE B 349 -12.27 13.90 17.15
N ASN B 350 -12.27 12.77 17.86
CA ASN B 350 -11.07 11.95 17.98
C ASN B 350 -10.63 11.39 16.63
N GLY B 351 -11.58 10.85 15.87
CA GLY B 351 -11.26 10.38 14.54
C GLY B 351 -10.75 11.49 13.65
N GLN B 352 -11.39 12.66 13.70
CA GLN B 352 -10.97 13.78 12.86
C GLN B 352 -9.56 14.21 13.20
N LEU B 353 -9.21 14.28 14.49
CA LEU B 353 -7.85 14.66 14.85
C LEU B 353 -6.85 13.61 14.39
N ASP B 354 -7.17 12.32 14.59
CA ASP B 354 -6.26 11.28 14.11
C ASP B 354 -6.04 11.39 12.60
N PHE B 355 -7.12 11.63 11.85
CA PHE B 355 -7.03 11.76 10.39
C PHE B 355 -6.21 13.00 9.99
N LEU B 356 -6.50 14.14 10.60
CA LEU B 356 -5.74 15.35 10.32
C LEU B 356 -4.27 15.17 10.66
N ASN B 357 -3.98 14.52 11.79
CA ASN B 357 -2.60 14.25 12.16
C ASN B 357 -1.94 13.30 11.16
N ASN B 358 -2.71 12.35 10.61
CA ASN B 358 -2.18 11.50 9.56
C ASN B 358 -1.73 12.34 8.37
N LEU B 359 -2.59 13.27 7.93
CA LEU B 359 -2.25 14.10 6.78
C LEU B 359 -1.03 14.97 7.07
N THR B 360 -0.99 15.60 8.24
CA THR B 360 0.14 16.45 8.60
C THR B 360 1.44 15.66 8.68
N LEU B 361 1.38 14.48 9.30
CA LEU B 361 2.55 13.62 9.39
C LEU B 361 3.00 13.19 8.00
N GLN B 362 2.06 12.91 7.10
CA GLN B 362 2.46 12.56 5.74
C GLN B 362 3.21 13.70 5.08
N TYR B 363 2.69 14.93 5.21
CA TYR B 363 3.41 16.08 4.66
C TYR B 363 4.83 16.13 5.20
N ASN B 364 4.99 16.02 6.52
CA ASN B 364 6.33 16.05 7.08
C ASN B 364 7.15 14.85 6.60
N LYS B 365 6.47 13.72 6.36
CA LYS B 365 7.14 12.50 5.96
C LYS B 365 7.82 12.67 4.60
N LEU B 366 7.07 13.13 3.60
CA LEU B 366 7.66 13.30 2.28
C LEU B 366 8.76 14.36 2.33
N LYS B 367 8.58 15.37 3.16
CA LYS B 367 9.50 16.51 3.26
C LYS B 367 9.98 16.98 1.89
N PRO C 31 -71.44 9.06 43.97
CA PRO C 31 -71.02 7.72 43.53
C PRO C 31 -71.13 7.53 42.02
N GLU C 32 -71.10 8.63 41.27
CA GLU C 32 -71.14 8.55 39.81
C GLU C 32 -69.92 7.80 39.29
N ILE C 33 -70.12 7.02 38.25
CA ILE C 33 -69.08 6.19 37.65
C ILE C 33 -69.12 6.37 36.14
N ASN C 34 -67.95 6.40 35.51
CA ASN C 34 -67.83 6.55 34.06
C ASN C 34 -67.71 5.17 33.45
N ILE C 35 -68.84 4.63 32.98
CA ILE C 35 -68.86 3.29 32.40
C ILE C 35 -68.25 3.30 31.00
N LYS C 36 -68.40 4.40 30.27
CA LYS C 36 -67.85 4.45 28.91
C LYS C 36 -66.34 4.24 28.94
N ALA C 37 -65.63 4.95 29.81
CA ALA C 37 -64.19 4.76 29.94
C ALA C 37 -63.86 3.32 30.35
N MET C 38 -64.69 2.73 31.21
CA MET C 38 -64.47 1.36 31.67
C MET C 38 -64.55 0.37 30.51
N ASN C 39 -65.66 0.39 29.78
CA ASN C 39 -65.81 -0.52 28.65
C ASN C 39 -64.75 -0.23 27.59
N GLN C 40 -64.39 1.04 27.42
CA GLN C 40 -63.37 1.38 26.43
C GLN C 40 -62.02 0.83 26.85
N ALA C 41 -61.73 0.82 28.15
CA ALA C 41 -60.52 0.18 28.64
C ALA C 41 -60.53 -1.31 28.32
N VAL C 42 -61.67 -1.97 28.54
CA VAL C 42 -61.77 -3.39 28.20
C VAL C 42 -61.44 -3.59 26.72
N ASN C 43 -62.08 -2.80 25.86
CA ASN C 43 -61.93 -2.96 24.41
C ASN C 43 -60.48 -2.70 23.98
N THR C 44 -59.87 -1.63 24.49
CA THR C 44 -58.49 -1.31 24.15
C THR C 44 -57.53 -2.38 24.65
N ILE C 45 -57.78 -2.92 25.84
CA ILE C 45 -56.96 -4.02 26.34
C ILE C 45 -57.04 -5.20 25.38
N TRP C 46 -58.25 -5.54 24.96
CA TRP C 46 -58.41 -6.63 24.01
C TRP C 46 -57.62 -6.38 22.74
N LEU C 47 -57.76 -5.18 22.17
CA LEU C 47 -57.05 -4.85 20.94
C LEU C 47 -55.55 -5.00 21.13
N LEU C 48 -55.01 -4.39 22.19
CA LEU C 48 -53.57 -4.44 22.44
C LEU C 48 -53.10 -5.89 22.59
N ALA C 49 -53.89 -6.73 23.26
CA ALA C 49 -53.55 -8.15 23.32
C ALA C 49 -53.51 -8.76 21.93
N GLN C 50 -54.43 -8.36 21.05
CA GLN C 50 -54.44 -8.89 19.70
C GLN C 50 -53.19 -8.48 18.93
N ARG C 51 -52.80 -7.20 19.03
CA ARG C 51 -51.67 -6.74 18.23
C ARG C 51 -50.46 -6.42 19.09
N GLN C 52 -50.00 -7.38 19.88
CA GLN C 52 -48.79 -7.18 20.66
C GLN C 52 -47.64 -7.82 19.90
N THR C 53 -46.53 -7.09 19.83
CA THR C 53 -45.41 -7.47 18.99
C THR C 53 -44.22 -7.98 19.80
N SER C 54 -44.40 -8.19 21.09
CA SER C 54 -43.28 -8.61 21.93
C SER C 54 -43.16 -10.12 21.90
N GLY C 55 -41.96 -10.59 21.59
CA GLY C 55 -41.74 -12.00 21.35
C GLY C 55 -41.64 -12.86 22.59
N ILE C 56 -41.61 -12.23 23.77
CA ILE C 56 -41.44 -12.98 25.01
C ILE C 56 -42.68 -13.82 25.23
N GLU C 57 -42.50 -15.14 25.31
CA GLU C 57 -43.66 -16.03 25.47
C GLU C 57 -44.39 -15.75 26.77
N ILE C 58 -43.65 -15.54 27.86
CA ILE C 58 -44.30 -15.27 29.15
C ILE C 58 -45.18 -14.03 29.06
N ILE C 59 -44.66 -12.96 28.45
CA ILE C 59 -45.44 -11.73 28.32
C ILE C 59 -46.66 -11.94 27.44
N ASN C 60 -46.50 -12.67 26.33
CA ASN C 60 -47.65 -12.96 25.48
C ASN C 60 -48.72 -13.70 26.27
N ASP C 61 -48.30 -14.70 27.05
CA ASP C 61 -49.21 -15.45 27.90
C ASP C 61 -49.95 -14.53 28.85
N LYS C 62 -49.19 -13.66 29.53
CA LYS C 62 -49.79 -12.78 30.53
C LYS C 62 -50.83 -11.86 29.89
N VAL C 63 -50.50 -11.28 28.74
CA VAL C 63 -51.42 -10.33 28.09
C VAL C 63 -52.67 -11.07 27.60
N LYS C 64 -52.51 -12.24 27.00
CA LYS C 64 -53.68 -13.01 26.57
C LYS C 64 -54.56 -13.36 27.76
N ARG C 65 -53.96 -13.82 28.86
CA ARG C 65 -54.74 -14.20 30.03
C ARG C 65 -55.48 -13.02 30.62
N ILE C 66 -54.83 -11.85 30.71
CA ILE C 66 -55.50 -10.68 31.27
C ILE C 66 -56.62 -10.22 30.34
N SER C 67 -56.40 -10.27 29.02
CA SER C 67 -57.47 -9.91 28.09
C SER C 67 -58.66 -10.86 28.25
N LEU C 68 -58.38 -12.15 28.45
CA LEU C 68 -59.45 -13.12 28.68
C LEU C 68 -60.21 -12.78 29.95
N TYR C 69 -59.50 -12.48 31.04
CA TYR C 69 -60.17 -12.10 32.28
C TYR C 69 -61.01 -10.85 32.09
N SER C 70 -60.48 -9.85 31.37
CA SER C 70 -61.22 -8.61 31.16
C SER C 70 -62.48 -8.84 30.35
N ARG C 71 -62.40 -9.67 29.30
CA ARG C 71 -63.60 -9.96 28.53
C ARG C 71 -64.63 -10.74 29.34
N GLU C 72 -64.16 -11.74 30.11
CA GLU C 72 -65.06 -12.44 31.02
C GLU C 72 -65.73 -11.47 31.97
N PHE C 73 -64.98 -10.48 32.46
CA PHE C 73 -65.56 -9.50 33.37
C PHE C 73 -66.60 -8.63 32.68
N ASP C 74 -66.33 -8.20 31.45
CA ASP C 74 -67.32 -7.43 30.71
C ASP C 74 -68.61 -8.20 30.53
N GLU C 75 -68.50 -9.43 30.00
CA GLU C 75 -69.69 -10.25 29.80
C GLU C 75 -70.42 -10.51 31.11
N MET C 76 -69.67 -10.82 32.16
CA MET C 76 -70.26 -11.11 33.46
C MET C 76 -70.95 -9.88 34.04
N MET C 77 -70.38 -8.69 33.83
CA MET C 77 -71.01 -7.48 34.32
C MET C 77 -72.33 -7.22 33.61
N ARG C 78 -72.31 -7.33 32.27
CA ARG C 78 -73.56 -7.22 31.52
C ARG C 78 -74.61 -8.19 32.06
N ASP C 79 -74.22 -9.45 32.22
CA ASP C 79 -75.17 -10.48 32.68
C ASP C 79 -75.66 -10.18 34.09
N SER C 80 -74.76 -9.75 34.98
CA SER C 80 -75.14 -9.46 36.35
C SER C 80 -76.17 -8.35 36.41
N LEU C 81 -75.94 -7.27 35.65
CA LEU C 81 -76.93 -6.19 35.61
C LEU C 81 -78.25 -6.69 35.05
N ALA C 82 -78.20 -7.42 33.92
CA ALA C 82 -79.42 -7.90 33.28
C ALA C 82 -80.21 -8.84 34.18
N GLN C 83 -79.53 -9.60 35.04
CA GLN C 83 -80.22 -10.52 35.94
C GLN C 83 -80.68 -9.85 37.22
N LEU C 84 -79.95 -8.86 37.70
CA LEU C 84 -80.30 -8.24 38.97
C LEU C 84 -81.47 -7.28 38.79
N ALA C 85 -81.47 -6.50 37.71
CA ALA C 85 -82.55 -5.53 37.52
C ALA C 85 -83.93 -6.18 37.54
N PRO C 86 -84.20 -7.28 36.83
CA PRO C 86 -85.53 -7.93 36.97
C PRO C 86 -85.83 -8.42 38.38
N VAL C 87 -84.85 -9.02 39.06
CA VAL C 87 -85.08 -9.51 40.41
C VAL C 87 -85.41 -8.35 41.34
N LEU C 88 -84.67 -7.25 41.21
CA LEU C 88 -84.94 -6.08 42.03
C LEU C 88 -86.30 -5.48 41.69
N LYS C 89 -86.67 -5.47 40.41
CA LYS C 89 -88.01 -5.01 40.03
C LYS C 89 -89.08 -5.84 40.71
N GLN C 90 -88.88 -7.16 40.78
CA GLN C 90 -89.82 -8.00 41.50
C GLN C 90 -89.83 -7.68 42.98
N LEU C 91 -88.65 -7.43 43.56
CA LEU C 91 -88.62 -7.13 44.98
C LEU C 91 -89.40 -5.87 45.27
N THR C 92 -89.21 -4.82 44.47
CA THR C 92 -89.94 -3.59 44.69
C THR C 92 -91.44 -3.77 44.46
N SER C 93 -91.84 -4.54 43.45
CA SER C 93 -93.26 -4.67 43.14
C SER C 93 -93.98 -5.57 44.15
N ASP C 94 -93.42 -6.74 44.44
CA ASP C 94 -94.03 -7.59 45.46
C ASP C 94 -93.82 -7.06 46.87
N ALA C 95 -92.85 -6.18 47.09
CA ALA C 95 -92.75 -5.50 48.38
C ALA C 95 -93.86 -4.47 48.53
N ALA C 96 -94.05 -3.62 47.52
CA ALA C 96 -95.16 -2.69 47.58
C ALA C 96 -96.49 -3.42 47.63
N PHE C 97 -96.51 -4.68 47.18
CA PHE C 97 -97.71 -5.49 47.27
C PHE C 97 -97.92 -6.05 48.68
N GLN C 98 -96.88 -6.59 49.30
CA GLN C 98 -97.01 -7.03 50.68
C GLN C 98 -97.37 -5.87 51.60
N THR C 99 -96.78 -4.69 51.36
CA THR C 99 -97.11 -3.52 52.16
C THR C 99 -98.56 -3.10 51.97
N ILE C 100 -99.02 -2.98 50.72
CA ILE C 100 -100.43 -2.65 50.49
C ILE C 100 -101.32 -3.69 51.17
N ALA C 101 -101.00 -4.96 50.99
CA ALA C 101 -101.78 -6.04 51.59
C ALA C 101 -101.74 -5.94 53.11
N GLU C 123 -102.21 -11.45 58.56
CA GLU C 123 -101.70 -10.87 59.80
C GLU C 123 -100.30 -10.27 59.59
N ARG C 124 -99.90 -9.41 60.53
CA ARG C 124 -98.61 -8.74 60.46
C ARG C 124 -97.46 -9.73 60.35
N ASN C 125 -97.38 -10.67 61.30
CA ASN C 125 -96.22 -11.56 61.40
C ASN C 125 -96.08 -12.42 60.15
N ASN C 126 -97.19 -12.95 59.64
CA ASN C 126 -97.15 -13.75 58.42
C ASN C 126 -96.54 -12.94 57.27
N LEU C 127 -96.96 -11.69 57.11
CA LEU C 127 -96.43 -10.86 56.03
C LEU C 127 -94.93 -10.60 56.22
N ILE C 128 -94.49 -10.31 57.44
CA ILE C 128 -93.06 -10.10 57.65
C ILE C 128 -92.28 -11.35 57.30
N GLN C 129 -92.78 -12.52 57.68
CA GLN C 129 -92.06 -13.76 57.38
C GLN C 129 -92.04 -14.07 55.89
N ASN C 130 -93.16 -13.83 55.20
CA ASN C 130 -93.21 -14.06 53.76
C ASN C 130 -92.20 -13.16 53.05
N LEU C 131 -92.20 -11.86 53.40
CA LEU C 131 -91.22 -10.95 52.85
C LEU C 131 -89.80 -11.38 53.19
N SER C 132 -89.60 -11.89 54.41
CA SER C 132 -88.26 -12.32 54.80
C SER C 132 -87.78 -13.47 53.92
N LYS C 133 -88.64 -14.46 53.68
CA LYS C 133 -88.27 -15.56 52.79
C LYS C 133 -87.92 -15.05 51.39
N HIS C 134 -88.81 -14.22 50.80
CA HIS C 134 -88.57 -13.74 49.45
C HIS C 134 -87.30 -12.89 49.37
N ILE C 135 -87.14 -11.96 50.31
CA ILE C 135 -85.98 -11.08 50.31
C ILE C 135 -84.71 -11.86 50.55
N ASP C 136 -84.78 -12.92 51.36
CA ASP C 136 -83.58 -13.73 51.59
C ASP C 136 -83.18 -14.49 50.33
N ASN C 137 -84.16 -15.01 49.57
CA ASN C 137 -83.82 -15.62 48.27
C ASN C 137 -83.17 -14.59 47.34
N VAL C 138 -83.73 -13.38 47.31
CA VAL C 138 -83.16 -12.31 46.50
C VAL C 138 -81.73 -12.00 46.96
N ILE C 139 -81.52 -11.92 48.27
CA ILE C 139 -80.20 -11.60 48.81
C ILE C 139 -79.21 -12.70 48.48
N VAL C 140 -79.64 -13.96 48.49
CA VAL C 140 -78.75 -15.05 48.11
C VAL C 140 -78.29 -14.86 46.67
N SER C 141 -79.23 -14.60 45.77
CA SER C 141 -78.83 -14.40 44.38
C SER C 141 -77.86 -13.22 44.24
N PHE C 142 -78.24 -12.07 44.83
CA PHE C 142 -77.43 -10.85 44.72
C PHE C 142 -76.03 -11.07 45.30
N THR C 143 -75.95 -11.70 46.48
CA THR C 143 -74.66 -11.91 47.13
C THR C 143 -73.79 -12.87 46.34
N GLY C 144 -74.38 -13.92 45.76
CA GLY C 144 -73.60 -14.81 44.92
C GLY C 144 -73.01 -14.06 43.73
N ARG C 145 -73.82 -13.23 43.08
CA ARG C 145 -73.32 -12.48 41.94
C ARG C 145 -72.20 -11.54 42.36
N THR C 146 -72.36 -10.85 43.49
CA THR C 146 -71.31 -9.95 43.96
C THR C 146 -70.04 -10.71 44.28
N SER C 147 -70.17 -11.92 44.86
CA SER C 147 -68.99 -12.68 45.23
C SER C 147 -68.22 -13.14 44.00
N LYS C 148 -68.92 -13.59 42.95
CA LYS C 148 -68.20 -13.97 41.74
C LYS C 148 -67.56 -12.76 41.08
N LEU C 149 -68.24 -11.61 41.10
CA LEU C 149 -67.63 -10.39 40.59
C LEU C 149 -66.33 -10.09 41.35
N THR C 150 -66.36 -10.22 42.68
CA THR C 150 -65.17 -9.99 43.49
C THR C 150 -64.07 -10.97 43.13
N ASN C 151 -64.40 -12.24 42.91
CA ASN C 151 -63.38 -13.22 42.56
C ASN C 151 -62.73 -12.89 41.22
N LYS C 152 -63.52 -12.44 40.24
CA LYS C 152 -62.92 -12.05 38.97
C LYS C 152 -62.04 -10.81 39.13
N ILE C 153 -62.50 -9.85 39.95
CA ILE C 153 -61.69 -8.67 40.23
C ILE C 153 -60.35 -9.07 40.85
N SER C 154 -60.38 -10.04 41.77
CA SER C 154 -59.14 -10.52 42.37
C SER C 154 -58.25 -11.20 41.34
N ASP C 155 -58.84 -12.04 40.49
CA ASP C 155 -58.07 -12.69 39.44
C ASP C 155 -57.36 -11.67 38.57
N ILE C 156 -58.01 -10.56 38.26
CA ILE C 156 -57.38 -9.54 37.43
C ILE C 156 -56.31 -8.80 38.22
N SER C 157 -56.66 -8.27 39.39
CA SER C 157 -55.74 -7.38 40.10
C SER C 157 -54.50 -8.11 40.61
N ASP C 158 -54.68 -9.28 41.22
CA ASP C 158 -53.54 -9.97 41.84
C ASP C 158 -52.46 -10.33 40.82
N MET C 159 -52.87 -10.76 39.62
CA MET C 159 -51.89 -11.15 38.62
C MET C 159 -51.04 -9.95 38.21
N VAL C 160 -49.74 -10.17 38.10
CA VAL C 160 -48.77 -9.13 37.75
C VAL C 160 -48.26 -9.44 36.35
N ILE C 161 -48.26 -8.42 35.49
CA ILE C 161 -47.92 -8.62 34.09
C ILE C 161 -46.47 -9.05 33.95
N ALA C 162 -45.54 -8.28 34.53
CA ALA C 162 -44.14 -8.71 34.47
C ALA C 162 -43.34 -7.94 35.50
N GLU C 163 -42.24 -8.54 35.92
CA GLU C 163 -41.37 -7.95 36.92
C GLU C 163 -40.27 -7.12 36.25
N ARG C 164 -40.00 -5.96 36.83
CA ARG C 164 -39.00 -5.04 36.31
C ARG C 164 -39.10 -4.94 34.78
N LEU C 165 -40.23 -4.41 34.31
CA LEU C 165 -40.42 -4.24 32.89
C LEU C 165 -39.42 -3.25 32.32
N GLN C 166 -39.21 -2.13 33.02
CA GLN C 166 -38.29 -1.10 32.57
C GLN C 166 -36.91 -1.68 32.31
N ASP C 167 -36.49 -2.69 33.08
CA ASP C 167 -35.22 -3.35 32.80
C ASP C 167 -35.25 -4.07 31.46
N LEU C 168 -36.38 -4.72 31.14
CA LEU C 168 -36.50 -5.36 29.84
C LEU C 168 -36.42 -4.34 28.71
N VAL C 169 -37.12 -3.21 28.85
CA VAL C 169 -37.05 -2.18 27.82
C VAL C 169 -35.63 -1.64 27.69
N THR C 170 -34.94 -1.46 28.82
CA THR C 170 -33.57 -0.97 28.79
C THR C 170 -32.68 -1.95 28.04
N GLN C 171 -32.83 -3.24 28.34
CA GLN C 171 -32.08 -4.27 27.62
C GLN C 171 -32.36 -4.20 26.12
N THR C 172 -33.64 -4.07 25.76
CA THR C 172 -34.03 -4.07 24.35
C THR C 172 -33.44 -2.86 23.63
N GLU C 173 -33.54 -1.67 24.23
CA GLU C 173 -33.01 -0.48 23.58
C GLU C 173 -31.48 -0.53 23.51
N SER C 174 -30.83 -1.07 24.53
CA SER C 174 -29.38 -1.25 24.46
C SER C 174 -29.01 -2.16 23.31
N GLN C 175 -29.75 -3.25 23.14
CA GLN C 175 -29.50 -4.15 22.02
C GLN C 175 -29.71 -3.45 20.68
N LYS C 176 -30.76 -2.63 20.58
CA LYS C 176 -31.01 -1.89 19.34
C LYS C 176 -29.84 -0.95 19.01
N THR C 177 -29.38 -0.20 20.01
CA THR C 177 -28.26 0.70 19.78
C THR C 177 -27.00 -0.07 19.39
N GLU C 178 -26.75 -1.19 20.07
CA GLU C 178 -25.59 -2.00 19.74
C GLU C 178 -25.67 -2.52 18.32
N LEU C 179 -26.86 -2.92 17.88
CA LEU C 179 -27.03 -3.42 16.52
C LEU C 179 -26.80 -2.32 15.48
N GLN C 180 -27.32 -1.11 15.72
CA GLN C 180 -27.07 -0.02 14.79
C GLN C 180 -25.58 0.31 14.71
N SER C 181 -24.90 0.34 15.87
CA SER C 181 -23.47 0.63 15.89
C SER C 181 -22.67 -0.45 15.20
N ASP C 182 -23.11 -1.70 15.28
CA ASP C 182 -22.45 -2.78 14.55
C ASP C 182 -22.79 -2.76 13.06
N ILE C 183 -23.92 -2.18 12.67
CA ILE C 183 -24.29 -2.12 11.27
C ILE C 183 -23.47 -1.09 10.52
N ASP C 184 -23.36 0.12 11.08
CA ASP C 184 -22.76 1.23 10.33
C ASP C 184 -21.40 0.89 9.72
N PRO C 185 -20.43 0.35 10.46
CA PRO C 185 -19.13 0.05 9.84
C PRO C 185 -19.22 -0.93 8.70
N LYS C 186 -20.15 -1.88 8.74
CA LYS C 186 -20.29 -2.83 7.65
C LYS C 186 -20.72 -2.13 6.37
N THR C 187 -21.64 -1.17 6.46
CA THR C 187 -22.02 -0.41 5.26
C THR C 187 -20.86 0.44 4.75
N GLU C 188 -20.10 1.06 5.67
CA GLU C 188 -18.94 1.84 5.22
C GLU C 188 -17.95 0.95 4.46
N LYS C 189 -17.63 -0.21 5.01
CA LYS C 189 -16.74 -1.15 4.35
C LYS C 189 -17.31 -1.61 3.02
N ARG C 190 -18.62 -1.85 2.95
CA ARG C 190 -19.23 -2.25 1.70
C ARG C 190 -19.05 -1.18 0.64
N ASN C 191 -19.23 0.08 1.00
CA ASN C 191 -19.06 1.16 0.03
C ASN C 191 -17.62 1.20 -0.48
N LYS C 192 -16.65 1.13 0.44
CA LYS C 192 -15.25 1.15 -0.01
C LYS C 192 -14.91 -0.04 -0.89
N LEU C 193 -15.35 -1.25 -0.50
CA LEU C 193 -15.02 -2.43 -1.28
C LEU C 193 -15.66 -2.35 -2.67
N ASP C 194 -16.87 -1.80 -2.75
CA ASP C 194 -17.51 -1.62 -4.05
C ASP C 194 -16.73 -0.63 -4.90
N ALA C 195 -16.23 0.44 -4.29
CA ALA C 195 -15.41 1.39 -5.03
C ALA C 195 -14.15 0.72 -5.60
N ASP C 196 -13.48 -0.08 -4.77
CA ASP C 196 -12.28 -0.77 -5.23
C ASP C 196 -12.59 -1.74 -6.37
N ARG C 197 -13.67 -2.51 -6.25
CA ARG C 197 -14.05 -3.40 -7.34
C ARG C 197 -14.40 -2.60 -8.59
N GLU C 198 -15.02 -1.43 -8.41
CA GLU C 198 -15.29 -0.56 -9.55
C GLU C 198 -14.00 -0.18 -10.27
N LYS C 199 -12.96 0.19 -9.52
CA LYS C 199 -11.67 0.49 -10.15
C LYS C 199 -11.13 -0.72 -10.90
N ILE C 200 -11.18 -1.90 -10.29
CA ILE C 200 -10.66 -3.09 -10.97
C ILE C 200 -11.41 -3.31 -12.29
N ILE C 201 -12.74 -3.20 -12.26
CA ILE C 201 -13.51 -3.47 -13.47
C ILE C 201 -13.29 -2.37 -14.51
N GLU C 202 -13.02 -1.13 -14.06
CA GLU C 202 -12.64 -0.08 -15.00
C GLU C 202 -11.37 -0.47 -15.73
N SER C 203 -10.35 -0.91 -14.98
CA SER C 203 -9.10 -1.30 -15.62
C SER C 203 -9.32 -2.44 -16.61
N GLN C 204 -10.08 -3.45 -16.20
CA GLN C 204 -10.34 -4.59 -17.07
C GLN C 204 -11.06 -4.16 -18.36
N ASP C 205 -12.12 -3.34 -18.21
CA ASP C 205 -12.87 -2.90 -19.39
C ASP C 205 -12.00 -2.04 -20.31
N VAL C 206 -11.10 -1.23 -19.74
CA VAL C 206 -10.20 -0.46 -20.59
C VAL C 206 -9.27 -1.39 -21.35
N ILE C 207 -8.74 -2.42 -20.68
CA ILE C 207 -7.94 -3.41 -21.39
C ILE C 207 -8.72 -3.98 -22.55
N ARG C 208 -9.98 -4.37 -22.29
CA ARG C 208 -10.80 -4.94 -23.36
C ARG C 208 -10.98 -3.95 -24.50
N GLN C 209 -11.21 -2.68 -24.17
CA GLN C 209 -11.38 -1.67 -25.20
C GLN C 209 -10.15 -1.55 -26.08
N ASN C 210 -8.96 -1.53 -25.47
CA ASN C 210 -7.72 -1.35 -26.20
C ASN C 210 -7.03 -2.67 -26.50
N ASN C 211 -7.68 -3.80 -26.21
CA ASN C 211 -7.16 -5.12 -26.54
C ASN C 211 -5.70 -5.26 -26.11
N ILE C 212 -5.36 -4.64 -24.98
CA ILE C 212 -4.00 -4.75 -24.46
C ILE C 212 -3.70 -6.20 -24.09
N ALA C 213 -4.71 -6.94 -23.65
CA ALA C 213 -4.49 -8.34 -23.28
C ALA C 213 -3.86 -9.10 -24.45
N ASP C 214 -4.30 -8.80 -25.67
CA ASP C 214 -3.71 -9.44 -26.84
C ASP C 214 -2.31 -8.92 -27.12
N MET C 215 -2.08 -7.61 -26.98
CA MET C 215 -0.74 -7.09 -27.19
C MET C 215 0.20 -7.59 -26.10
N PHE C 216 -0.16 -7.37 -24.83
CA PHE C 216 0.60 -7.85 -23.69
C PHE C 216 -0.25 -8.93 -23.03
N LYS C 217 0.25 -10.16 -23.04
CA LYS C 217 -0.56 -11.33 -22.72
C LYS C 217 -0.57 -11.78 -21.27
N ASP C 218 0.48 -12.48 -20.83
CA ASP C 218 0.41 -13.13 -19.52
C ASP C 218 0.58 -12.11 -18.40
N PHE C 219 1.58 -11.26 -18.49
CA PHE C 219 1.91 -10.34 -17.41
C PHE C 219 1.41 -8.94 -17.73
N ILE C 220 1.04 -8.21 -16.68
CA ILE C 220 0.52 -6.85 -16.86
C ILE C 220 1.64 -5.97 -17.41
N PRO C 221 1.37 -5.10 -18.37
CA PRO C 221 2.43 -4.22 -18.89
C PRO C 221 2.84 -3.16 -17.87
N SER C 222 4.14 -2.96 -17.73
CA SER C 222 4.67 -1.90 -16.88
C SER C 222 4.48 -0.56 -17.58
N ALA C 223 4.87 0.52 -16.88
CA ALA C 223 4.71 1.85 -17.44
C ALA C 223 5.48 2.01 -18.74
N LYS C 224 6.76 1.61 -18.74
CA LYS C 224 7.56 1.68 -19.96
C LYS C 224 6.93 0.86 -21.07
N ASP C 225 6.41 -0.33 -20.73
CA ASP C 225 5.83 -1.21 -21.72
C ASP C 225 4.69 -0.52 -22.48
N ILE C 226 3.79 0.14 -21.74
CA ILE C 226 2.71 0.87 -22.40
C ILE C 226 3.26 2.07 -23.16
N ASP C 227 4.27 2.74 -22.60
CA ASP C 227 4.82 3.92 -23.26
C ASP C 227 5.31 3.61 -24.68
N GLY C 228 5.72 2.37 -24.94
CA GLY C 228 6.21 2.02 -26.26
C GLY C 228 5.17 1.80 -27.34
N LEU C 229 4.01 2.43 -27.23
CA LEU C 229 2.89 2.21 -28.15
C LEU C 229 2.66 3.38 -29.09
N ASP C 230 2.18 3.04 -30.29
CA ASP C 230 1.75 4.05 -31.25
C ASP C 230 0.56 4.86 -30.78
N PHE C 231 -0.15 4.42 -29.74
CA PHE C 231 -1.29 5.16 -29.21
C PHE C 231 -0.87 6.61 -29.00
N THR C 232 -1.82 7.47 -28.64
CA THR C 232 -1.48 8.86 -28.45
C THR C 232 -1.29 9.09 -26.95
N GLN C 233 -0.48 10.10 -26.63
CA GLN C 233 -0.05 10.25 -25.24
C GLN C 233 -1.21 10.35 -24.26
N PRO C 234 -2.30 11.05 -24.56
CA PRO C 234 -3.45 11.02 -23.62
C PRO C 234 -3.99 9.62 -23.39
N LYS C 235 -4.23 8.87 -24.47
CA LYS C 235 -4.71 7.50 -24.33
C LYS C 235 -3.73 6.66 -23.52
N LYS C 236 -2.44 6.75 -23.85
CA LYS C 236 -1.43 5.99 -23.10
C LYS C 236 -1.48 6.32 -21.63
N GLU C 237 -1.55 7.61 -21.29
CA GLU C 237 -1.51 8.00 -19.90
C GLU C 237 -2.75 7.52 -19.15
N ALA C 238 -3.93 7.65 -19.78
CA ALA C 238 -5.15 7.16 -19.15
C ALA C 238 -5.08 5.67 -18.89
N ILE C 239 -4.66 4.89 -19.89
CA ILE C 239 -4.58 3.43 -19.70
C ILE C 239 -3.57 3.12 -18.61
N LYS C 240 -2.42 3.81 -18.62
CA LYS C 240 -1.38 3.56 -17.62
C LYS C 240 -1.91 3.79 -16.22
N GLN C 241 -2.61 4.91 -16.01
CA GLN C 241 -3.13 5.21 -14.67
C GLN C 241 -4.19 4.19 -14.25
N ALA C 242 -5.11 3.85 -15.15
CA ALA C 242 -6.14 2.87 -14.83
C ALA C 242 -5.51 1.52 -14.47
N ILE C 243 -4.55 1.08 -15.26
CA ILE C 243 -3.89 -0.20 -15.02
C ILE C 243 -3.14 -0.18 -13.70
N LYS C 244 -2.46 0.93 -13.40
CA LYS C 244 -1.72 1.01 -12.16
C LYS C 244 -2.64 0.91 -10.96
N GLN C 245 -3.76 1.64 -11.00
CA GLN C 245 -4.72 1.57 -9.90
C GLN C 245 -5.27 0.16 -9.75
N GLY C 246 -5.75 -0.43 -10.85
CA GLY C 246 -6.28 -1.78 -10.78
C GLY C 246 -5.29 -2.78 -10.23
N ALA C 247 -4.05 -2.73 -10.73
CA ALA C 247 -3.02 -3.66 -10.28
C ALA C 247 -2.71 -3.47 -8.81
N GLU C 248 -2.61 -2.21 -8.35
CA GLU C 248 -2.34 -1.96 -6.94
C GLU C 248 -3.43 -2.55 -6.08
N ILE C 249 -4.70 -2.29 -6.41
CA ILE C 249 -5.81 -2.83 -5.63
C ILE C 249 -5.75 -4.36 -5.62
N ALA C 250 -5.52 -4.95 -6.79
CA ALA C 250 -5.52 -6.41 -6.89
C ALA C 250 -4.41 -7.03 -6.04
N ARG C 251 -3.20 -6.46 -6.12
CA ARG C 251 -2.11 -7.02 -5.34
C ARG C 251 -2.32 -6.80 -3.84
N LYS C 252 -2.89 -5.66 -3.45
CA LYS C 252 -3.16 -5.44 -2.04
C LYS C 252 -4.17 -6.44 -1.51
N ILE C 253 -5.25 -6.69 -2.27
CA ILE C 253 -6.25 -7.65 -1.84
C ILE C 253 -5.67 -9.06 -1.81
N LEU C 254 -4.97 -9.44 -2.88
CA LEU C 254 -4.44 -10.79 -3.03
C LEU C 254 -3.14 -11.03 -2.27
N GLY C 255 -2.46 -9.98 -1.83
CA GLY C 255 -1.20 -10.13 -1.13
C GLY C 255 0.02 -10.30 -2.02
N LYS C 256 -0.15 -10.36 -3.33
CA LYS C 256 0.99 -10.51 -4.23
C LYS C 256 1.80 -9.22 -4.31
N VAL C 257 3.01 -9.35 -4.86
CA VAL C 257 3.91 -8.22 -5.05
C VAL C 257 3.65 -7.57 -6.40
N SER C 258 4.19 -6.36 -6.58
CA SER C 258 3.93 -5.59 -7.80
C SER C 258 4.51 -6.25 -9.05
N GLU C 259 5.65 -6.94 -8.94
CA GLU C 259 6.36 -7.39 -10.14
C GLU C 259 5.57 -8.45 -10.91
N GLY C 260 5.62 -9.71 -10.46
CA GLY C 260 4.90 -10.77 -11.14
C GLY C 260 3.39 -10.71 -10.96
N LEU C 261 2.70 -10.07 -11.89
CA LEU C 261 1.25 -10.01 -11.87
C LEU C 261 0.69 -10.29 -13.25
N LYS C 262 -0.20 -11.27 -13.33
CA LYS C 262 -0.90 -11.62 -14.55
C LYS C 262 -2.31 -11.03 -14.54
N TYR C 263 -2.84 -10.82 -15.74
CA TYR C 263 -4.16 -10.22 -15.89
C TYR C 263 -5.20 -10.97 -15.06
N ILE C 264 -5.05 -12.28 -14.94
CA ILE C 264 -5.97 -13.12 -14.16
C ILE C 264 -6.00 -12.72 -12.69
N ASP C 265 -4.89 -12.20 -12.16
CA ASP C 265 -4.89 -11.74 -10.78
C ASP C 265 -5.97 -10.68 -10.56
N LEU C 266 -6.19 -9.83 -11.56
CA LEU C 266 -7.23 -8.81 -11.46
C LEU C 266 -8.59 -9.47 -11.25
N ALA C 267 -8.90 -10.48 -12.06
CA ALA C 267 -10.18 -11.19 -11.94
C ALA C 267 -10.28 -11.91 -10.60
N ASP C 268 -9.19 -12.52 -10.14
CA ASP C 268 -9.21 -13.20 -8.85
C ASP C 268 -9.53 -12.22 -7.73
N ALA C 269 -8.87 -11.06 -7.74
CA ALA C 269 -9.18 -10.01 -6.78
C ALA C 269 -10.63 -9.60 -6.87
N ARG C 270 -11.15 -9.44 -8.09
CA ARG C 270 -12.57 -9.16 -8.27
C ARG C 270 -13.42 -10.21 -7.57
N MET C 271 -13.10 -11.49 -7.76
CA MET C 271 -13.92 -12.55 -7.18
C MET C 271 -13.86 -12.51 -5.66
N LYS C 272 -12.69 -12.23 -5.08
CA LYS C 272 -12.59 -12.13 -3.63
C LYS C 272 -13.40 -10.94 -3.13
N LEU C 273 -13.36 -9.82 -3.85
CA LEU C 273 -14.16 -8.67 -3.49
C LEU C 273 -15.64 -9.00 -3.56
N SER C 274 -16.04 -9.77 -4.57
CA SER C 274 -17.43 -10.21 -4.67
C SER C 274 -17.82 -11.02 -3.46
N ASP C 275 -16.96 -11.94 -3.02
CA ASP C 275 -17.26 -12.71 -1.81
C ASP C 275 -17.38 -11.82 -0.60
N GLN C 276 -16.46 -10.87 -0.45
CA GLN C 276 -16.50 -10.01 0.72
C GLN C 276 -17.75 -9.14 0.72
N ILE C 277 -18.12 -8.59 -0.44
CA ILE C 277 -19.31 -7.76 -0.55
C ILE C 277 -20.57 -8.58 -0.29
N ASP C 278 -20.65 -9.80 -0.84
CA ASP C 278 -21.83 -10.62 -0.62
C ASP C 278 -21.96 -11.04 0.84
N GLN C 279 -20.84 -11.39 1.48
CA GLN C 279 -20.87 -11.71 2.90
C GLN C 279 -21.32 -10.50 3.72
N LEU C 280 -20.80 -9.32 3.40
CA LEU C 280 -21.22 -8.10 4.10
C LEU C 280 -22.70 -7.85 3.89
N ILE C 281 -23.21 -8.09 2.68
CA ILE C 281 -24.62 -7.89 2.42
C ILE C 281 -25.46 -8.83 3.28
N THR C 282 -25.04 -10.10 3.36
CA THR C 282 -25.76 -11.05 4.20
C THR C 282 -25.77 -10.61 5.66
N GLU C 283 -24.60 -10.25 6.18
CA GLU C 283 -24.50 -9.80 7.57
C GLU C 283 -25.36 -8.56 7.82
N THR C 284 -25.28 -7.58 6.92
CA THR C 284 -26.06 -6.36 7.07
C THR C 284 -27.55 -6.66 7.07
N ASP C 285 -27.99 -7.56 6.18
CA ASP C 285 -29.40 -7.91 6.13
C ASP C 285 -29.83 -8.62 7.41
N GLU C 286 -29.00 -9.52 7.93
CA GLU C 286 -29.33 -10.19 9.19
C GLU C 286 -29.44 -9.18 10.32
N LEU C 287 -28.49 -8.24 10.42
CA LEU C 287 -28.55 -7.25 11.48
C LEU C 287 -29.75 -6.32 11.32
N LYS C 288 -30.11 -5.98 10.08
CA LYS C 288 -31.30 -5.16 9.86
C LYS C 288 -32.55 -5.91 10.30
N ALA C 289 -32.62 -7.22 10.00
CA ALA C 289 -33.75 -8.02 10.46
C ALA C 289 -33.80 -8.07 11.98
N LYS C 290 -32.64 -8.19 12.62
CA LYS C 290 -32.59 -8.20 14.07
C LYS C 290 -33.08 -6.87 14.64
N ILE C 291 -32.69 -5.75 14.02
CA ILE C 291 -33.17 -4.44 14.48
C ILE C 291 -34.68 -4.35 14.32
N ARG C 292 -35.20 -4.86 13.20
CA ARG C 292 -36.65 -4.85 13.00
C ARG C 292 -37.35 -5.63 14.11
N GLU C 293 -36.85 -6.84 14.40
CA GLU C 293 -37.42 -7.65 15.47
C GLU C 293 -37.36 -6.91 16.80
N VAL C 294 -36.23 -6.26 17.10
CA VAL C 294 -36.08 -5.57 18.37
C VAL C 294 -37.06 -4.41 18.47
N GLU C 295 -37.23 -3.65 17.39
CA GLU C 295 -38.16 -2.53 17.41
C GLU C 295 -39.59 -3.04 17.59
N LEU C 296 -39.96 -4.10 16.87
CA LEU C 296 -41.25 -4.75 17.08
C LEU C 296 -41.45 -5.11 18.55
N ARG C 297 -40.45 -5.77 19.15
CA ARG C 297 -40.52 -6.13 20.56
C ARG C 297 -40.78 -4.93 21.45
N LEU C 298 -39.99 -3.86 21.26
CA LEU C 298 -40.18 -2.66 22.06
C LEU C 298 -41.60 -2.11 21.91
N SER C 299 -42.10 -2.07 20.67
CA SER C 299 -43.50 -1.70 20.44
C SER C 299 -44.44 -2.56 21.28
N GLY C 300 -44.25 -3.88 21.25
CA GLY C 300 -45.06 -4.78 22.06
C GLY C 300 -45.03 -4.39 23.53
N LEU C 301 -43.82 -4.14 24.05
CA LEU C 301 -43.69 -3.73 25.44
C LEU C 301 -44.49 -2.46 25.72
N LYS C 302 -44.41 -1.47 24.83
CA LYS C 302 -45.21 -0.27 24.96
C LYS C 302 -46.69 -0.61 25.06
N ASP C 303 -47.14 -1.51 24.20
CA ASP C 303 -48.54 -1.96 24.25
C ASP C 303 -48.87 -2.55 25.61
N VAL C 304 -47.95 -3.35 26.16
CA VAL C 304 -48.16 -3.95 27.48
C VAL C 304 -48.32 -2.87 28.54
N MET C 305 -47.50 -1.83 28.47
CA MET C 305 -47.66 -0.71 29.40
C MET C 305 -49.04 -0.09 29.30
N GLN C 306 -49.50 0.17 28.07
CA GLN C 306 -50.83 0.74 27.92
C GLN C 306 -51.89 -0.21 28.46
N ILE C 307 -51.67 -1.52 28.30
CA ILE C 307 -52.58 -2.51 28.86
C ILE C 307 -52.67 -2.35 30.37
N ASP C 308 -51.52 -2.23 31.04
CA ASP C 308 -51.54 -2.06 32.50
C ASP C 308 -52.27 -0.78 32.90
N THR C 309 -52.04 0.31 32.15
CA THR C 309 -52.71 1.57 32.45
C THR C 309 -54.23 1.41 32.35
N GLU C 310 -54.70 0.83 31.24
CA GLU C 310 -56.13 0.59 31.07
C GLU C 310 -56.66 -0.35 32.16
N ARG C 311 -55.85 -1.30 32.61
CA ARG C 311 -56.25 -2.17 33.70
C ARG C 311 -56.53 -1.38 34.96
N THR C 312 -55.62 -0.47 35.33
CA THR C 312 -55.86 0.38 36.49
C THR C 312 -57.15 1.19 36.32
N THR C 313 -57.30 1.80 35.13
CA THR C 313 -58.49 2.58 34.85
C THR C 313 -59.76 1.77 35.09
N LEU C 314 -59.84 0.59 34.47
CA LEU C 314 -60.99 -0.28 34.64
C LEU C 314 -61.21 -0.64 36.11
N LEU C 315 -60.12 -1.03 36.79
CA LEU C 315 -60.25 -1.52 38.16
C LEU C 315 -60.78 -0.45 39.10
N THR C 316 -60.48 0.82 38.84
CA THR C 316 -61.06 1.86 39.70
C THR C 316 -62.59 1.79 39.69
N GLU C 317 -63.18 1.85 38.49
CA GLU C 317 -64.64 1.76 38.37
C GLU C 317 -65.16 0.46 38.96
N ALA C 318 -64.47 -0.65 38.67
CA ALA C 318 -64.89 -1.94 39.19
C ALA C 318 -64.93 -1.95 40.71
N VAL C 319 -63.91 -1.36 41.35
CA VAL C 319 -63.88 -1.30 42.81
C VAL C 319 -65.03 -0.45 43.32
N LYS C 320 -65.33 0.65 42.64
CA LYS C 320 -66.47 1.47 43.06
C LYS C 320 -67.76 0.66 43.06
N ILE C 321 -68.05 -0.02 41.95
CA ILE C 321 -69.29 -0.81 41.87
C ILE C 321 -69.28 -1.93 42.91
N GLU C 322 -68.13 -2.57 43.12
CA GLU C 322 -68.03 -3.62 44.12
C GLU C 322 -68.40 -3.09 45.50
N GLN C 323 -67.83 -1.93 45.86
CA GLN C 323 -68.14 -1.33 47.15
C GLN C 323 -69.62 -1.00 47.25
N VAL C 324 -70.20 -0.45 46.18
CA VAL C 324 -71.63 -0.14 46.19
C VAL C 324 -72.43 -1.39 46.53
N TRP C 325 -72.21 -2.48 45.79
CA TRP C 325 -73.03 -3.68 45.99
C TRP C 325 -72.80 -4.29 47.38
N ILE C 326 -71.57 -4.31 47.86
CA ILE C 326 -71.32 -4.90 49.17
C ILE C 326 -71.96 -4.08 50.28
N SER C 327 -71.82 -2.75 50.22
CA SER C 327 -72.46 -1.89 51.21
C SER C 327 -73.97 -2.02 51.17
N PHE C 328 -74.54 -2.09 49.97
CA PHE C 328 -75.98 -2.25 49.83
C PHE C 328 -76.45 -3.55 50.47
N ALA C 329 -75.77 -4.66 50.17
CA ALA C 329 -76.14 -5.94 50.77
C ALA C 329 -76.03 -5.90 52.29
N GLU C 330 -74.97 -5.28 52.81
CA GLU C 330 -74.79 -5.21 54.26
C GLU C 330 -75.92 -4.42 54.92
N GLN C 331 -76.21 -3.23 54.40
CA GLN C 331 -77.29 -2.42 54.97
C GLN C 331 -78.62 -3.13 54.89
N LEU C 332 -78.90 -3.81 53.76
CA LEU C 332 -80.17 -4.49 53.62
C LEU C 332 -80.31 -5.66 54.58
N HIS C 333 -79.23 -6.42 54.79
CA HIS C 333 -79.29 -7.48 55.80
C HIS C 333 -79.52 -6.90 57.20
N LYS C 334 -78.83 -5.80 57.51
CA LYS C 334 -79.00 -5.18 58.81
C LYS C 334 -80.45 -4.79 59.02
N LEU C 335 -81.06 -4.16 58.01
CA LEU C 335 -82.44 -3.74 58.13
C LEU C 335 -83.37 -4.95 58.16
N SER C 336 -83.00 -6.04 57.49
CA SER C 336 -83.86 -7.22 57.47
C SER C 336 -84.00 -7.78 58.87
N ASN C 337 -82.87 -7.91 59.59
CA ASN C 337 -82.95 -8.35 60.97
C ASN C 337 -83.63 -7.31 61.86
N ASP C 338 -83.22 -6.05 61.74
CA ASP C 338 -83.73 -5.00 62.63
C ASP C 338 -85.13 -4.53 62.22
N GLU C 339 -85.34 -4.22 60.94
CA GLU C 339 -86.63 -3.74 60.46
C GLU C 339 -86.97 -2.39 61.09
N ILE C 340 -85.93 -1.62 61.45
CA ILE C 340 -86.14 -0.35 62.14
C ILE C 340 -86.86 0.64 61.23
N ASN C 341 -86.38 0.83 60.00
CA ASN C 341 -86.97 1.79 59.08
C ASN C 341 -87.61 1.05 57.91
N GLN C 342 -88.94 0.99 57.91
CA GLN C 342 -89.67 0.28 56.86
C GLN C 342 -89.66 1.06 55.55
N GLN C 343 -89.82 2.38 55.62
CA GLN C 343 -90.13 3.17 54.43
C GLN C 343 -88.86 3.54 53.65
N ASP C 344 -87.86 4.07 54.34
CA ASP C 344 -86.62 4.43 53.66
C ASP C 344 -85.95 3.20 53.10
N LEU C 345 -86.16 2.03 53.71
CA LEU C 345 -85.60 0.80 53.14
C LEU C 345 -86.10 0.62 51.71
N SER C 346 -87.40 0.74 51.51
CA SER C 346 -87.96 0.66 50.16
C SER C 346 -87.45 1.80 49.28
N ASN C 347 -87.43 3.02 49.83
CA ASN C 347 -86.97 4.17 49.04
C ASN C 347 -85.55 3.99 48.54
N LEU C 348 -84.62 3.60 49.42
CA LEU C 348 -83.24 3.38 49.01
C LEU C 348 -83.17 2.20 48.05
N ILE C 349 -83.97 1.15 48.28
CA ILE C 349 -83.95 0.02 47.35
C ILE C 349 -84.29 0.51 45.95
N ASN C 350 -85.29 1.39 45.85
CA ASN C 350 -85.64 1.97 44.56
C ASN C 350 -84.52 2.88 44.04
N GLY C 351 -83.87 3.63 44.93
CA GLY C 351 -82.74 4.45 44.50
C GLY C 351 -81.63 3.63 43.87
N GLN C 352 -81.27 2.52 44.53
CA GLN C 352 -80.26 1.63 43.96
C GLN C 352 -80.76 1.03 42.65
N LEU C 353 -82.06 0.76 42.56
CA LEU C 353 -82.62 0.30 41.28
C LEU C 353 -82.41 1.37 40.21
N ASP C 354 -82.65 2.64 40.56
CA ASP C 354 -82.38 3.74 39.65
C ASP C 354 -80.91 3.76 39.24
N PHE C 355 -80.03 3.47 40.18
CA PHE C 355 -78.60 3.39 39.90
C PHE C 355 -78.30 2.29 38.87
N LEU C 356 -78.86 1.10 39.10
CA LEU C 356 -78.68 -0.01 38.16
C LEU C 356 -79.20 0.38 36.78
N ASN C 357 -80.39 1.01 36.76
CA ASN C 357 -80.99 1.44 35.52
C ASN C 357 -80.15 2.50 34.83
N ASN C 358 -79.51 3.38 35.60
CA ASN C 358 -78.60 4.37 35.02
C ASN C 358 -77.42 3.68 34.33
N LEU C 359 -76.82 2.70 34.99
CA LEU C 359 -75.71 1.99 34.35
C LEU C 359 -76.18 1.32 33.06
N THR C 360 -77.34 0.65 33.12
CA THR C 360 -77.89 0.01 31.92
C THR C 360 -78.20 1.04 30.83
N LEU C 361 -78.72 2.21 31.22
CA LEU C 361 -79.06 3.25 30.26
C LEU C 361 -77.82 3.71 29.50
N GLN C 362 -76.74 3.99 30.22
CA GLN C 362 -75.50 4.38 29.55
C GLN C 362 -75.00 3.23 28.67
N TYR C 363 -75.02 2.01 29.21
CA TYR C 363 -74.58 0.85 28.45
C TYR C 363 -75.31 0.77 27.10
N ASN C 364 -76.64 0.88 27.12
CA ASN C 364 -77.41 0.81 25.87
C ASN C 364 -77.14 2.00 24.96
N LYS C 365 -76.97 3.20 25.53
CA LYS C 365 -76.78 4.39 24.70
C LYS C 365 -75.46 4.35 23.94
N LEU C 366 -74.36 4.01 24.62
CA LEU C 366 -73.05 4.12 24.00
C LEU C 366 -72.92 3.28 22.73
N LYS C 367 -73.56 2.12 22.70
CA LYS C 367 -73.39 1.15 21.61
C LYS C 367 -72.04 1.28 20.90
N TYR D 30 24.33 -5.77 -29.23
CA TYR D 30 24.76 -5.41 -27.89
C TYR D 30 23.57 -5.36 -26.93
N PRO D 31 23.80 -5.70 -25.67
CA PRO D 31 22.69 -5.71 -24.70
C PRO D 31 22.28 -4.32 -24.26
N GLU D 32 20.98 -4.17 -24.00
CA GLU D 32 20.46 -2.92 -23.50
C GLU D 32 21.10 -2.62 -22.15
N ILE D 33 21.41 -1.35 -21.91
CA ILE D 33 22.02 -0.93 -20.66
C ILE D 33 21.30 0.31 -20.16
N ASN D 34 20.95 0.30 -18.88
CA ASN D 34 20.29 1.44 -18.23
C ASN D 34 21.36 2.09 -17.35
N ILE D 35 22.05 3.10 -17.90
CA ILE D 35 23.09 3.78 -17.13
C ILE D 35 22.47 4.72 -16.09
N LYS D 36 21.25 5.19 -16.34
CA LYS D 36 20.61 6.08 -15.38
C LYS D 36 20.58 5.45 -14.00
N ALA D 37 20.21 4.16 -13.93
CA ALA D 37 20.24 3.46 -12.64
C ALA D 37 21.66 3.43 -12.09
N MET D 38 22.67 3.30 -12.96
CA MET D 38 24.06 3.23 -12.49
C MET D 38 24.48 4.55 -11.83
N ASN D 39 24.33 5.66 -12.56
CA ASN D 39 24.71 6.95 -12.02
C ASN D 39 23.87 7.31 -10.79
N GLN D 40 22.59 6.95 -10.80
CA GLN D 40 21.74 7.25 -9.66
C GLN D 40 22.19 6.44 -8.44
N ALA D 41 22.64 5.20 -8.67
CA ALA D 41 23.20 4.40 -7.60
C ALA D 41 24.46 5.05 -7.04
N VAL D 42 25.34 5.54 -7.91
CA VAL D 42 26.54 6.22 -7.45
C VAL D 42 26.17 7.42 -6.57
N ASN D 43 25.27 8.25 -7.06
CA ASN D 43 24.89 9.46 -6.32
C ASN D 43 24.23 9.11 -4.99
N THR D 44 23.33 8.13 -4.98
CA THR D 44 22.69 7.71 -3.74
C THR D 44 23.71 7.15 -2.76
N ILE D 45 24.70 6.41 -3.26
CA ILE D 45 25.77 5.93 -2.40
C ILE D 45 26.48 7.10 -1.74
N TRP D 46 26.81 8.11 -2.54
CA TRP D 46 27.46 9.31 -1.99
C TRP D 46 26.59 9.94 -0.92
N LEU D 47 25.30 10.11 -1.19
CA LEU D 47 24.40 10.71 -0.20
C LEU D 47 24.41 9.93 1.10
N LEU D 48 24.14 8.61 1.02
CA LEU D 48 24.08 7.81 2.22
C LEU D 48 25.41 7.86 2.97
N ALA D 49 26.53 7.89 2.25
CA ALA D 49 27.82 8.07 2.89
C ALA D 49 27.87 9.39 3.65
N GLN D 50 27.29 10.45 3.07
CA GLN D 50 27.30 11.75 3.75
C GLN D 50 26.52 11.68 5.06
N ARG D 51 25.35 11.05 5.05
CA ARG D 51 24.50 10.99 6.23
C ARG D 51 24.43 9.54 6.73
N GLN D 52 25.06 9.28 7.88
CA GLN D 52 24.92 7.97 8.52
C GLN D 52 24.91 8.18 10.02
N THR D 53 23.76 7.91 10.62
CA THR D 53 23.58 8.09 12.06
C THR D 53 24.59 7.25 12.85
N SER D 54 24.68 5.96 12.50
CA SER D 54 25.52 5.03 13.25
C SER D 54 26.93 5.55 13.46
N GLY D 55 27.35 5.53 14.73
CA GLY D 55 28.59 6.13 15.20
C GLY D 55 29.84 5.31 15.00
N ILE D 56 29.74 4.08 14.51
CA ILE D 56 30.91 3.20 14.46
C ILE D 56 31.91 3.81 13.47
N GLU D 57 33.11 4.14 13.95
CA GLU D 57 34.07 4.81 13.07
C GLU D 57 34.48 3.93 11.90
N ILE D 58 34.75 2.65 12.14
CA ILE D 58 35.17 1.78 11.05
C ILE D 58 34.12 1.77 9.95
N ILE D 59 32.84 1.71 10.33
CA ILE D 59 31.78 1.74 9.31
C ILE D 59 31.83 3.06 8.55
N ASN D 60 32.04 4.18 9.27
CA ASN D 60 32.15 5.46 8.60
C ASN D 60 33.27 5.45 7.56
N ASP D 61 34.45 4.99 7.95
CA ASP D 61 35.60 4.97 7.05
C ASP D 61 35.33 4.09 5.84
N LYS D 62 34.82 2.88 6.06
CA LYS D 62 34.54 1.98 4.94
C LYS D 62 33.53 2.60 3.98
N VAL D 63 32.47 3.22 4.51
CA VAL D 63 31.49 3.86 3.63
C VAL D 63 32.12 5.02 2.87
N LYS D 64 32.96 5.81 3.55
CA LYS D 64 33.67 6.90 2.88
C LYS D 64 34.51 6.35 1.73
N ARG D 65 35.24 5.27 1.99
CA ARG D 65 36.10 4.68 0.97
C ARG D 65 35.28 4.18 -0.21
N ILE D 66 34.15 3.52 0.06
CA ILE D 66 33.34 2.97 -1.03
C ILE D 66 32.71 4.09 -1.84
N SER D 67 32.24 5.15 -1.18
CA SER D 67 31.65 6.27 -1.91
C SER D 67 32.70 6.96 -2.78
N LEU D 68 33.91 7.15 -2.24
CA LEU D 68 34.97 7.78 -3.03
C LEU D 68 35.35 6.90 -4.22
N TYR D 69 35.49 5.58 -4.00
CA TYR D 69 35.79 4.68 -5.11
C TYR D 69 34.69 4.73 -6.17
N SER D 70 33.43 4.74 -5.75
CA SER D 70 32.33 4.77 -6.70
C SER D 70 32.33 6.06 -7.51
N ARG D 71 32.57 7.18 -6.83
CA ARG D 71 32.61 8.46 -7.52
C ARG D 71 33.79 8.53 -8.49
N GLU D 72 34.96 8.07 -8.06
CA GLU D 72 36.09 7.96 -8.97
C GLU D 72 35.73 7.10 -10.17
N PHE D 73 34.95 6.04 -9.96
CA PHE D 73 34.54 5.20 -11.07
C PHE D 73 33.64 5.95 -12.03
N ASP D 74 32.72 6.75 -11.50
CA ASP D 74 31.87 7.58 -12.36
C ASP D 74 32.72 8.51 -13.21
N GLU D 75 33.64 9.23 -12.58
CA GLU D 75 34.53 10.12 -13.30
C GLU D 75 35.34 9.37 -14.36
N MET D 76 35.85 8.20 -13.99
CA MET D 76 36.66 7.41 -14.90
C MET D 76 35.83 6.90 -16.08
N MET D 77 34.57 6.57 -15.84
CA MET D 77 33.69 6.13 -16.92
C MET D 77 33.44 7.27 -17.89
N ARG D 78 33.11 8.46 -17.37
CA ARG D 78 32.99 9.63 -18.24
C ARG D 78 34.26 9.83 -19.07
N ASP D 79 35.42 9.78 -18.41
CA ASP D 79 36.68 10.01 -19.13
C ASP D 79 36.91 8.96 -20.19
N SER D 80 36.61 7.69 -19.86
CA SER D 80 36.81 6.61 -20.82
C SER D 80 35.93 6.79 -22.05
N LEU D 81 34.66 7.14 -21.85
CA LEU D 81 33.78 7.39 -23.00
C LEU D 81 34.29 8.56 -23.83
N ALA D 82 34.61 9.67 -23.16
CA ALA D 82 35.03 10.88 -23.88
C ALA D 82 36.32 10.65 -24.65
N GLN D 83 37.19 9.75 -24.16
CA GLN D 83 38.44 9.47 -24.85
C GLN D 83 38.29 8.41 -25.92
N LEU D 84 37.39 7.44 -25.72
CA LEU D 84 37.27 6.33 -26.65
C LEU D 84 36.48 6.73 -27.89
N ALA D 85 35.38 7.47 -27.72
CA ALA D 85 34.57 7.83 -28.89
C ALA D 85 35.39 8.57 -29.94
N PRO D 86 36.22 9.55 -29.60
CA PRO D 86 37.06 10.20 -30.63
C PRO D 86 37.98 9.23 -31.36
N VAL D 87 38.53 8.23 -30.67
CA VAL D 87 39.46 7.31 -31.34
C VAL D 87 38.75 6.56 -32.45
N LEU D 88 37.57 6.02 -32.16
CA LEU D 88 36.82 5.31 -33.19
C LEU D 88 36.34 6.24 -34.28
N LYS D 89 35.92 7.46 -33.91
CA LYS D 89 35.52 8.42 -34.94
C LYS D 89 36.67 8.73 -35.87
N GLN D 90 37.90 8.85 -35.33
CA GLN D 90 39.06 9.08 -36.17
C GLN D 90 39.34 7.86 -37.05
N LEU D 91 39.18 6.66 -36.50
CA LEU D 91 39.38 5.46 -37.31
C LEU D 91 38.42 5.44 -38.49
N THR D 92 37.15 5.75 -38.24
CA THR D 92 36.16 5.77 -39.33
C THR D 92 36.47 6.87 -40.33
N SER D 93 36.86 8.06 -39.86
CA SER D 93 37.16 9.18 -40.73
C SER D 93 38.54 9.08 -41.36
N ASP D 94 39.30 8.02 -41.08
CA ASP D 94 40.52 7.76 -41.83
C ASP D 94 40.21 7.18 -43.19
N ALA D 95 39.14 6.38 -43.28
CA ALA D 95 38.56 5.94 -44.54
C ALA D 95 39.53 5.11 -45.40
N ALA D 96 40.59 4.55 -44.81
CA ALA D 96 41.43 3.68 -45.65
C ALA D 96 40.64 2.49 -46.15
N PHE D 97 39.43 2.27 -45.61
CA PHE D 97 38.52 1.25 -46.08
C PHE D 97 37.83 1.65 -47.37
N GLN D 98 37.41 2.91 -47.49
CA GLN D 98 36.77 3.32 -48.74
C GLN D 98 37.73 3.13 -49.92
N THR D 99 38.99 3.53 -49.76
CA THR D 99 39.98 3.30 -50.80
C THR D 99 40.22 1.81 -51.02
N ILE D 100 40.42 1.07 -49.92
CA ILE D 100 40.66 -0.37 -50.00
C ILE D 100 39.53 -1.05 -50.77
N ALA D 101 38.29 -0.69 -50.44
CA ALA D 101 37.12 -1.26 -51.10
C ALA D 101 37.11 -0.92 -52.58
N GLN D 102 37.42 0.34 -52.93
CA GLN D 102 37.51 0.68 -54.34
C GLN D 102 38.47 -0.26 -55.07
N ILE D 103 39.68 -0.43 -54.52
CA ILE D 103 40.69 -1.21 -55.25
C ILE D 103 40.30 -2.69 -55.27
N ASP D 104 39.68 -3.18 -54.19
CA ASP D 104 39.26 -4.58 -54.17
C ASP D 104 38.16 -4.83 -55.19
N GLU D 105 37.12 -4.00 -55.19
CA GLU D 105 36.05 -4.15 -56.17
C GLU D 105 36.59 -4.08 -57.59
N ALA D 106 37.53 -3.16 -57.86
CA ALA D 106 38.15 -3.11 -59.17
C ALA D 106 38.95 -4.38 -59.46
N LEU D 107 39.54 -4.98 -58.44
CA LEU D 107 40.41 -6.14 -58.63
C LEU D 107 39.62 -7.40 -58.95
N ALA D 108 38.37 -7.50 -58.49
CA ALA D 108 37.61 -8.74 -58.61
C ALA D 108 37.60 -9.25 -60.04
N ASP D 109 37.31 -8.38 -61.01
CA ASP D 109 37.28 -8.81 -62.39
C ASP D 109 38.68 -9.19 -62.87
N PRO D 110 38.79 -10.17 -63.75
CA PRO D 110 40.12 -10.66 -64.18
C PRO D 110 40.67 -10.00 -65.45
N SER D 111 40.14 -8.88 -65.89
CA SER D 111 40.60 -8.27 -67.15
C SER D 111 42.04 -7.78 -67.02
N LEU D 112 42.34 -7.02 -65.96
CA LEU D 112 43.64 -6.37 -65.85
C LEU D 112 44.77 -7.41 -65.84
N SER D 113 45.99 -6.92 -66.02
CA SER D 113 47.14 -7.74 -66.33
C SER D 113 47.80 -8.29 -65.06
N LYS D 114 48.78 -9.18 -65.26
CA LYS D 114 49.62 -9.64 -64.16
C LYS D 114 50.32 -8.47 -63.47
N ASP D 115 50.69 -7.44 -64.22
CA ASP D 115 51.37 -6.29 -63.63
C ASP D 115 50.41 -5.40 -62.87
N ASP D 116 49.24 -5.12 -63.45
CA ASP D 116 48.22 -4.39 -62.72
C ASP D 116 47.79 -5.15 -61.46
N ARG D 117 47.66 -6.47 -61.58
CA ARG D 117 47.36 -7.28 -60.41
C ARG D 117 48.47 -7.16 -59.36
N GLU D 118 49.73 -7.21 -59.80
CA GLU D 118 50.84 -7.03 -58.87
C GLU D 118 50.72 -5.71 -58.12
N ALA D 119 50.51 -4.62 -58.86
CA ALA D 119 50.39 -3.30 -58.23
C ALA D 119 49.26 -3.27 -57.22
N LEU D 120 48.06 -3.70 -57.64
CA LEU D 120 46.90 -3.62 -56.78
C LEU D 120 47.05 -4.51 -55.55
N THR D 121 47.65 -5.70 -55.71
CA THR D 121 47.80 -6.61 -54.58
C THR D 121 48.84 -6.10 -53.59
N LEU D 122 49.96 -5.57 -54.08
CA LEU D 122 50.94 -4.99 -53.17
C LEU D 122 50.35 -3.82 -52.40
N GLU D 123 49.63 -2.93 -53.10
CA GLU D 123 48.96 -1.84 -52.41
C GLU D 123 47.95 -2.37 -51.40
N ARG D 124 47.19 -3.40 -51.76
CA ARG D 124 46.22 -3.97 -50.85
C ARG D 124 46.87 -4.47 -49.57
N ASN D 125 47.93 -5.28 -49.70
CA ASN D 125 48.56 -5.83 -48.50
C ASN D 125 49.18 -4.73 -47.65
N ASN D 126 49.90 -3.80 -48.29
CA ASN D 126 50.47 -2.69 -47.54
C ASN D 126 49.41 -1.91 -46.79
N LEU D 127 48.32 -1.56 -47.47
CA LEU D 127 47.28 -0.75 -46.86
C LEU D 127 46.57 -1.49 -45.73
N ILE D 128 46.27 -2.78 -45.92
CA ILE D 128 45.65 -3.54 -44.83
C ILE D 128 46.59 -3.60 -43.63
N GLN D 129 47.90 -3.75 -43.87
CA GLN D 129 48.83 -3.76 -42.74
C GLN D 129 48.85 -2.41 -42.03
N ASN D 130 48.76 -1.32 -42.80
CA ASN D 130 48.68 0.01 -42.18
C ASN D 130 47.44 0.12 -41.29
N LEU D 131 46.30 -0.35 -41.80
CA LEU D 131 45.10 -0.40 -40.99
C LEU D 131 45.32 -1.26 -39.75
N SER D 132 46.07 -2.36 -39.89
CA SER D 132 46.37 -3.21 -38.74
C SER D 132 47.14 -2.45 -37.67
N LYS D 133 48.12 -1.64 -38.08
CA LYS D 133 48.84 -0.80 -37.14
C LYS D 133 47.88 0.12 -36.39
N HIS D 134 47.01 0.79 -37.15
CA HIS D 134 46.05 1.69 -36.52
C HIS D 134 45.13 0.93 -35.56
N ILE D 135 44.67 -0.24 -35.98
CA ILE D 135 43.78 -1.06 -35.16
C ILE D 135 44.49 -1.49 -33.88
N ASP D 136 45.79 -1.75 -33.96
CA ASP D 136 46.56 -2.12 -32.78
C ASP D 136 46.65 -0.96 -31.81
N ASN D 137 46.84 0.27 -32.31
CA ASN D 137 46.79 1.42 -31.41
C ASN D 137 45.42 1.53 -30.74
N VAL D 138 44.35 1.28 -31.52
CA VAL D 138 43.00 1.30 -30.95
C VAL D 138 42.86 0.27 -29.85
N ILE D 139 43.36 -0.95 -30.10
CA ILE D 139 43.24 -2.03 -29.11
C ILE D 139 44.02 -1.68 -27.86
N VAL D 140 45.19 -1.04 -28.02
CA VAL D 140 45.96 -0.63 -26.85
C VAL D 140 45.15 0.35 -26.02
N SER D 141 44.56 1.36 -26.66
CA SER D 141 43.76 2.33 -25.93
C SER D 141 42.59 1.66 -25.20
N PHE D 142 41.80 0.86 -25.93
CA PHE D 142 40.66 0.19 -25.31
C PHE D 142 41.09 -0.68 -24.14
N THR D 143 42.17 -1.45 -24.32
CA THR D 143 42.61 -2.35 -23.27
C THR D 143 43.07 -1.57 -22.04
N GLY D 144 43.77 -0.45 -22.24
CA GLY D 144 44.17 0.35 -21.09
C GLY D 144 42.99 0.88 -20.32
N ARG D 145 42.01 1.46 -21.02
CA ARG D 145 40.85 2.00 -20.32
C ARG D 145 40.07 0.91 -19.60
N THR D 146 39.85 -0.23 -20.26
CA THR D 146 39.13 -1.32 -19.60
C THR D 146 39.89 -1.83 -18.39
N SER D 147 41.22 -1.88 -18.47
CA SER D 147 41.99 -2.38 -17.33
C SER D 147 41.90 -1.42 -16.14
N LYS D 148 41.95 -0.12 -16.40
CA LYS D 148 41.81 0.83 -15.29
C LYS D 148 40.42 0.75 -14.68
N LEU D 149 39.39 0.62 -15.53
CA LEU D 149 38.03 0.41 -15.03
C LEU D 149 37.94 -0.85 -14.19
N THR D 150 38.57 -1.94 -14.65
CA THR D 150 38.54 -3.20 -13.91
C THR D 150 39.22 -3.03 -12.55
N ASN D 151 40.33 -2.31 -12.50
CA ASN D 151 41.02 -2.09 -11.24
C ASN D 151 40.13 -1.32 -10.28
N LYS D 152 39.39 -0.33 -10.78
CA LYS D 152 38.48 0.41 -9.91
C LYS D 152 37.32 -0.48 -9.44
N ILE D 153 36.79 -1.31 -10.34
CA ILE D 153 35.74 -2.25 -9.96
C ILE D 153 36.21 -3.18 -8.86
N SER D 154 37.45 -3.66 -8.96
CA SER D 154 37.99 -4.52 -7.91
C SER D 154 38.14 -3.76 -6.60
N ASP D 155 38.67 -2.53 -6.67
CA ASP D 155 38.77 -1.71 -5.46
C ASP D 155 37.42 -1.57 -4.77
N ILE D 156 36.36 -1.39 -5.56
CA ILE D 156 35.03 -1.23 -4.96
C ILE D 156 34.53 -2.55 -4.38
N SER D 157 34.54 -3.61 -5.18
CA SER D 157 33.90 -4.86 -4.77
C SER D 157 34.62 -5.49 -3.58
N ASP D 158 35.95 -5.53 -3.63
CA ASP D 158 36.70 -6.16 -2.54
C ASP D 158 36.42 -5.50 -1.20
N MET D 159 36.20 -4.18 -1.19
CA MET D 159 35.95 -3.49 0.06
C MET D 159 34.69 -4.03 0.72
N VAL D 160 34.82 -4.41 1.99
CA VAL D 160 33.71 -4.94 2.78
C VAL D 160 33.49 -4.01 3.97
N ILE D 161 32.25 -3.54 4.14
CA ILE D 161 31.94 -2.62 5.22
C ILE D 161 31.99 -3.35 6.56
N ALA D 162 31.37 -4.52 6.63
CA ALA D 162 31.30 -5.31 7.85
C ALA D 162 31.03 -6.75 7.46
N GLU D 163 31.32 -7.67 8.39
CA GLU D 163 31.22 -9.08 8.07
C GLU D 163 29.79 -9.61 8.17
N ARG D 164 29.02 -9.14 9.15
CA ARG D 164 27.64 -9.59 9.35
C ARG D 164 26.77 -8.41 9.78
N LEU D 165 26.49 -7.50 8.84
CA LEU D 165 25.67 -6.33 9.13
C LEU D 165 24.29 -6.72 9.63
N GLN D 166 23.68 -7.74 9.03
CA GLN D 166 22.37 -8.18 9.48
C GLN D 166 22.38 -8.48 10.97
N ASP D 167 23.49 -9.00 11.48
CA ASP D 167 23.61 -9.25 12.91
C ASP D 167 23.58 -7.94 13.69
N LEU D 168 24.23 -6.89 13.18
CA LEU D 168 24.16 -5.59 13.84
C LEU D 168 22.73 -5.08 13.90
N VAL D 169 22.00 -5.19 12.78
CA VAL D 169 20.61 -4.77 12.77
C VAL D 169 19.79 -5.58 13.76
N THR D 170 20.05 -6.89 13.82
CA THR D 170 19.34 -7.76 14.75
C THR D 170 19.59 -7.35 16.19
N GLN D 171 20.87 -7.10 16.54
CA GLN D 171 21.19 -6.64 17.88
C GLN D 171 20.47 -5.35 18.21
N THR D 172 20.47 -4.41 17.27
CA THR D 172 19.84 -3.11 17.53
C THR D 172 18.34 -3.27 17.78
N GLU D 173 17.67 -4.04 16.92
CA GLU D 173 16.22 -4.23 17.09
C GLU D 173 15.91 -5.01 18.36
N SER D 174 16.75 -5.99 18.71
CA SER D 174 16.56 -6.72 19.96
C SER D 174 16.66 -5.78 21.15
N GLN D 175 17.65 -4.89 21.14
CA GLN D 175 17.79 -3.92 22.22
C GLN D 175 16.57 -3.01 22.28
N LYS D 176 16.06 -2.58 21.12
CA LYS D 176 14.85 -1.77 21.09
C LYS D 176 13.68 -2.49 21.73
N THR D 177 13.50 -3.77 21.38
CA THR D 177 12.40 -4.55 21.97
C THR D 177 12.58 -4.69 23.48
N GLU D 178 13.80 -4.94 23.93
CA GLU D 178 14.05 -5.06 25.37
C GLU D 178 13.73 -3.76 26.09
N LEU D 179 14.06 -2.63 25.48
CA LEU D 179 13.76 -1.34 26.09
C LEU D 179 12.25 -1.11 26.17
N GLN D 180 11.52 -1.47 25.11
CA GLN D 180 10.06 -1.37 25.17
C GLN D 180 9.49 -2.26 26.28
N SER D 181 10.03 -3.47 26.41
CA SER D 181 9.57 -4.40 27.44
C SER D 181 9.87 -3.90 28.84
N ASP D 182 10.97 -3.18 29.01
CA ASP D 182 11.27 -2.54 30.29
C ASP D 182 10.43 -1.30 30.52
N ILE D 183 9.93 -0.67 29.45
CA ILE D 183 9.11 0.52 29.59
C ILE D 183 7.71 0.14 30.06
N ASP D 184 7.09 -0.84 29.42
CA ASP D 184 5.68 -1.15 29.69
C ASP D 184 5.35 -1.34 31.17
N PRO D 185 6.10 -2.14 31.94
CA PRO D 185 5.75 -2.30 33.37
C PRO D 185 5.76 -1.00 34.14
N LYS D 186 6.64 -0.07 33.77
CA LYS D 186 6.66 1.23 34.41
C LYS D 186 5.36 1.97 34.18
N THR D 187 4.82 1.87 32.96
CA THR D 187 3.54 2.49 32.65
C THR D 187 2.42 1.85 33.46
N GLU D 188 2.45 0.53 33.59
CA GLU D 188 1.44 -0.16 34.40
C GLU D 188 1.48 0.31 35.84
N LYS D 189 2.68 0.39 36.42
CA LYS D 189 2.82 0.88 37.79
C LYS D 189 2.32 2.31 37.91
N ARG D 190 2.58 3.13 36.88
CA ARG D 190 2.06 4.50 36.86
C ARG D 190 0.54 4.48 36.90
N ASN D 191 -0.08 3.58 36.16
CA ASN D 191 -1.54 3.50 36.13
C ASN D 191 -2.07 3.17 37.52
N LYS D 192 -1.44 2.20 38.19
CA LYS D 192 -1.83 1.86 39.55
C LYS D 192 -1.67 3.03 40.51
N LEU D 193 -0.54 3.71 40.43
CA LEU D 193 -0.27 4.82 41.35
C LEU D 193 -1.27 5.95 41.14
N ASP D 194 -1.63 6.20 39.88
CA ASP D 194 -2.63 7.23 39.59
C ASP D 194 -3.99 6.83 40.15
N ALA D 195 -4.34 5.54 40.06
CA ALA D 195 -5.61 5.08 40.64
C ALA D 195 -5.63 5.32 42.15
N ASP D 196 -4.54 4.96 42.83
CA ASP D 196 -4.48 5.17 44.28
C ASP D 196 -4.57 6.65 44.63
N ARG D 197 -3.86 7.50 43.87
CA ARG D 197 -3.97 8.94 44.08
C ARG D 197 -5.39 9.43 43.85
N GLU D 198 -6.09 8.85 42.88
CA GLU D 198 -7.50 9.18 42.67
C GLU D 198 -8.31 8.86 43.93
N LYS D 199 -8.07 7.70 44.53
CA LYS D 199 -8.78 7.36 45.76
C LYS D 199 -8.52 8.39 46.85
N ILE D 200 -7.25 8.76 47.03
CA ILE D 200 -6.91 9.72 48.08
C ILE D 200 -7.60 11.06 47.84
N ILE D 201 -7.58 11.55 46.58
CA ILE D 201 -8.18 12.85 46.32
C ILE D 201 -9.70 12.79 46.42
N GLU D 202 -10.31 11.65 46.10
CA GLU D 202 -11.73 11.49 46.35
C GLU D 202 -12.04 11.63 47.84
N SER D 203 -11.24 10.96 48.68
CA SER D 203 -11.45 11.06 50.13
C SER D 203 -11.29 12.51 50.59
N GLN D 204 -10.25 13.19 50.11
CA GLN D 204 -10.03 14.58 50.48
C GLN D 204 -11.21 15.45 50.07
N ASP D 205 -11.69 15.29 48.84
CA ASP D 205 -12.82 16.08 48.35
C ASP D 205 -14.08 15.80 49.16
N VAL D 206 -14.27 14.55 49.59
CA VAL D 206 -15.44 14.23 50.41
C VAL D 206 -15.35 14.94 51.75
N ILE D 207 -14.18 14.89 52.37
CA ILE D 207 -13.97 15.61 53.63
C ILE D 207 -14.27 17.10 53.43
N ARG D 208 -13.74 17.67 52.35
CA ARG D 208 -13.94 19.09 52.09
C ARG D 208 -15.42 19.40 51.89
N GLN D 209 -16.14 18.55 51.16
CA GLN D 209 -17.56 18.78 50.93
C GLN D 209 -18.35 18.77 52.22
N ASN D 210 -18.07 17.80 53.09
CA ASN D 210 -18.82 17.66 54.33
C ASN D 210 -18.14 18.38 55.50
N ASN D 211 -17.07 19.12 55.23
CA ASN D 211 -16.39 19.93 56.23
C ASN D 211 -16.14 19.14 57.51
N ILE D 212 -15.83 17.85 57.36
CA ILE D 212 -15.53 17.03 58.53
C ILE D 212 -14.30 17.57 59.24
N ALA D 213 -13.38 18.19 58.49
CA ALA D 213 -12.17 18.74 59.09
C ALA D 213 -12.50 19.74 60.19
N ASP D 214 -13.54 20.57 59.98
CA ASP D 214 -13.95 21.51 61.01
C ASP D 214 -14.69 20.80 62.14
N MET D 215 -15.55 19.84 61.79
CA MET D 215 -16.31 19.11 62.80
C MET D 215 -15.39 18.27 63.69
N PHE D 216 -14.48 17.52 63.08
CA PHE D 216 -13.54 16.69 63.81
C PHE D 216 -12.15 17.29 63.76
N LYS D 217 -11.29 16.74 64.61
CA LYS D 217 -9.97 17.30 64.86
C LYS D 217 -9.04 16.88 63.73
N ASP D 218 -7.74 17.16 63.90
CA ASP D 218 -6.77 16.82 62.87
C ASP D 218 -6.93 15.35 62.48
N PHE D 219 -7.09 14.49 63.48
CA PHE D 219 -7.13 13.05 63.25
C PHE D 219 -8.35 12.66 62.44
N ILE D 220 -8.20 11.63 61.62
CA ILE D 220 -9.31 11.16 60.78
C ILE D 220 -10.38 10.54 61.67
N PRO D 221 -11.67 10.77 61.41
CA PRO D 221 -12.71 10.13 62.23
C PRO D 221 -12.78 8.64 61.97
N SER D 222 -12.89 7.88 63.05
CA SER D 222 -13.04 6.42 62.98
C SER D 222 -14.45 6.06 62.52
N ALA D 223 -14.68 4.75 62.36
CA ALA D 223 -15.98 4.26 61.92
C ALA D 223 -17.09 4.69 62.88
N LYS D 224 -16.87 4.51 64.18
CA LYS D 224 -17.87 4.90 65.16
C LYS D 224 -18.20 6.39 65.04
N ASP D 225 -17.19 7.22 64.80
CA ASP D 225 -17.40 8.65 64.72
C ASP D 225 -18.42 8.99 63.64
N ILE D 226 -18.27 8.39 62.46
CA ILE D 226 -19.24 8.61 61.39
C ILE D 226 -20.57 7.98 61.77
N ASP D 227 -20.52 6.80 62.41
CA ASP D 227 -21.75 6.12 62.82
C ASP D 227 -22.59 7.01 63.72
N GLY D 228 -21.97 7.97 64.41
CA GLY D 228 -22.72 8.87 65.25
C GLY D 228 -23.54 9.74 64.33
N LEU D 229 -24.84 9.46 64.26
CA LEU D 229 -25.66 10.02 63.19
C LEU D 229 -25.60 11.54 63.19
N ASP D 230 -25.52 12.10 61.99
CA ASP D 230 -25.62 13.54 61.74
C ASP D 230 -26.32 13.89 60.44
N PHE D 231 -26.28 13.02 59.42
CA PHE D 231 -26.92 13.28 58.14
C PHE D 231 -27.90 12.16 57.81
N THR D 232 -27.43 11.11 57.14
CA THR D 232 -28.31 10.02 56.72
C THR D 232 -27.47 8.80 56.35
N GLN D 233 -28.06 7.61 56.52
CA GLN D 233 -27.29 6.37 56.41
C GLN D 233 -26.71 6.10 55.02
N PRO D 234 -27.41 6.34 53.91
CA PRO D 234 -26.76 6.13 52.60
C PRO D 234 -25.51 6.98 52.42
N LYS D 235 -25.62 8.28 52.68
CA LYS D 235 -24.44 9.14 52.60
C LYS D 235 -23.38 8.67 53.59
N LYS D 236 -23.79 8.34 54.81
CA LYS D 236 -22.81 7.87 55.80
C LYS D 236 -22.03 6.68 55.28
N GLU D 237 -22.71 5.71 54.66
CA GLU D 237 -22.01 4.53 54.18
C GLU D 237 -21.05 4.89 53.05
N ALA D 238 -21.50 5.74 52.12
CA ALA D 238 -20.61 6.17 51.05
C ALA D 238 -19.37 6.87 51.60
N ILE D 239 -19.57 7.79 52.55
CA ILE D 239 -18.45 8.52 53.15
C ILE D 239 -17.53 7.56 53.89
N LYS D 240 -18.10 6.61 54.63
CA LYS D 240 -17.30 5.65 55.38
C LYS D 240 -16.41 4.85 54.44
N GLN D 241 -16.98 4.37 53.33
CA GLN D 241 -16.19 3.59 52.38
C GLN D 241 -15.09 4.44 51.74
N ALA D 242 -15.43 5.68 51.36
CA ALA D 242 -14.43 6.57 50.77
C ALA D 242 -13.29 6.83 51.74
N ILE D 243 -13.63 7.13 53.00
CA ILE D 243 -12.61 7.39 54.01
C ILE D 243 -11.76 6.15 54.24
N LYS D 244 -12.39 4.97 54.25
CA LYS D 244 -11.62 3.75 54.44
C LYS D 244 -10.60 3.55 53.33
N GLN D 245 -11.03 3.72 52.08
CA GLN D 245 -10.09 3.55 50.97
C GLN D 245 -8.96 4.56 51.06
N GLY D 246 -9.30 5.84 51.20
CA GLY D 246 -8.27 6.86 51.28
C GLY D 246 -7.29 6.62 52.42
N ALA D 247 -7.81 6.35 53.62
CA ALA D 247 -6.95 6.17 54.78
C ALA D 247 -6.06 4.94 54.62
N GLU D 248 -6.61 3.83 54.14
CA GLU D 248 -5.80 2.63 53.96
C GLU D 248 -4.66 2.90 52.98
N ILE D 249 -4.97 3.49 51.83
CA ILE D 249 -3.93 3.78 50.84
C ILE D 249 -2.88 4.70 51.44
N ALA D 250 -3.32 5.76 52.11
CA ALA D 250 -2.38 6.74 52.65
C ALA D 250 -1.46 6.11 53.69
N ARG D 251 -2.03 5.33 54.62
CA ARG D 251 -1.21 4.74 55.67
C ARG D 251 -0.25 3.70 55.10
N LYS D 252 -0.69 2.94 54.09
CA LYS D 252 0.22 1.97 53.48
C LYS D 252 1.37 2.68 52.79
N ILE D 253 1.10 3.77 52.06
CA ILE D 253 2.17 4.49 51.39
C ILE D 253 3.12 5.12 52.40
N LEU D 254 2.58 5.77 53.44
CA LEU D 254 3.41 6.45 54.41
C LEU D 254 4.02 5.50 55.43
N GLY D 255 3.54 4.27 55.51
CA GLY D 255 4.05 3.33 56.48
C GLY D 255 3.48 3.48 57.87
N LYS D 256 2.65 4.49 58.11
CA LYS D 256 2.06 4.69 59.42
C LYS D 256 0.99 3.62 59.68
N VAL D 257 0.63 3.48 60.95
CA VAL D 257 -0.42 2.56 61.36
C VAL D 257 -1.73 3.35 61.31
N SER D 258 -2.87 2.65 61.37
CA SER D 258 -4.15 3.35 61.21
C SER D 258 -4.35 4.43 62.28
N GLU D 259 -3.85 4.20 63.49
CA GLU D 259 -4.06 5.15 64.58
C GLU D 259 -3.29 6.44 64.33
N GLY D 260 -3.87 7.55 64.74
CA GLY D 260 -3.27 8.87 64.63
C GLY D 260 -3.07 9.39 63.22
N LEU D 261 -3.78 8.83 62.24
CA LEU D 261 -3.80 9.36 60.88
C LEU D 261 -4.53 10.71 60.84
N LYS D 262 -3.80 11.80 60.58
CA LYS D 262 -4.41 13.12 60.43
C LYS D 262 -4.57 13.44 58.93
N TYR D 263 -5.49 14.36 58.64
CA TYR D 263 -5.74 14.74 57.25
C TYR D 263 -4.43 15.09 56.53
N ILE D 264 -3.50 15.74 57.25
CA ILE D 264 -2.22 16.07 56.65
C ILE D 264 -1.52 14.80 56.19
N ASP D 265 -1.76 13.67 56.88
CA ASP D 265 -1.20 12.40 56.43
C ASP D 265 -1.72 12.04 55.05
N LEU D 266 -3.01 12.28 54.80
CA LEU D 266 -3.57 12.05 53.46
C LEU D 266 -2.90 12.95 52.43
N ALA D 267 -2.77 14.23 52.75
CA ALA D 267 -2.13 15.13 51.79
C ALA D 267 -0.69 14.69 51.51
N ASP D 268 0.04 14.31 52.56
CA ASP D 268 1.42 13.86 52.41
C ASP D 268 1.51 12.60 51.58
N ALA D 269 0.66 11.61 51.86
CA ALA D 269 0.65 10.37 51.07
C ALA D 269 0.34 10.66 49.61
N ARG D 270 -0.65 11.52 49.35
CA ARG D 270 -0.94 11.93 47.98
C ARG D 270 0.31 12.49 47.32
N MET D 271 0.99 13.39 48.02
CA MET D 271 2.12 14.07 47.43
C MET D 271 3.26 13.09 47.16
N LYS D 272 3.48 12.14 48.06
CA LYS D 272 4.51 11.12 47.83
C LYS D 272 4.15 10.24 46.64
N LEU D 273 2.87 9.91 46.49
CA LEU D 273 2.44 9.16 45.31
C LEU D 273 2.69 9.96 44.04
N SER D 274 2.40 11.26 44.06
CA SER D 274 2.68 12.10 42.90
C SER D 274 4.17 12.10 42.58
N ASP D 275 5.01 12.18 43.61
CA ASP D 275 6.45 12.13 43.41
C ASP D 275 6.88 10.81 42.78
N GLN D 276 6.31 9.70 43.25
CA GLN D 276 6.63 8.40 42.68
C GLN D 276 6.22 8.31 41.22
N ILE D 277 5.04 8.84 40.90
CA ILE D 277 4.59 8.85 39.51
C ILE D 277 5.52 9.69 38.65
N ASP D 278 5.96 10.84 39.18
CA ASP D 278 6.87 11.69 38.42
C ASP D 278 8.20 11.00 38.20
N GLN D 279 8.69 10.26 39.19
CA GLN D 279 9.89 9.47 39.01
C GLN D 279 9.72 8.42 37.92
N LEU D 280 8.58 7.72 37.91
CA LEU D 280 8.32 6.75 36.86
C LEU D 280 8.29 7.42 35.49
N ILE D 281 7.70 8.61 35.40
CA ILE D 281 7.65 9.33 34.13
C ILE D 281 9.07 9.69 33.69
N THR D 282 9.90 10.15 34.62
CA THR D 282 11.28 10.48 34.29
C THR D 282 12.02 9.26 33.75
N GLU D 283 11.87 8.12 34.44
CA GLU D 283 12.52 6.89 33.97
C GLU D 283 12.02 6.52 32.58
N THR D 284 10.72 6.60 32.35
CA THR D 284 10.16 6.27 31.05
C THR D 284 10.71 7.20 29.98
N ASP D 285 10.86 8.49 30.29
CA ASP D 285 11.41 9.43 29.33
C ASP D 285 12.87 9.10 29.01
N GLU D 286 13.65 8.72 30.03
CA GLU D 286 15.03 8.32 29.79
C GLU D 286 15.09 7.10 28.87
N LEU D 287 14.25 6.11 29.14
CA LEU D 287 14.23 4.92 28.27
C LEU D 287 13.77 5.28 26.87
N LYS D 288 12.83 6.21 26.74
CA LYS D 288 12.41 6.67 25.42
C LYS D 288 13.55 7.35 24.68
N ALA D 289 14.35 8.14 25.39
CA ALA D 289 15.52 8.77 24.77
C ALA D 289 16.51 7.72 24.29
N LYS D 290 16.74 6.68 25.09
CA LYS D 290 17.59 5.59 24.66
C LYS D 290 17.03 4.91 23.41
N ILE D 291 15.70 4.74 23.37
CA ILE D 291 15.06 4.17 22.19
C ILE D 291 15.27 5.06 20.98
N ARG D 292 15.21 6.38 21.18
CA ARG D 292 15.47 7.31 20.09
C ARG D 292 16.88 7.13 19.56
N GLU D 293 17.86 7.04 20.46
CA GLU D 293 19.23 6.79 20.03
C GLU D 293 19.32 5.49 19.23
N VAL D 294 18.66 4.44 19.72
CA VAL D 294 18.71 3.14 19.05
C VAL D 294 18.08 3.21 17.66
N GLU D 295 16.93 3.88 17.56
CA GLU D 295 16.27 4.02 16.26
C GLU D 295 17.12 4.83 15.29
N LEU D 296 17.72 5.92 15.77
CA LEU D 296 18.66 6.69 14.97
C LEU D 296 19.75 5.80 14.38
N ARG D 297 20.42 5.04 15.24
CA ARG D 297 21.45 4.10 14.80
C ARG D 297 20.91 3.10 13.79
N LEU D 298 19.76 2.49 14.09
CA LEU D 298 19.16 1.51 13.18
C LEU D 298 18.92 2.12 11.80
N SER D 299 18.39 3.34 11.78
CA SER D 299 18.25 4.06 10.51
C SER D 299 19.58 4.11 9.78
N GLY D 300 20.65 4.50 10.48
CA GLY D 300 21.97 4.50 9.85
C GLY D 300 22.33 3.16 9.25
N LEU D 301 22.12 2.08 10.01
CA LEU D 301 22.44 0.74 9.52
C LEU D 301 21.63 0.41 8.26
N LYS D 302 20.33 0.73 8.28
CA LYS D 302 19.52 0.53 7.08
C LYS D 302 20.11 1.27 5.89
N ASP D 303 20.57 2.50 6.11
CA ASP D 303 21.21 3.26 5.04
C ASP D 303 22.43 2.51 4.50
N VAL D 304 23.24 1.93 5.39
CA VAL D 304 24.42 1.18 4.94
C VAL D 304 24.00 -0.03 4.09
N MET D 305 22.95 -0.72 4.52
CA MET D 305 22.42 -1.83 3.72
C MET D 305 22.00 -1.35 2.34
N GLN D 306 21.31 -0.22 2.28
CA GLN D 306 20.91 0.34 0.99
C GLN D 306 22.13 0.68 0.14
N ILE D 307 23.21 1.14 0.79
CA ILE D 307 24.46 1.39 0.09
C ILE D 307 24.96 0.11 -0.56
N ASP D 308 24.94 -1.00 0.18
CA ASP D 308 25.38 -2.26 -0.38
C ASP D 308 24.53 -2.64 -1.59
N THR D 309 23.21 -2.45 -1.50
CA THR D 309 22.35 -2.77 -2.63
C THR D 309 22.71 -1.93 -3.86
N GLU D 310 22.84 -0.62 -3.68
CA GLU D 310 23.22 0.25 -4.80
C GLU D 310 24.59 -0.12 -5.35
N ARG D 311 25.50 -0.57 -4.49
CA ARG D 311 26.80 -1.06 -4.94
C ARG D 311 26.63 -2.23 -5.89
N THR D 312 25.77 -3.19 -5.50
CA THR D 312 25.50 -4.34 -6.37
C THR D 312 24.99 -3.86 -7.74
N THR D 313 24.01 -2.95 -7.73
CA THR D 313 23.48 -2.42 -8.98
C THR D 313 24.59 -1.82 -9.84
N LEU D 314 25.38 -0.93 -9.24
CA LEU D 314 26.45 -0.26 -9.96
C LEU D 314 27.41 -1.25 -10.59
N LEU D 315 27.88 -2.23 -9.81
CA LEU D 315 28.84 -3.18 -10.35
C LEU D 315 28.23 -4.04 -11.46
N THR D 316 26.94 -4.37 -11.36
CA THR D 316 26.31 -5.11 -12.46
C THR D 316 26.39 -4.31 -13.76
N GLU D 317 25.94 -3.05 -13.72
CA GLU D 317 26.00 -2.23 -14.94
C GLU D 317 27.44 -2.09 -15.44
N ALA D 318 28.37 -1.82 -14.53
CA ALA D 318 29.76 -1.64 -14.92
C ALA D 318 30.29 -2.89 -15.61
N VAL D 319 29.95 -4.07 -15.07
CA VAL D 319 30.40 -5.31 -15.69
C VAL D 319 29.79 -5.47 -17.07
N LYS D 320 28.55 -5.04 -17.25
CA LYS D 320 27.96 -5.11 -18.59
C LYS D 320 28.80 -4.32 -19.59
N ILE D 321 29.13 -3.07 -19.24
CA ILE D 321 29.95 -2.26 -20.15
C ILE D 321 31.32 -2.90 -20.37
N GLU D 322 31.91 -3.41 -19.29
CA GLU D 322 33.22 -4.05 -19.38
C GLU D 322 33.19 -5.21 -20.35
N GLN D 323 32.17 -6.06 -20.23
CA GLN D 323 32.04 -7.22 -21.11
C GLN D 323 31.87 -6.78 -22.56
N VAL D 324 31.07 -5.75 -22.81
CA VAL D 324 30.93 -5.24 -24.18
C VAL D 324 32.30 -4.90 -24.74
N TRP D 325 33.05 -4.07 -24.01
CA TRP D 325 34.33 -3.60 -24.53
C TRP D 325 35.35 -4.72 -24.67
N ILE D 326 35.35 -5.69 -23.74
CA ILE D 326 36.28 -6.80 -23.82
C ILE D 326 35.95 -7.69 -25.00
N SER D 327 34.67 -7.95 -25.25
CA SER D 327 34.29 -8.72 -26.44
C SER D 327 34.73 -7.99 -27.69
N PHE D 328 34.59 -6.65 -27.71
CA PHE D 328 35.04 -5.88 -28.85
C PHE D 328 36.53 -6.08 -29.10
N ALA D 329 37.34 -5.97 -28.03
CA ALA D 329 38.77 -6.18 -28.17
C ALA D 329 39.09 -7.60 -28.65
N GLU D 330 38.37 -8.60 -28.13
CA GLU D 330 38.60 -9.98 -28.54
C GLU D 330 38.31 -10.18 -30.02
N GLN D 331 37.17 -9.67 -30.49
CA GLN D 331 36.83 -9.81 -31.90
C GLN D 331 37.90 -9.12 -32.75
N LEU D 332 38.39 -7.96 -32.30
CA LEU D 332 39.42 -7.27 -33.07
C LEU D 332 40.72 -8.08 -33.12
N HIS D 333 41.11 -8.69 -32.00
CA HIS D 333 42.28 -9.55 -32.01
C HIS D 333 42.09 -10.71 -32.98
N LYS D 334 40.91 -11.33 -32.96
CA LYS D 334 40.64 -12.47 -33.83
C LYS D 334 40.70 -12.08 -35.30
N LEU D 335 40.03 -10.99 -35.68
CA LEU D 335 39.93 -10.61 -37.08
C LEU D 335 41.17 -9.92 -37.64
N SER D 336 41.93 -9.19 -36.82
CA SER D 336 43.02 -8.37 -37.38
C SER D 336 44.10 -9.22 -38.03
N ASN D 337 44.61 -10.23 -37.33
CA ASN D 337 45.63 -11.09 -37.92
C ASN D 337 45.05 -11.93 -39.06
N ASP D 338 43.84 -12.46 -38.87
CA ASP D 338 43.23 -13.28 -39.91
C ASP D 338 42.74 -12.42 -41.07
N GLU D 339 42.15 -11.27 -40.77
CA GLU D 339 41.67 -10.32 -41.78
C GLU D 339 40.85 -11.02 -42.86
N ILE D 340 39.73 -11.60 -42.43
CA ILE D 340 38.85 -12.32 -43.36
C ILE D 340 38.23 -11.34 -44.36
N ASN D 341 37.56 -10.30 -43.87
CA ASN D 341 36.91 -9.34 -44.77
C ASN D 341 36.73 -7.98 -44.11
N GLN D 342 36.88 -6.94 -44.94
CA GLN D 342 36.81 -5.55 -44.48
C GLN D 342 35.39 -5.15 -44.09
N GLN D 343 34.38 -5.65 -44.79
CA GLN D 343 33.01 -5.16 -44.57
C GLN D 343 32.49 -5.62 -43.22
N ASP D 344 32.75 -6.86 -42.83
CA ASP D 344 32.26 -7.34 -41.55
C ASP D 344 32.85 -6.51 -40.41
N LEU D 345 34.16 -6.26 -40.46
CA LEU D 345 34.81 -5.43 -39.45
C LEU D 345 34.29 -3.99 -39.48
N SER D 346 34.11 -3.43 -40.67
CA SER D 346 33.64 -2.05 -40.81
C SER D 346 32.25 -1.86 -40.19
N ASN D 347 31.30 -2.74 -40.54
CA ASN D 347 29.99 -2.64 -39.93
C ASN D 347 30.08 -2.84 -38.42
N LEU D 348 30.95 -3.73 -37.97
CA LEU D 348 31.16 -3.91 -36.53
C LEU D 348 31.61 -2.60 -35.90
N ILE D 349 32.58 -1.93 -36.51
CA ILE D 349 33.09 -0.67 -35.97
C ILE D 349 31.98 0.37 -35.90
N ASN D 350 31.14 0.42 -36.93
CA ASN D 350 30.03 1.37 -36.92
C ASN D 350 29.08 1.07 -35.76
N GLY D 351 28.80 -0.21 -35.53
CA GLY D 351 27.98 -0.59 -34.39
C GLY D 351 28.57 -0.15 -33.06
N GLN D 352 29.87 -0.39 -32.89
CA GLN D 352 30.53 -0.01 -31.64
C GLN D 352 30.50 1.50 -31.42
N LEU D 353 30.71 2.27 -32.48
CA LEU D 353 30.63 3.72 -32.36
C LEU D 353 29.22 4.15 -31.96
N ASP D 354 28.20 3.57 -32.60
CA ASP D 354 26.82 3.87 -32.23
C ASP D 354 26.55 3.57 -30.76
N PHE D 355 27.07 2.43 -30.27
CA PHE D 355 26.88 2.07 -28.86
C PHE D 355 27.53 3.10 -27.94
N LEU D 356 28.78 3.46 -28.25
CA LEU D 356 29.49 4.44 -27.44
C LEU D 356 28.73 5.76 -27.39
N ASN D 357 28.26 6.21 -28.56
CA ASN D 357 27.49 7.44 -28.61
C ASN D 357 26.17 7.33 -27.87
N ASN D 358 25.54 6.14 -27.87
CA ASN D 358 24.34 5.94 -27.07
C ASN D 358 24.61 6.22 -25.60
N LEU D 359 25.68 5.62 -25.07
CA LEU D 359 26.02 5.85 -23.67
C LEU D 359 26.31 7.32 -23.41
N THR D 360 27.07 7.96 -24.31
CA THR D 360 27.35 9.40 -24.16
C THR D 360 26.06 10.20 -24.15
N LEU D 361 25.12 9.83 -25.01
CA LEU D 361 23.83 10.51 -25.07
C LEU D 361 23.09 10.37 -23.75
N GLN D 362 23.07 9.17 -23.17
CA GLN D 362 22.39 8.99 -21.89
C GLN D 362 23.03 9.85 -20.80
N TYR D 363 24.36 9.80 -20.71
CA TYR D 363 25.07 10.62 -19.73
C TYR D 363 24.72 12.08 -19.89
N ASN D 364 24.81 12.61 -21.11
CA ASN D 364 24.49 14.02 -21.31
C ASN D 364 23.01 14.29 -21.04
N LYS D 365 22.15 13.31 -21.28
CA LYS D 365 20.71 13.48 -21.11
C LYS D 365 20.35 13.77 -19.66
N LEU D 366 20.82 12.92 -18.75
CA LEU D 366 20.31 12.99 -17.37
C LEU D 366 20.62 14.34 -16.71
N LYS D 367 21.78 14.92 -16.99
CA LYS D 367 22.28 16.13 -16.30
C LYS D 367 21.49 16.50 -15.03
#